data_1SNL
#
_entry.id   1SNL
#
_entity_poly.entity_id   1
_entity_poly.type   'polypeptide(L)'
_entity_poly.pdbx_seq_one_letter_code
;GSHMLKEVWEELDGLDPNRFNPKTFFILHDINSDGVLDEQELEALFTKELEKVYDPKNEEDDMREMEEERLRMREHVMKN
VDTNQDRLVTLEEFLASTQRKEF
;
_entity_poly.pdbx_strand_id   A
#
# COMPACT_ATOMS: atom_id res chain seq x y z
N LEU A 5 27.48 27.75 -1.26
CA LEU A 5 26.47 26.74 -1.67
C LEU A 5 26.61 26.47 -3.18
N LYS A 6 27.43 25.53 -3.56
CA LYS A 6 27.60 25.23 -5.02
C LYS A 6 26.68 24.06 -5.39
N GLU A 7 25.51 24.35 -5.90
CA GLU A 7 24.58 23.26 -6.28
C GLU A 7 25.20 22.39 -7.37
N VAL A 8 25.48 22.97 -8.51
CA VAL A 8 26.09 22.18 -9.63
C VAL A 8 25.15 21.03 -10.01
N TRP A 9 25.16 20.65 -11.26
CA TRP A 9 24.27 19.53 -11.70
C TRP A 9 24.85 18.20 -11.20
N GLU A 10 24.25 17.63 -10.19
CA GLU A 10 24.76 16.33 -9.67
C GLU A 10 24.66 15.27 -10.76
N GLU A 11 25.29 14.14 -10.57
CA GLU A 11 25.22 13.06 -11.60
C GLU A 11 25.70 11.74 -10.99
N LEU A 12 24.80 10.97 -10.44
CA LEU A 12 25.20 9.67 -9.84
C LEU A 12 25.69 8.73 -10.95
N ASP A 13 26.51 7.77 -10.61
CA ASP A 13 27.03 6.81 -11.64
C ASP A 13 27.05 5.40 -11.02
N GLY A 14 26.93 4.37 -11.83
CA GLY A 14 26.96 2.99 -11.28
C GLY A 14 25.76 2.75 -10.35
N LEU A 15 25.05 3.81 -10.00
CA LEU A 15 23.88 3.68 -9.09
C LEU A 15 24.40 3.52 -7.66
N ASP A 16 24.37 4.58 -6.89
CA ASP A 16 24.88 4.50 -5.49
C ASP A 16 24.32 3.24 -4.81
N PRO A 17 25.05 2.66 -3.87
CA PRO A 17 24.58 1.46 -3.16
C PRO A 17 23.32 1.79 -2.33
N ASN A 18 22.71 2.92 -2.57
CA ASN A 18 21.50 3.29 -1.78
C ASN A 18 20.28 2.56 -2.35
N ARG A 19 20.27 1.27 -2.29
CA ARG A 19 19.12 0.49 -2.84
C ARG A 19 17.81 1.11 -2.34
N PHE A 20 16.70 0.69 -2.88
CA PHE A 20 15.39 1.25 -2.44
C PHE A 20 15.26 1.12 -0.92
N ASN A 21 14.12 1.45 -0.37
CA ASN A 21 13.93 1.35 1.10
C ASN A 21 12.43 1.21 1.43
N PRO A 22 11.83 0.10 1.03
CA PRO A 22 10.39 -0.12 1.28
C PRO A 22 10.13 -0.19 2.80
N LYS A 23 11.14 -0.42 3.58
CA LYS A 23 10.97 -0.51 5.05
C LYS A 23 10.32 0.75 5.62
N THR A 24 10.68 1.91 5.12
CA THR A 24 10.10 3.15 5.68
C THR A 24 8.62 3.28 5.28
N PHE A 25 8.28 2.92 4.07
CA PHE A 25 6.85 3.03 3.66
C PHE A 25 6.00 2.23 4.67
N PHE A 26 6.54 1.15 5.16
CA PHE A 26 5.79 0.33 6.14
C PHE A 26 5.65 1.09 7.46
N ILE A 27 6.64 1.87 7.84
CA ILE A 27 6.55 2.63 9.11
C ILE A 27 5.51 3.73 8.94
N LEU A 28 5.72 4.63 8.02
CA LEU A 28 4.74 5.74 7.82
C LEU A 28 3.30 5.20 7.80
N HIS A 29 3.05 4.04 7.21
CA HIS A 29 1.65 3.52 7.20
C HIS A 29 1.31 2.88 8.56
N ASP A 30 2.29 2.67 9.39
CA ASP A 30 2.00 2.07 10.73
C ASP A 30 1.51 3.18 11.68
N ILE A 31 0.22 3.36 11.76
CA ILE A 31 -0.33 4.43 12.64
C ILE A 31 -0.27 4.01 14.11
N ASN A 32 -0.78 2.85 14.44
CA ASN A 32 -0.74 2.41 15.87
C ASN A 32 0.57 1.68 16.18
N SER A 33 1.53 1.78 15.29
CA SER A 33 2.84 1.11 15.53
C SER A 33 2.64 -0.30 16.10
N ASP A 34 1.90 -1.12 15.40
CA ASP A 34 1.66 -2.52 15.89
C ASP A 34 2.64 -3.45 15.16
N GLY A 35 3.36 -2.92 14.21
CA GLY A 35 4.32 -3.75 13.44
C GLY A 35 3.58 -4.57 12.39
N VAL A 36 2.26 -4.49 12.36
CA VAL A 36 1.48 -5.25 11.33
C VAL A 36 0.31 -4.36 10.86
N LEU A 37 -0.30 -4.68 9.74
CA LEU A 37 -1.48 -3.87 9.24
C LEU A 37 -2.69 -4.79 9.13
N ASP A 38 -3.77 -4.48 9.83
CA ASP A 38 -4.98 -5.36 9.77
C ASP A 38 -6.07 -4.70 8.89
N GLU A 39 -7.18 -5.37 8.75
CA GLU A 39 -8.29 -4.84 7.89
C GLU A 39 -8.72 -3.44 8.36
N GLN A 40 -8.32 -3.01 9.53
CA GLN A 40 -8.74 -1.64 9.97
C GLN A 40 -7.78 -0.59 9.36
N GLU A 41 -6.56 -0.95 9.09
CA GLU A 41 -5.61 0.04 8.49
C GLU A 41 -5.85 0.13 6.98
N LEU A 42 -6.15 -0.96 6.33
CA LEU A 42 -6.42 -0.91 4.88
C LEU A 42 -7.80 -0.26 4.66
N GLU A 43 -8.71 -0.47 5.56
CA GLU A 43 -10.05 0.17 5.39
C GLU A 43 -9.88 1.69 5.34
N ALA A 44 -9.13 2.24 6.25
CA ALA A 44 -8.93 3.72 6.25
C ALA A 44 -8.00 4.15 5.11
N LEU A 45 -7.09 3.30 4.70
CA LEU A 45 -6.16 3.70 3.60
C LEU A 45 -6.90 3.74 2.26
N PHE A 46 -7.98 3.01 2.10
CA PHE A 46 -8.71 3.04 0.80
C PHE A 46 -9.63 4.28 0.76
N THR A 47 -10.44 4.44 1.77
CA THR A 47 -11.35 5.61 1.80
C THR A 47 -10.56 6.92 1.75
N LYS A 48 -9.39 6.94 2.34
CA LYS A 48 -8.58 8.18 2.34
C LYS A 48 -7.97 8.44 0.96
N GLU A 49 -7.58 7.42 0.26
CA GLU A 49 -6.98 7.65 -1.09
C GLU A 49 -8.00 8.44 -1.91
N LEU A 50 -9.26 8.18 -1.72
CA LEU A 50 -10.29 8.94 -2.49
C LEU A 50 -10.28 10.40 -2.03
N GLU A 51 -9.82 10.65 -0.84
CA GLU A 51 -9.77 12.06 -0.34
C GLU A 51 -8.70 12.84 -1.09
N LYS A 52 -7.66 12.16 -1.52
CA LYS A 52 -6.55 12.86 -2.25
C LYS A 52 -6.82 12.83 -3.76
N VAL A 53 -8.01 12.50 -4.17
CA VAL A 53 -8.32 12.47 -5.64
C VAL A 53 -9.79 12.85 -5.87
N TYR A 54 -10.70 12.12 -5.28
CA TYR A 54 -12.13 12.46 -5.46
C TYR A 54 -12.45 13.74 -4.67
N ASP A 55 -13.66 13.92 -4.21
CA ASP A 55 -14.00 15.14 -3.42
C ASP A 55 -15.43 15.01 -2.88
N PRO A 56 -15.60 14.15 -1.88
CA PRO A 56 -16.93 13.91 -1.30
C PRO A 56 -17.44 15.18 -0.58
N LYS A 57 -18.65 15.14 -0.11
CA LYS A 57 -19.22 16.32 0.61
C LYS A 57 -20.49 15.88 1.35
N ASN A 58 -21.62 15.98 0.70
CA ASN A 58 -22.90 15.56 1.34
C ASN A 58 -23.84 15.03 0.25
N GLU A 59 -23.27 14.39 -0.75
CA GLU A 59 -24.10 13.84 -1.87
C GLU A 59 -23.98 12.31 -1.87
N GLU A 60 -24.89 11.63 -2.51
CA GLU A 60 -24.84 10.12 -2.56
C GLU A 60 -25.06 9.66 -4.00
N ASP A 61 -24.01 9.58 -4.78
CA ASP A 61 -24.18 9.13 -6.18
C ASP A 61 -22.81 8.90 -6.83
N ASP A 62 -22.06 9.94 -7.04
CA ASP A 62 -20.71 9.79 -7.66
C ASP A 62 -19.86 8.82 -6.85
N MET A 63 -20.19 8.62 -5.61
CA MET A 63 -19.39 7.67 -4.75
C MET A 63 -20.08 6.31 -4.73
N ARG A 64 -20.52 5.84 -5.87
CA ARG A 64 -21.20 4.51 -5.94
C ARG A 64 -20.81 3.81 -7.23
N GLU A 65 -21.02 4.44 -8.35
CA GLU A 65 -20.66 3.80 -9.64
C GLU A 65 -19.16 3.48 -9.66
N MET A 66 -18.34 4.37 -9.16
CA MET A 66 -16.87 4.13 -9.16
C MET A 66 -16.52 3.04 -8.14
N GLU A 67 -17.43 2.70 -7.25
CA GLU A 67 -17.16 1.66 -6.22
C GLU A 67 -16.32 0.52 -6.81
N GLU A 68 -16.37 0.33 -8.10
CA GLU A 68 -15.57 -0.75 -8.74
C GLU A 68 -14.09 -0.53 -8.42
N GLU A 69 -13.70 0.69 -8.14
CA GLU A 69 -12.26 0.97 -7.83
C GLU A 69 -11.93 0.49 -6.42
N ARG A 70 -12.75 0.78 -5.46
CA ARG A 70 -12.47 0.34 -4.06
C ARG A 70 -12.23 -1.18 -4.07
N LEU A 71 -13.10 -1.93 -4.70
CA LEU A 71 -12.92 -3.41 -4.73
C LEU A 71 -11.67 -3.76 -5.53
N ARG A 72 -11.30 -2.95 -6.47
CA ARG A 72 -10.09 -3.25 -7.29
C ARG A 72 -8.84 -3.26 -6.40
N MET A 73 -8.78 -2.38 -5.44
CA MET A 73 -7.60 -2.33 -4.52
C MET A 73 -7.80 -3.34 -3.39
N ARG A 74 -8.91 -3.33 -2.74
CA ARG A 74 -9.12 -4.29 -1.62
C ARG A 74 -8.84 -5.72 -2.09
N GLU A 75 -9.10 -6.02 -3.33
CA GLU A 75 -8.86 -7.41 -3.83
C GLU A 75 -7.39 -7.61 -4.25
N HIS A 76 -6.87 -6.75 -5.08
CA HIS A 76 -5.45 -6.91 -5.52
C HIS A 76 -4.52 -6.97 -4.30
N VAL A 77 -4.73 -6.15 -3.31
CA VAL A 77 -3.84 -6.21 -2.12
C VAL A 77 -4.11 -7.50 -1.35
N MET A 78 -5.35 -7.78 -1.04
CA MET A 78 -5.66 -9.02 -0.29
C MET A 78 -5.28 -10.25 -1.10
N LYS A 79 -5.13 -10.13 -2.41
CA LYS A 79 -4.78 -11.32 -3.23
C LYS A 79 -3.28 -11.35 -3.54
N ASN A 80 -2.67 -10.22 -3.80
CA ASN A 80 -1.21 -10.21 -4.15
C ASN A 80 -0.32 -9.98 -2.91
N VAL A 81 -0.86 -9.60 -1.77
CA VAL A 81 0.03 -9.39 -0.56
C VAL A 81 -0.33 -10.41 0.53
N ASP A 82 -1.56 -10.81 0.66
CA ASP A 82 -1.90 -11.82 1.70
C ASP A 82 -0.95 -13.01 1.56
N THR A 83 -0.05 -13.19 2.49
CA THR A 83 0.92 -14.31 2.38
C THR A 83 0.34 -15.57 3.02
N ASN A 84 0.06 -15.55 4.29
CA ASN A 84 -0.52 -16.76 4.97
C ASN A 84 -2.02 -16.58 5.18
N GLN A 85 -2.61 -15.67 4.47
CA GLN A 85 -4.08 -15.44 4.57
C GLN A 85 -4.54 -15.49 6.03
N ASP A 86 -4.26 -14.44 6.75
CA ASP A 86 -4.71 -14.36 8.19
C ASP A 86 -5.38 -13.01 8.40
N ARG A 87 -5.74 -12.36 7.32
CA ARG A 87 -6.38 -11.03 7.39
C ARG A 87 -5.41 -10.05 8.06
N LEU A 88 -4.29 -10.54 8.51
CA LEU A 88 -3.26 -9.69 9.17
C LEU A 88 -1.95 -9.88 8.40
N VAL A 89 -1.27 -8.81 8.11
CA VAL A 89 0.02 -8.89 7.35
C VAL A 89 1.18 -8.52 8.26
N THR A 90 2.18 -9.36 8.37
CA THR A 90 3.34 -9.02 9.24
C THR A 90 4.46 -8.44 8.37
N LEU A 91 5.42 -7.79 8.96
CA LEU A 91 6.53 -7.20 8.16
C LEU A 91 7.34 -8.35 7.56
N GLU A 92 7.49 -9.41 8.29
CA GLU A 92 8.29 -10.56 7.80
C GLU A 92 7.70 -11.12 6.50
N GLU A 93 6.55 -11.73 6.58
CA GLU A 93 5.94 -12.33 5.37
C GLU A 93 5.70 -11.25 4.29
N PHE A 94 5.45 -10.03 4.69
CA PHE A 94 5.21 -8.96 3.69
C PHE A 94 6.48 -8.72 2.86
N LEU A 95 7.60 -8.54 3.50
CA LEU A 95 8.86 -8.33 2.74
C LEU A 95 9.01 -9.41 1.69
N ALA A 96 8.72 -10.65 2.04
CA ALA A 96 8.83 -11.75 1.06
C ALA A 96 8.06 -11.40 -0.22
N SER A 97 6.78 -11.19 -0.12
CA SER A 97 5.97 -10.87 -1.33
C SER A 97 6.69 -9.81 -2.17
N THR A 98 7.52 -9.01 -1.55
CA THR A 98 8.26 -7.95 -2.31
C THR A 98 9.70 -8.43 -2.57
N GLN A 99 10.46 -8.63 -1.52
CA GLN A 99 11.88 -9.08 -1.69
C GLN A 99 11.96 -10.17 -2.77
N ARG A 100 11.16 -11.20 -2.69
CA ARG A 100 11.22 -12.28 -3.72
C ARG A 100 10.95 -11.68 -5.10
N LYS A 101 11.95 -11.16 -5.74
CA LYS A 101 11.75 -10.56 -7.08
C LYS A 101 10.97 -11.54 -7.97
N GLU A 102 11.42 -12.76 -8.07
CA GLU A 102 10.71 -13.76 -8.91
C GLU A 102 9.28 -13.94 -8.40
N PHE A 103 8.37 -13.13 -8.84
CA PHE A 103 6.96 -13.26 -8.37
C PHE A 103 6.06 -12.33 -9.19
N LEU A 5 18.27 21.24 -21.94
CA LEU A 5 19.16 20.05 -21.92
C LEU A 5 20.50 20.44 -21.28
N LYS A 6 20.98 21.61 -21.57
CA LYS A 6 22.28 22.06 -20.97
C LYS A 6 22.04 22.55 -19.54
N GLU A 7 23.08 22.82 -18.81
CA GLU A 7 22.90 23.32 -17.42
C GLU A 7 22.00 22.35 -16.65
N VAL A 8 22.57 21.47 -15.88
CA VAL A 8 21.75 20.50 -15.10
C VAL A 8 21.07 21.22 -13.94
N TRP A 9 19.84 20.88 -13.65
CA TRP A 9 19.13 21.55 -12.53
C TRP A 9 19.84 21.25 -11.21
N GLU A 10 20.30 20.04 -11.04
CA GLU A 10 21.01 19.66 -9.78
C GLU A 10 22.21 18.77 -10.11
N GLU A 11 21.97 17.52 -10.42
CA GLU A 11 23.10 16.62 -10.75
C GLU A 11 22.57 15.32 -11.38
N LEU A 12 21.45 14.83 -10.87
CA LEU A 12 20.84 13.58 -11.45
C LEU A 12 19.45 13.92 -12.01
N ASP A 13 19.31 13.87 -13.31
CA ASP A 13 17.99 14.18 -13.92
C ASP A 13 17.03 13.00 -13.72
N GLY A 14 17.18 12.29 -12.64
CA GLY A 14 16.27 11.13 -12.40
C GLY A 14 16.54 10.05 -13.44
N LEU A 15 17.75 9.54 -13.48
CA LEU A 15 18.07 8.48 -14.48
C LEU A 15 17.20 7.24 -14.23
N ASP A 16 17.26 6.70 -13.04
CA ASP A 16 16.43 5.49 -12.72
C ASP A 16 16.11 5.47 -11.22
N PRO A 17 15.29 6.41 -10.77
CA PRO A 17 14.92 6.50 -9.35
C PRO A 17 14.19 5.22 -8.93
N ASN A 18 14.02 4.29 -9.83
CA ASN A 18 13.31 3.03 -9.49
C ASN A 18 14.12 2.25 -8.44
N ARG A 19 14.29 2.79 -7.27
CA ARG A 19 15.06 2.09 -6.22
C ARG A 19 14.93 2.86 -4.90
N PHE A 20 14.43 2.23 -3.87
CA PHE A 20 14.29 2.95 -2.58
C PHE A 20 14.22 1.94 -1.42
N ASN A 21 13.79 2.37 -0.27
CA ASN A 21 13.69 1.47 0.91
C ASN A 21 12.19 1.33 1.32
N PRO A 22 11.50 0.35 0.79
CA PRO A 22 10.07 0.17 1.11
C PRO A 22 9.87 0.01 2.63
N LYS A 23 10.93 -0.24 3.34
CA LYS A 23 10.84 -0.41 4.83
C LYS A 23 10.19 0.83 5.46
N THR A 24 10.43 1.99 4.90
CA THR A 24 9.85 3.22 5.50
C THR A 24 8.34 3.31 5.20
N PHE A 25 7.94 2.98 4.00
CA PHE A 25 6.49 3.05 3.66
C PHE A 25 5.73 2.18 4.67
N PHE A 26 6.33 1.10 5.09
CA PHE A 26 5.64 0.21 6.07
C PHE A 26 5.55 0.92 7.44
N ILE A 27 6.55 1.68 7.81
CA ILE A 27 6.49 2.37 9.11
C ILE A 27 5.45 3.49 9.04
N LEU A 28 5.64 4.43 8.15
CA LEU A 28 4.66 5.55 8.03
C LEU A 28 3.21 5.01 8.04
N HIS A 29 2.96 3.86 7.45
CA HIS A 29 1.57 3.32 7.45
C HIS A 29 1.26 2.70 8.82
N ASP A 30 2.27 2.45 9.61
CA ASP A 30 2.03 1.86 10.96
C ASP A 30 1.56 2.97 11.91
N ILE A 31 0.29 3.23 11.96
CA ILE A 31 -0.24 4.30 12.83
C ILE A 31 -0.15 3.90 14.31
N ASN A 32 -0.67 2.76 14.66
CA ASN A 32 -0.61 2.33 16.10
C ASN A 32 0.71 1.62 16.38
N SER A 33 1.64 1.68 15.46
CA SER A 33 2.97 1.02 15.68
C SER A 33 2.76 -0.39 16.26
N ASP A 34 2.01 -1.22 15.58
CA ASP A 34 1.78 -2.61 16.09
C ASP A 34 2.74 -3.55 15.37
N GLY A 35 3.46 -3.04 14.42
CA GLY A 35 4.44 -3.87 13.65
C GLY A 35 3.69 -4.69 12.58
N VAL A 36 2.38 -4.56 12.52
CA VAL A 36 1.61 -5.30 11.47
C VAL A 36 0.44 -4.41 11.00
N LEU A 37 -0.16 -4.72 9.87
CA LEU A 37 -1.34 -3.90 9.38
C LEU A 37 -2.59 -4.77 9.43
N ASP A 38 -3.62 -4.31 10.09
CA ASP A 38 -4.89 -5.11 10.19
C ASP A 38 -5.95 -4.53 9.25
N GLU A 39 -7.07 -5.19 9.12
CA GLU A 39 -8.15 -4.70 8.22
C GLU A 39 -8.54 -3.27 8.60
N GLN A 40 -8.05 -2.76 9.68
CA GLN A 40 -8.39 -1.36 10.08
C GLN A 40 -7.47 -0.41 9.34
N GLU A 41 -6.20 -0.73 9.27
CA GLU A 41 -5.25 0.16 8.56
C GLU A 41 -5.52 0.06 7.05
N LEU A 42 -6.02 -1.07 6.60
CA LEU A 42 -6.31 -1.23 5.14
C LEU A 42 -7.70 -0.63 4.84
N GLU A 43 -8.66 -0.81 5.72
CA GLU A 43 -10.00 -0.23 5.46
C GLU A 43 -9.88 1.30 5.45
N ALA A 44 -9.25 1.85 6.45
CA ALA A 44 -9.10 3.33 6.51
C ALA A 44 -8.17 3.83 5.40
N LEU A 45 -7.24 3.01 4.97
CA LEU A 45 -6.29 3.45 3.90
C LEU A 45 -6.98 3.46 2.52
N PHE A 46 -7.95 2.61 2.29
CA PHE A 46 -8.62 2.64 0.94
C PHE A 46 -9.51 3.88 0.86
N THR A 47 -10.32 4.09 1.87
CA THR A 47 -11.23 5.26 1.86
C THR A 47 -10.41 6.56 1.74
N LYS A 48 -9.25 6.60 2.35
CA LYS A 48 -8.43 7.84 2.30
C LYS A 48 -7.77 8.03 0.93
N GLU A 49 -7.18 7.02 0.37
CA GLU A 49 -6.51 7.21 -0.96
C GLU A 49 -7.53 7.85 -1.92
N LEU A 50 -8.79 7.61 -1.71
CA LEU A 50 -9.82 8.20 -2.61
C LEU A 50 -10.13 9.63 -2.15
N GLU A 51 -9.97 9.92 -0.90
CA GLU A 51 -10.27 11.30 -0.40
C GLU A 51 -9.50 12.33 -1.24
N LYS A 52 -8.30 12.02 -1.63
CA LYS A 52 -7.49 12.99 -2.44
C LYS A 52 -7.83 12.85 -3.92
N VAL A 53 -8.99 12.32 -4.23
CA VAL A 53 -9.40 12.17 -5.67
C VAL A 53 -10.82 12.67 -5.86
N TYR A 54 -11.77 12.10 -5.14
CA TYR A 54 -13.20 12.54 -5.27
C TYR A 54 -13.55 13.44 -4.08
N ASP A 55 -14.82 13.59 -3.80
CA ASP A 55 -15.24 14.46 -2.65
C ASP A 55 -16.45 13.81 -1.94
N PRO A 56 -16.20 12.72 -1.25
CA PRO A 56 -17.28 12.00 -0.53
C PRO A 56 -17.89 12.92 0.53
N LYS A 57 -18.94 12.45 1.18
CA LYS A 57 -19.61 13.27 2.24
C LYS A 57 -19.37 12.62 3.60
N ASN A 58 -18.17 12.17 3.84
CA ASN A 58 -17.87 11.52 5.16
C ASN A 58 -18.83 10.34 5.37
N GLU A 59 -19.44 9.86 4.32
CA GLU A 59 -20.39 8.72 4.45
C GLU A 59 -20.33 7.86 3.19
N GLU A 60 -20.19 6.56 3.35
CA GLU A 60 -20.13 5.67 2.16
C GLU A 60 -21.50 5.65 1.47
N ASP A 61 -22.53 6.04 2.15
CA ASP A 61 -23.89 6.04 1.53
C ASP A 61 -23.95 7.09 0.42
N ASP A 62 -22.94 7.18 -0.39
CA ASP A 62 -22.95 8.20 -1.49
C ASP A 62 -21.76 7.95 -2.42
N MET A 63 -20.82 7.12 -2.03
CA MET A 63 -19.65 6.86 -2.92
C MET A 63 -19.99 5.76 -3.92
N ARG A 64 -21.13 5.14 -3.77
CA ARG A 64 -21.50 4.05 -4.72
C ARG A 64 -21.57 4.63 -6.13
N GLU A 65 -20.58 4.35 -6.92
CA GLU A 65 -20.55 4.85 -8.32
C GLU A 65 -19.34 4.23 -9.01
N MET A 66 -18.16 4.65 -8.66
CA MET A 66 -16.93 4.06 -9.26
C MET A 66 -16.46 2.92 -8.35
N GLU A 67 -17.34 2.46 -7.49
CA GLU A 67 -17.01 1.36 -6.54
C GLU A 67 -16.17 0.29 -7.26
N GLU A 68 -16.23 0.27 -8.56
CA GLU A 68 -15.43 -0.73 -9.33
C GLU A 68 -13.96 -0.62 -8.94
N GLU A 69 -13.48 0.58 -8.73
CA GLU A 69 -12.05 0.76 -8.34
C GLU A 69 -11.85 0.31 -6.90
N ARG A 70 -12.84 0.52 -6.08
CA ARG A 70 -12.73 0.10 -4.65
C ARG A 70 -12.29 -1.36 -4.56
N LEU A 71 -12.93 -2.22 -5.30
CA LEU A 71 -12.55 -3.68 -5.26
C LEU A 71 -11.21 -3.88 -6.00
N ARG A 72 -10.90 -3.04 -6.95
CA ARG A 72 -9.62 -3.22 -7.70
C ARG A 72 -8.44 -3.13 -6.71
N MET A 73 -8.51 -2.24 -5.75
CA MET A 73 -7.39 -2.13 -4.77
C MET A 73 -7.62 -3.13 -3.62
N ARG A 74 -8.79 -3.13 -3.06
CA ARG A 74 -9.07 -4.07 -1.93
C ARG A 74 -8.75 -5.52 -2.35
N GLU A 75 -9.22 -5.94 -3.49
CA GLU A 75 -8.99 -7.34 -3.93
C GLU A 75 -7.53 -7.55 -4.37
N HIS A 76 -7.04 -6.74 -5.28
CA HIS A 76 -5.63 -6.92 -5.75
C HIS A 76 -4.67 -6.93 -4.56
N VAL A 77 -4.86 -6.07 -3.60
CA VAL A 77 -3.93 -6.08 -2.43
C VAL A 77 -4.20 -7.30 -1.56
N MET A 78 -5.43 -7.50 -1.14
CA MET A 78 -5.73 -8.67 -0.29
C MET A 78 -5.49 -9.97 -1.06
N LYS A 79 -5.39 -9.91 -2.37
CA LYS A 79 -5.17 -11.16 -3.15
C LYS A 79 -3.67 -11.33 -3.46
N ASN A 80 -2.96 -10.26 -3.72
CA ASN A 80 -1.51 -10.37 -4.06
C ASN A 80 -0.61 -10.10 -2.85
N VAL A 81 -1.14 -9.60 -1.73
CA VAL A 81 -0.25 -9.34 -0.54
C VAL A 81 -0.64 -10.26 0.62
N ASP A 82 -1.91 -10.59 0.77
CA ASP A 82 -2.30 -11.50 1.89
C ASP A 82 -1.38 -12.72 1.87
N THR A 83 -0.54 -12.85 2.86
CA THR A 83 0.43 -13.97 2.90
C THR A 83 -0.18 -15.19 3.61
N ASN A 84 -0.39 -15.11 4.89
CA ASN A 84 -1.01 -16.27 5.63
C ASN A 84 -2.50 -16.03 5.77
N GLN A 85 -3.02 -15.25 4.85
CA GLN A 85 -4.48 -14.95 4.82
C GLN A 85 -5.06 -14.85 6.23
N ASP A 86 -4.26 -14.46 7.18
CA ASP A 86 -4.76 -14.30 8.57
C ASP A 86 -5.43 -12.93 8.64
N ARG A 87 -5.67 -12.36 7.49
CA ARG A 87 -6.27 -11.00 7.43
C ARG A 87 -5.31 -10.03 8.11
N LEU A 88 -4.17 -10.53 8.52
CA LEU A 88 -3.14 -9.69 9.18
C LEU A 88 -1.83 -9.85 8.40
N VAL A 89 -1.17 -8.77 8.12
CA VAL A 89 0.11 -8.84 7.33
C VAL A 89 1.28 -8.46 8.24
N THR A 90 2.33 -9.24 8.27
CA THR A 90 3.51 -8.89 9.12
C THR A 90 4.62 -8.35 8.23
N LEU A 91 5.61 -7.72 8.80
CA LEU A 91 6.73 -7.18 7.99
C LEU A 91 7.50 -8.35 7.37
N GLU A 92 7.62 -9.42 8.08
CA GLU A 92 8.38 -10.58 7.57
C GLU A 92 7.80 -11.09 6.25
N GLU A 93 6.62 -11.66 6.30
CA GLU A 93 6.01 -12.20 5.05
C GLU A 93 5.75 -11.07 4.02
N PHE A 94 5.48 -9.87 4.48
CA PHE A 94 5.21 -8.76 3.52
C PHE A 94 6.46 -8.54 2.64
N LEU A 95 7.60 -8.40 3.25
CA LEU A 95 8.85 -8.20 2.45
C LEU A 95 8.92 -9.30 1.38
N ALA A 96 8.72 -10.53 1.77
CA ALA A 96 8.78 -11.66 0.79
C ALA A 96 8.03 -11.30 -0.49
N SER A 97 6.83 -10.82 -0.36
CA SER A 97 6.03 -10.47 -1.58
C SER A 97 6.75 -9.39 -2.39
N THR A 98 7.51 -8.53 -1.77
CA THR A 98 8.22 -7.45 -2.52
C THR A 98 9.67 -7.86 -2.78
N GLN A 99 10.10 -8.99 -2.28
CA GLN A 99 11.51 -9.44 -2.50
C GLN A 99 11.95 -9.18 -3.94
N ARG A 100 11.14 -9.56 -4.92
CA ARG A 100 11.53 -9.33 -6.34
C ARG A 100 10.30 -8.92 -7.15
N LYS A 101 9.13 -9.35 -6.76
CA LYS A 101 7.91 -8.99 -7.51
C LYS A 101 7.84 -7.48 -7.71
N GLU A 102 8.45 -6.96 -8.73
CA GLU A 102 8.40 -5.50 -8.97
C GLU A 102 8.91 -5.18 -10.37
N PHE A 103 8.16 -4.42 -11.13
CA PHE A 103 8.59 -4.09 -12.52
C PHE A 103 7.69 -2.99 -13.08
N LEU A 5 16.86 26.35 -24.97
CA LEU A 5 15.39 26.36 -24.71
C LEU A 5 15.13 25.94 -23.27
N LYS A 6 14.04 26.37 -22.69
CA LYS A 6 13.73 25.98 -21.29
C LYS A 6 13.57 24.46 -21.21
N GLU A 7 14.52 23.78 -20.62
CA GLU A 7 14.43 22.30 -20.51
C GLU A 7 15.52 21.79 -19.57
N VAL A 8 15.39 20.59 -19.09
CA VAL A 8 16.42 20.02 -18.16
C VAL A 8 16.49 18.50 -18.34
N TRP A 9 17.67 17.96 -18.42
CA TRP A 9 17.81 16.48 -18.59
C TRP A 9 17.65 15.80 -17.22
N GLU A 10 17.19 16.52 -16.23
CA GLU A 10 17.01 15.91 -14.88
C GLU A 10 18.29 15.16 -14.49
N GLU A 11 18.30 13.86 -14.59
CA GLU A 11 19.52 13.09 -14.22
C GLU A 11 19.41 11.66 -14.77
N LEU A 12 18.21 11.13 -14.86
CA LEU A 12 18.06 9.75 -15.38
C LEU A 12 16.59 9.50 -15.74
N ASP A 13 16.34 8.87 -16.85
CA ASP A 13 14.93 8.59 -17.28
C ASP A 13 14.57 7.14 -16.93
N GLY A 14 15.22 6.58 -15.96
CA GLY A 14 14.91 5.16 -15.57
C GLY A 14 13.71 5.16 -14.63
N LEU A 15 13.06 6.28 -14.46
CA LEU A 15 11.89 6.37 -13.55
C LEU A 15 12.28 5.91 -12.13
N ASP A 16 13.51 6.13 -11.74
CA ASP A 16 13.94 5.71 -10.36
C ASP A 16 13.40 4.31 -10.02
N PRO A 17 14.03 3.28 -10.56
CA PRO A 17 13.62 1.90 -10.29
C PRO A 17 13.96 1.54 -8.84
N ASN A 18 14.36 2.52 -8.07
CA ASN A 18 14.72 2.29 -6.64
C ASN A 18 13.53 2.66 -5.76
N ARG A 19 12.71 1.69 -5.46
CA ARG A 19 11.52 1.94 -4.60
C ARG A 19 11.91 2.83 -3.41
N PHE A 20 13.19 2.92 -3.13
CA PHE A 20 13.68 3.77 -2.00
C PHE A 20 13.45 3.06 -0.66
N ASN A 21 14.04 1.92 -0.47
CA ASN A 21 13.88 1.19 0.82
C ASN A 21 12.38 1.15 1.21
N PRO A 22 11.63 0.20 0.69
CA PRO A 22 10.20 0.09 1.01
C PRO A 22 10.00 -0.10 2.53
N LYS A 23 11.07 -0.37 3.24
CA LYS A 23 10.96 -0.56 4.72
C LYS A 23 10.34 0.67 5.39
N THR A 24 10.72 1.85 4.97
CA THR A 24 10.17 3.07 5.60
C THR A 24 8.66 3.18 5.32
N PHE A 25 8.24 2.86 4.12
CA PHE A 25 6.79 2.95 3.81
C PHE A 25 6.02 2.12 4.84
N PHE A 26 6.59 1.03 5.27
CA PHE A 26 5.90 0.16 6.26
C PHE A 26 5.83 0.87 7.62
N ILE A 27 6.83 1.63 7.97
CA ILE A 27 6.79 2.35 9.27
C ILE A 27 5.79 3.49 9.17
N LEU A 28 6.02 4.43 8.29
CA LEU A 28 5.06 5.56 8.15
C LEU A 28 3.60 5.06 8.10
N HIS A 29 3.34 3.91 7.50
CA HIS A 29 1.94 3.41 7.45
C HIS A 29 1.57 2.77 8.78
N ASP A 30 2.53 2.49 9.61
CA ASP A 30 2.22 1.88 10.94
C ASP A 30 1.74 2.99 11.89
N ILE A 31 0.45 3.20 11.96
CA ILE A 31 -0.09 4.26 12.84
C ILE A 31 -0.04 3.84 14.32
N ASN A 32 -0.57 2.68 14.64
CA ASN A 32 -0.55 2.23 16.07
C ASN A 32 0.75 1.50 16.37
N SER A 33 1.72 1.57 15.49
CA SER A 33 3.02 0.89 15.74
C SER A 33 2.79 -0.52 16.28
N ASP A 34 2.05 -1.34 15.57
CA ASP A 34 1.81 -2.73 16.04
C ASP A 34 2.77 -3.67 15.31
N GLY A 35 3.55 -3.14 14.42
CA GLY A 35 4.52 -3.97 13.65
C GLY A 35 3.78 -4.78 12.58
N VAL A 36 2.48 -4.62 12.49
CA VAL A 36 1.70 -5.35 11.45
C VAL A 36 0.58 -4.44 10.93
N LEU A 37 -0.02 -4.76 9.81
CA LEU A 37 -1.16 -3.92 9.27
C LEU A 37 -2.44 -4.76 9.29
N ASP A 38 -3.50 -4.24 9.87
CA ASP A 38 -4.79 -5.01 9.95
C ASP A 38 -5.82 -4.41 8.98
N GLU A 39 -6.86 -5.14 8.69
CA GLU A 39 -7.91 -4.65 7.74
C GLU A 39 -8.40 -3.26 8.18
N GLN A 40 -8.05 -2.81 9.35
CA GLN A 40 -8.49 -1.47 9.80
C GLN A 40 -7.57 -0.40 9.21
N GLU A 41 -6.30 -0.69 9.11
CA GLU A 41 -5.36 0.33 8.54
C GLU A 41 -5.59 0.44 7.04
N LEU A 42 -5.94 -0.65 6.39
CA LEU A 42 -6.19 -0.60 4.92
C LEU A 42 -7.62 -0.10 4.67
N GLU A 43 -8.56 -0.47 5.50
CA GLU A 43 -9.95 0.01 5.29
C GLU A 43 -9.97 1.54 5.37
N ALA A 44 -9.25 2.10 6.31
CA ALA A 44 -9.23 3.58 6.45
C ALA A 44 -8.40 4.22 5.32
N LEU A 45 -7.42 3.51 4.82
CA LEU A 45 -6.56 4.09 3.74
C LEU A 45 -7.31 4.03 2.39
N PHE A 46 -8.25 3.13 2.24
CA PHE A 46 -8.98 3.05 0.94
C PHE A 46 -10.04 4.15 0.91
N THR A 47 -10.83 4.26 1.94
CA THR A 47 -11.90 5.30 1.97
C THR A 47 -11.27 6.70 1.95
N LYS A 48 -10.19 6.89 2.67
CA LYS A 48 -9.55 8.24 2.73
C LYS A 48 -8.82 8.56 1.42
N GLU A 49 -8.02 7.65 0.92
CA GLU A 49 -7.26 7.94 -0.33
C GLU A 49 -8.23 8.37 -1.43
N LEU A 50 -9.46 7.93 -1.38
CA LEU A 50 -10.42 8.33 -2.45
C LEU A 50 -10.93 9.75 -2.23
N GLU A 51 -10.90 10.25 -1.03
CA GLU A 51 -11.41 11.63 -0.80
C GLU A 51 -10.46 12.64 -1.48
N LYS A 52 -9.42 12.17 -2.13
CA LYS A 52 -8.46 13.10 -2.81
C LYS A 52 -8.64 13.00 -4.33
N VAL A 53 -9.79 12.58 -4.78
CA VAL A 53 -10.01 12.45 -6.26
C VAL A 53 -11.48 12.73 -6.58
N TYR A 54 -12.38 12.00 -5.99
CA TYR A 54 -13.83 12.23 -6.28
C TYR A 54 -14.34 13.41 -5.46
N ASP A 55 -15.64 13.55 -5.34
CA ASP A 55 -16.21 14.68 -4.55
C ASP A 55 -17.58 14.27 -3.97
N PRO A 56 -17.57 13.53 -2.88
CA PRO A 56 -18.83 13.08 -2.26
C PRO A 56 -19.72 14.28 -1.92
N LYS A 57 -20.88 14.03 -1.37
CA LYS A 57 -21.81 15.15 -1.02
C LYS A 57 -22.06 16.01 -2.27
N ASN A 58 -22.82 15.49 -3.20
CA ASN A 58 -23.10 16.26 -4.45
C ASN A 58 -24.15 15.54 -5.29
N GLU A 59 -24.10 14.24 -5.32
CA GLU A 59 -25.09 13.45 -6.12
C GLU A 59 -25.58 12.25 -5.30
N GLU A 60 -26.87 12.01 -5.31
CA GLU A 60 -27.41 10.86 -4.54
C GLU A 60 -26.77 9.57 -5.03
N ASP A 61 -25.96 9.67 -6.05
CA ASP A 61 -25.29 8.46 -6.60
C ASP A 61 -23.87 8.82 -7.02
N ASP A 62 -22.95 8.79 -6.10
CA ASP A 62 -21.52 9.15 -6.43
C ASP A 62 -20.60 8.01 -6.01
N MET A 63 -19.44 7.97 -6.60
CA MET A 63 -18.45 6.89 -6.28
C MET A 63 -19.04 5.53 -6.63
N ARG A 64 -20.28 5.49 -7.08
CA ARG A 64 -20.89 4.19 -7.45
C ARG A 64 -20.43 3.79 -8.85
N GLU A 65 -20.71 4.61 -9.83
CA GLU A 65 -20.30 4.28 -11.23
C GLU A 65 -18.82 3.88 -11.27
N MET A 66 -18.10 4.04 -10.17
CA MET A 66 -16.65 3.66 -10.16
C MET A 66 -16.38 2.67 -9.01
N GLU A 67 -17.40 2.36 -8.23
CA GLU A 67 -17.23 1.40 -7.09
C GLU A 67 -16.33 0.23 -7.52
N GLU A 68 -16.21 0.01 -8.80
CA GLU A 68 -15.34 -1.10 -9.30
C GLU A 68 -13.88 -0.79 -8.95
N GLU A 69 -13.54 0.45 -8.75
CA GLU A 69 -12.13 0.80 -8.43
C GLU A 69 -11.78 0.31 -7.01
N ARG A 70 -12.67 0.49 -6.07
CA ARG A 70 -12.38 0.04 -4.68
C ARG A 70 -12.04 -1.45 -4.69
N LEU A 71 -12.82 -2.24 -5.37
CA LEU A 71 -12.55 -3.71 -5.40
C LEU A 71 -11.24 -3.99 -6.15
N ARG A 72 -10.88 -3.15 -7.08
CA ARG A 72 -9.62 -3.39 -7.85
C ARG A 72 -8.41 -3.32 -6.89
N MET A 73 -8.40 -2.36 -6.01
CA MET A 73 -7.24 -2.24 -5.06
C MET A 73 -7.45 -3.17 -3.87
N ARG A 74 -8.59 -3.12 -3.24
CA ARG A 74 -8.84 -3.99 -2.07
C ARG A 74 -8.62 -5.47 -2.43
N GLU A 75 -9.00 -5.89 -3.61
CA GLU A 75 -8.81 -7.34 -3.98
C GLU A 75 -7.37 -7.60 -4.45
N HIS A 76 -6.89 -6.82 -5.38
CA HIS A 76 -5.50 -7.05 -5.89
C HIS A 76 -4.51 -7.04 -4.71
N VAL A 77 -4.72 -6.21 -3.73
CA VAL A 77 -3.76 -6.20 -2.58
C VAL A 77 -4.01 -7.43 -1.69
N MET A 78 -5.22 -7.61 -1.25
CA MET A 78 -5.52 -8.79 -0.38
C MET A 78 -5.33 -10.10 -1.15
N LYS A 79 -5.23 -10.06 -2.45
CA LYS A 79 -5.06 -11.32 -3.21
C LYS A 79 -3.57 -11.68 -3.36
N ASN A 80 -2.72 -10.71 -3.58
CA ASN A 80 -1.26 -11.00 -3.78
C ASN A 80 -0.44 -10.68 -2.52
N VAL A 81 -0.90 -9.84 -1.63
CA VAL A 81 -0.07 -9.54 -0.40
C VAL A 81 -0.53 -10.44 0.75
N ASP A 82 -1.80 -10.74 0.83
CA ASP A 82 -2.27 -11.65 1.93
C ASP A 82 -1.37 -12.88 1.99
N THR A 83 -0.47 -12.91 2.92
CA THR A 83 0.45 -14.06 3.02
C THR A 83 -0.25 -15.28 3.63
N ASN A 84 -0.64 -15.19 4.87
CA ASN A 84 -1.33 -16.36 5.52
C ASN A 84 -2.83 -16.06 5.65
N GLN A 85 -3.32 -15.22 4.78
CA GLN A 85 -4.78 -14.86 4.79
C GLN A 85 -5.31 -14.76 6.22
N ASP A 86 -4.48 -14.41 7.15
CA ASP A 86 -4.95 -14.27 8.55
C ASP A 86 -5.55 -12.87 8.69
N ARG A 87 -5.76 -12.24 7.57
CA ARG A 87 -6.31 -10.85 7.56
C ARG A 87 -5.30 -9.93 8.20
N LEU A 88 -4.21 -10.48 8.69
CA LEU A 88 -3.14 -9.66 9.33
C LEU A 88 -1.85 -9.93 8.56
N VAL A 89 -1.11 -8.90 8.24
CA VAL A 89 0.15 -9.06 7.46
C VAL A 89 1.36 -8.67 8.33
N THR A 90 2.39 -9.48 8.38
CA THR A 90 3.58 -9.12 9.22
C THR A 90 4.68 -8.53 8.33
N LEU A 91 5.66 -7.90 8.92
CA LEU A 91 6.76 -7.31 8.10
C LEU A 91 7.56 -8.44 7.46
N GLU A 92 7.72 -9.53 8.15
CA GLU A 92 8.49 -10.67 7.61
C GLU A 92 7.91 -11.12 6.27
N GLU A 93 6.74 -11.68 6.29
CA GLU A 93 6.12 -12.18 5.03
C GLU A 93 5.88 -11.03 4.03
N PHE A 94 5.48 -9.87 4.47
CA PHE A 94 5.22 -8.77 3.50
C PHE A 94 6.48 -8.50 2.67
N LEU A 95 7.61 -8.32 3.32
CA LEU A 95 8.86 -8.09 2.56
C LEU A 95 9.00 -9.15 1.47
N ALA A 96 8.81 -10.39 1.82
CA ALA A 96 8.93 -11.47 0.82
C ALA A 96 8.08 -11.16 -0.41
N SER A 97 6.79 -10.99 -0.23
CA SER A 97 5.90 -10.68 -1.38
C SER A 97 6.52 -9.60 -2.26
N THR A 98 7.36 -8.75 -1.71
CA THR A 98 7.99 -7.67 -2.53
C THR A 98 9.39 -8.10 -2.98
N GLN A 99 9.84 -9.25 -2.56
CA GLN A 99 11.18 -9.72 -3.01
C GLN A 99 11.08 -10.15 -4.47
N ARG A 100 10.54 -9.28 -5.28
CA ARG A 100 10.40 -9.56 -6.74
C ARG A 100 9.66 -8.39 -7.41
N LYS A 101 8.73 -7.78 -6.73
CA LYS A 101 7.97 -6.66 -7.33
C LYS A 101 8.93 -5.53 -7.71
N GLU A 102 10.20 -5.70 -7.43
CA GLU A 102 11.18 -4.63 -7.78
C GLU A 102 11.18 -4.43 -9.30
N PHE A 103 10.34 -3.55 -9.78
CA PHE A 103 10.28 -3.28 -11.24
C PHE A 103 11.45 -2.38 -11.65
N LEU A 5 41.19 -9.19 1.02
CA LEU A 5 39.86 -9.85 0.99
C LEU A 5 39.19 -9.57 -0.37
N LYS A 6 39.80 -9.99 -1.44
CA LYS A 6 39.21 -9.76 -2.79
C LYS A 6 38.69 -8.32 -2.89
N GLU A 7 37.79 -8.06 -3.80
CA GLU A 7 37.24 -6.69 -3.95
C GLU A 7 36.33 -6.39 -2.76
N VAL A 8 36.89 -6.08 -1.63
CA VAL A 8 36.06 -5.77 -0.42
C VAL A 8 35.15 -6.97 -0.10
N TRP A 9 35.25 -8.02 -0.87
CA TRP A 9 34.40 -9.22 -0.60
C TRP A 9 32.93 -8.80 -0.45
N GLU A 10 32.16 -8.91 -1.50
CA GLU A 10 30.72 -8.52 -1.42
C GLU A 10 29.92 -9.28 -2.47
N GLU A 11 30.56 -9.67 -3.54
CA GLU A 11 29.85 -10.42 -4.62
C GLU A 11 28.72 -9.57 -5.19
N LEU A 12 28.66 -9.43 -6.49
CA LEU A 12 27.58 -8.61 -7.10
C LEU A 12 27.50 -8.93 -8.60
N ASP A 13 27.17 -10.15 -8.93
CA ASP A 13 27.08 -10.54 -10.36
C ASP A 13 26.21 -9.52 -11.12
N GLY A 14 25.10 -9.16 -10.55
CA GLY A 14 24.20 -8.17 -11.22
C GLY A 14 22.83 -8.18 -10.55
N LEU A 15 22.79 -7.98 -9.25
CA LEU A 15 21.50 -7.98 -8.51
C LEU A 15 21.48 -6.80 -7.54
N ASP A 16 20.54 -6.79 -6.62
CA ASP A 16 20.49 -5.64 -5.64
C ASP A 16 20.66 -4.31 -6.38
N PRO A 17 19.66 -3.94 -7.16
CA PRO A 17 19.68 -2.67 -7.91
C PRO A 17 19.60 -1.49 -6.92
N ASN A 18 19.48 -1.79 -5.65
CA ASN A 18 19.40 -0.70 -4.63
C ASN A 18 18.51 0.45 -5.11
N ARG A 19 17.25 0.44 -4.75
CA ARG A 19 16.35 1.54 -5.20
C ARG A 19 15.10 1.59 -4.32
N PHE A 20 14.53 2.76 -4.17
CA PHE A 20 13.30 2.90 -3.34
C PHE A 20 13.59 2.42 -1.92
N ASN A 21 12.55 2.17 -1.15
CA ASN A 21 12.75 1.70 0.25
C ASN A 21 11.38 1.29 0.82
N PRO A 22 10.89 0.12 0.45
CA PRO A 22 9.57 -0.35 0.92
C PRO A 22 9.52 -0.43 2.45
N LYS A 23 10.64 -0.43 3.10
CA LYS A 23 10.63 -0.53 4.59
C LYS A 23 10.01 0.71 5.23
N THR A 24 10.22 1.88 4.67
CA THR A 24 9.66 3.10 5.28
C THR A 24 8.16 3.18 5.02
N PHE A 25 7.72 2.86 3.84
CA PHE A 25 6.26 2.93 3.55
C PHE A 25 5.52 2.06 4.60
N PHE A 26 6.14 0.99 5.02
CA PHE A 26 5.49 0.12 6.03
C PHE A 26 5.43 0.86 7.39
N ILE A 27 6.44 1.64 7.71
CA ILE A 27 6.41 2.36 9.00
C ILE A 27 5.37 3.48 8.92
N LEU A 28 5.54 4.40 8.01
CA LEU A 28 4.55 5.51 7.89
C LEU A 28 3.10 4.97 7.91
N HIS A 29 2.85 3.84 7.29
CA HIS A 29 1.45 3.29 7.31
C HIS A 29 1.14 2.70 8.68
N ASP A 30 2.14 2.45 9.48
CA ASP A 30 1.88 1.88 10.83
C ASP A 30 1.42 3.02 11.76
N ILE A 31 0.14 3.24 11.83
CA ILE A 31 -0.39 4.35 12.67
C ILE A 31 -0.36 3.97 14.16
N ASN A 32 -0.73 2.77 14.50
CA ASN A 32 -0.72 2.35 15.94
C ASN A 32 0.60 1.62 16.27
N SER A 33 1.56 1.69 15.39
CA SER A 33 2.87 1.02 15.66
C SER A 33 2.65 -0.38 16.24
N ASP A 34 1.87 -1.19 15.57
CA ASP A 34 1.63 -2.59 16.08
C ASP A 34 2.57 -3.54 15.35
N GLY A 35 3.33 -3.04 14.41
CA GLY A 35 4.28 -3.90 13.65
C GLY A 35 3.51 -4.71 12.61
N VAL A 36 2.20 -4.57 12.55
CA VAL A 36 1.39 -5.31 11.53
C VAL A 36 0.26 -4.39 11.06
N LEU A 37 -0.27 -4.61 9.88
CA LEU A 37 -1.42 -3.77 9.38
C LEU A 37 -2.65 -4.66 9.25
N ASP A 38 -3.76 -4.25 9.82
CA ASP A 38 -5.00 -5.10 9.75
C ASP A 38 -6.01 -4.48 8.78
N GLU A 39 -7.08 -5.19 8.54
CA GLU A 39 -8.12 -4.68 7.60
C GLU A 39 -8.54 -3.26 7.98
N GLN A 40 -8.15 -2.79 9.12
CA GLN A 40 -8.53 -1.40 9.53
C GLN A 40 -7.54 -0.41 8.90
N GLU A 41 -6.27 -0.73 8.94
CA GLU A 41 -5.27 0.18 8.33
C GLU A 41 -5.37 0.09 6.81
N LEU A 42 -5.77 -1.06 6.30
CA LEU A 42 -5.89 -1.24 4.82
C LEU A 42 -7.24 -0.67 4.36
N GLU A 43 -8.28 -0.88 5.10
CA GLU A 43 -9.61 -0.35 4.68
C GLU A 43 -9.62 1.18 4.80
N ALA A 44 -8.99 1.71 5.81
CA ALA A 44 -8.98 3.19 5.99
C ALA A 44 -8.06 3.87 4.96
N LEU A 45 -7.04 3.19 4.50
CA LEU A 45 -6.10 3.83 3.52
C LEU A 45 -6.74 3.88 2.11
N PHE A 46 -7.62 2.97 1.79
CA PHE A 46 -8.23 3.01 0.42
C PHE A 46 -9.36 4.05 0.39
N THR A 47 -10.21 4.06 1.38
CA THR A 47 -11.33 5.02 1.39
C THR A 47 -10.82 6.46 1.48
N LYS A 48 -9.96 6.77 2.42
CA LYS A 48 -9.47 8.17 2.56
C LYS A 48 -8.62 8.61 1.35
N GLU A 49 -7.68 7.80 0.93
CA GLU A 49 -6.85 8.24 -0.24
C GLU A 49 -7.78 8.60 -1.40
N LEU A 50 -8.94 8.00 -1.43
CA LEU A 50 -9.91 8.28 -2.52
C LEU A 50 -10.59 9.64 -2.25
N GLU A 51 -10.63 10.05 -1.02
CA GLU A 51 -11.26 11.37 -0.68
C GLU A 51 -10.49 12.51 -1.35
N LYS A 52 -9.19 12.42 -1.45
CA LYS A 52 -8.40 13.53 -2.06
C LYS A 52 -8.26 13.30 -3.58
N VAL A 53 -9.28 12.82 -4.24
CA VAL A 53 -9.19 12.58 -5.71
C VAL A 53 -10.55 12.83 -6.37
N TYR A 54 -11.57 12.12 -5.96
CA TYR A 54 -12.91 12.31 -6.58
C TYR A 54 -13.65 13.47 -5.89
N ASP A 55 -13.14 13.95 -4.78
CA ASP A 55 -13.82 15.08 -4.09
C ASP A 55 -15.31 14.74 -3.90
N PRO A 56 -15.66 14.09 -2.80
CA PRO A 56 -17.07 13.71 -2.54
C PRO A 56 -17.95 14.96 -2.41
N LYS A 57 -17.42 16.12 -2.73
CA LYS A 57 -18.22 17.38 -2.63
C LYS A 57 -18.49 17.94 -4.02
N ASN A 58 -18.61 17.08 -5.01
CA ASN A 58 -18.89 17.56 -6.41
C ASN A 58 -19.97 16.69 -7.05
N GLU A 59 -20.57 15.79 -6.32
CA GLU A 59 -21.63 14.93 -6.92
C GLU A 59 -22.30 14.12 -5.82
N GLU A 60 -23.60 13.91 -5.93
CA GLU A 60 -24.32 13.13 -4.90
C GLU A 60 -24.14 11.63 -5.17
N ASP A 61 -23.33 11.29 -6.13
CA ASP A 61 -23.10 9.86 -6.45
C ASP A 61 -22.66 9.09 -5.20
N ASP A 62 -22.45 9.79 -4.11
CA ASP A 62 -22.03 9.10 -2.86
C ASP A 62 -20.82 8.21 -3.15
N MET A 63 -20.03 8.55 -4.13
CA MET A 63 -18.84 7.71 -4.45
C MET A 63 -19.26 6.24 -4.55
N ARG A 64 -20.54 5.98 -4.64
CA ARG A 64 -21.01 4.58 -4.74
C ARG A 64 -20.62 3.99 -6.10
N GLU A 65 -20.98 4.65 -7.17
CA GLU A 65 -20.63 4.12 -8.52
C GLU A 65 -19.11 4.00 -8.66
N MET A 66 -18.38 4.97 -8.19
CA MET A 66 -16.89 4.92 -8.33
C MET A 66 -16.33 3.85 -7.37
N GLU A 67 -17.14 3.31 -6.50
CA GLU A 67 -16.66 2.26 -5.56
C GLU A 67 -15.90 1.17 -6.33
N GLU A 68 -15.94 1.21 -7.65
CA GLU A 68 -15.23 0.18 -8.45
C GLU A 68 -13.76 0.10 -8.02
N GLU A 69 -13.10 1.22 -7.87
CA GLU A 69 -11.66 1.19 -7.45
C GLU A 69 -11.56 0.66 -6.02
N ARG A 70 -12.59 0.83 -5.24
CA ARG A 70 -12.54 0.34 -3.83
C ARG A 70 -12.23 -1.15 -3.82
N LEU A 71 -12.84 -1.91 -4.70
CA LEU A 71 -12.59 -3.38 -4.73
C LEU A 71 -11.29 -3.68 -5.50
N ARG A 72 -10.92 -2.83 -6.42
CA ARG A 72 -9.68 -3.09 -7.20
C ARG A 72 -8.47 -3.11 -6.25
N MET A 73 -8.48 -2.28 -5.24
CA MET A 73 -7.33 -2.26 -4.28
C MET A 73 -7.55 -3.32 -3.19
N ARG A 74 -8.77 -3.50 -2.76
CA ARG A 74 -9.03 -4.50 -1.68
C ARG A 74 -8.64 -5.92 -2.15
N GLU A 75 -8.96 -6.27 -3.37
CA GLU A 75 -8.64 -7.65 -3.85
C GLU A 75 -7.19 -7.74 -4.35
N HIS A 76 -6.78 -6.87 -5.23
CA HIS A 76 -5.38 -6.94 -5.75
C HIS A 76 -4.39 -6.94 -4.58
N VAL A 77 -4.63 -6.15 -3.57
CA VAL A 77 -3.66 -6.12 -2.42
C VAL A 77 -3.83 -7.39 -1.57
N MET A 78 -5.03 -7.72 -1.17
CA MET A 78 -5.23 -8.93 -0.33
C MET A 78 -4.94 -10.19 -1.16
N LYS A 79 -4.87 -10.08 -2.45
CA LYS A 79 -4.60 -11.30 -3.28
C LYS A 79 -3.09 -11.56 -3.38
N ASN A 80 -2.28 -10.53 -3.38
CA ASN A 80 -0.79 -10.72 -3.52
C ASN A 80 -0.02 -10.36 -2.24
N VAL A 81 -0.56 -9.54 -1.37
CA VAL A 81 0.21 -9.17 -0.13
C VAL A 81 -0.20 -10.06 1.05
N ASP A 82 -1.45 -10.41 1.18
CA ASP A 82 -1.84 -11.31 2.31
C ASP A 82 -1.18 -12.67 2.05
N THR A 83 -0.11 -12.96 2.75
CA THR A 83 0.61 -14.24 2.51
C THR A 83 -0.05 -15.40 3.24
N ASN A 84 -0.27 -15.28 4.52
CA ASN A 84 -0.91 -16.40 5.30
C ASN A 84 -2.40 -16.11 5.49
N GLN A 85 -2.96 -15.29 4.63
CA GLN A 85 -4.41 -14.94 4.70
C GLN A 85 -4.93 -14.92 6.14
N ASP A 86 -4.11 -14.48 7.07
CA ASP A 86 -4.58 -14.40 8.48
C ASP A 86 -5.29 -13.07 8.66
N ARG A 87 -5.56 -12.42 7.56
CA ARG A 87 -6.23 -11.08 7.58
C ARG A 87 -5.27 -10.09 8.25
N LEU A 88 -4.16 -10.58 8.73
CA LEU A 88 -3.14 -9.70 9.38
C LEU A 88 -1.85 -9.85 8.59
N VAL A 89 -1.19 -8.76 8.30
CA VAL A 89 0.08 -8.82 7.50
C VAL A 89 1.26 -8.42 8.38
N THR A 90 2.30 -9.21 8.40
CA THR A 90 3.50 -8.85 9.23
C THR A 90 4.61 -8.37 8.29
N LEU A 91 5.55 -7.63 8.82
CA LEU A 91 6.67 -7.13 7.96
C LEU A 91 7.40 -8.32 7.33
N GLU A 92 7.52 -9.39 8.06
CA GLU A 92 8.29 -10.56 7.54
C GLU A 92 7.66 -11.11 6.26
N GLU A 93 6.51 -11.70 6.34
CA GLU A 93 5.87 -12.30 5.13
C GLU A 93 5.59 -11.21 4.08
N PHE A 94 5.30 -10.02 4.49
CA PHE A 94 5.00 -8.93 3.50
C PHE A 94 6.24 -8.69 2.62
N LEU A 95 7.38 -8.49 3.22
CA LEU A 95 8.61 -8.25 2.42
C LEU A 95 8.75 -9.36 1.37
N ALA A 96 8.60 -10.59 1.77
CA ALA A 96 8.72 -11.72 0.80
C ALA A 96 7.90 -11.40 -0.46
N SER A 97 6.67 -11.01 -0.30
CA SER A 97 5.82 -10.70 -1.48
C SER A 97 6.49 -9.62 -2.34
N THR A 98 7.29 -8.78 -1.74
CA THR A 98 7.98 -7.71 -2.53
C THR A 98 9.42 -8.14 -2.85
N GLN A 99 9.87 -9.24 -2.30
CA GLN A 99 11.26 -9.68 -2.59
C GLN A 99 11.35 -10.06 -4.08
N ARG A 100 12.45 -9.75 -4.71
CA ARG A 100 12.61 -10.08 -6.15
C ARG A 100 11.45 -9.47 -6.95
N LYS A 101 10.59 -8.74 -6.29
CA LYS A 101 9.42 -8.11 -6.98
C LYS A 101 8.44 -9.20 -7.45
N GLU A 102 8.89 -10.42 -7.59
CA GLU A 102 7.98 -11.51 -8.04
C GLU A 102 7.24 -11.07 -9.31
N PHE A 103 7.95 -10.86 -10.37
CA PHE A 103 7.28 -10.43 -11.64
C PHE A 103 8.29 -10.48 -12.79
N LEU A 5 27.45 29.66 -16.31
CA LEU A 5 27.36 29.40 -14.84
C LEU A 5 25.94 28.93 -14.50
N LYS A 6 25.81 27.82 -13.82
CA LYS A 6 24.46 27.31 -13.45
C LYS A 6 24.54 26.58 -12.11
N GLU A 7 25.73 26.20 -11.71
CA GLU A 7 25.88 25.48 -10.40
C GLU A 7 24.94 24.27 -10.38
N VAL A 8 25.19 23.32 -11.25
CA VAL A 8 24.32 22.10 -11.27
C VAL A 8 24.48 21.33 -9.96
N TRP A 9 24.38 20.03 -10.01
CA TRP A 9 24.53 19.22 -8.76
C TRP A 9 25.02 17.81 -9.12
N GLU A 10 24.78 16.86 -8.26
CA GLU A 10 25.25 15.47 -8.56
C GLU A 10 24.41 14.48 -7.75
N GLU A 11 23.82 14.92 -6.67
CA GLU A 11 22.99 14.01 -5.83
C GLU A 11 23.89 12.94 -5.20
N LEU A 12 24.51 12.13 -6.00
CA LEU A 12 25.40 11.06 -5.44
C LEU A 12 26.22 10.44 -6.56
N ASP A 13 26.67 11.23 -7.49
CA ASP A 13 27.48 10.69 -8.62
C ASP A 13 26.70 9.59 -9.34
N GLY A 14 27.13 9.20 -10.52
CA GLY A 14 26.41 8.13 -11.26
C GLY A 14 26.90 6.76 -10.79
N LEU A 15 27.41 6.68 -9.59
CA LEU A 15 27.91 5.37 -9.08
C LEU A 15 26.76 4.35 -9.10
N ASP A 16 25.95 4.36 -8.08
CA ASP A 16 24.81 3.40 -8.04
C ASP A 16 23.88 3.75 -6.86
N PRO A 17 23.20 4.88 -6.97
CA PRO A 17 22.29 5.32 -5.90
C PRO A 17 21.14 4.31 -5.74
N ASN A 18 20.56 3.88 -6.82
CA ASN A 18 19.43 2.90 -6.76
C ASN A 18 18.49 3.27 -5.62
N ARG A 19 17.79 4.35 -5.75
CA ARG A 19 16.84 4.78 -4.68
C ARG A 19 15.71 3.74 -4.56
N PHE A 20 15.65 3.03 -3.47
CA PHE A 20 14.58 2.01 -3.31
C PHE A 20 14.55 1.54 -1.85
N ASN A 21 13.46 1.73 -1.17
CA ASN A 21 13.40 1.29 0.26
C ASN A 21 11.92 1.22 0.71
N PRO A 22 11.20 0.21 0.24
CA PRO A 22 9.78 0.05 0.60
C PRO A 22 9.63 -0.08 2.13
N LYS A 23 10.70 -0.34 2.82
CA LYS A 23 10.63 -0.49 4.30
C LYS A 23 10.07 0.78 4.94
N THR A 24 10.37 1.94 4.41
CA THR A 24 9.85 3.19 5.04
C THR A 24 8.34 3.29 4.81
N PHE A 25 7.86 2.93 3.65
CA PHE A 25 6.40 3.02 3.40
C PHE A 25 5.68 2.20 4.47
N PHE A 26 6.11 0.98 4.67
CA PHE A 26 5.45 0.12 5.70
C PHE A 26 5.43 0.82 7.06
N ILE A 27 6.45 1.58 7.37
CA ILE A 27 6.47 2.27 8.68
C ILE A 27 5.48 3.43 8.65
N LEU A 28 5.69 4.39 7.79
CA LEU A 28 4.73 5.53 7.71
C LEU A 28 3.27 5.03 7.71
N HIS A 29 3.02 3.75 7.51
CA HIS A 29 1.62 3.23 7.50
C HIS A 29 1.31 2.53 8.84
N ASP A 30 2.30 2.19 9.61
CA ASP A 30 2.02 1.53 10.92
C ASP A 30 1.50 2.57 11.93
N ILE A 31 0.31 3.04 11.72
CA ILE A 31 -0.29 4.06 12.62
C ILE A 31 -0.18 3.62 14.08
N ASN A 32 -0.61 2.44 14.42
CA ASN A 32 -0.53 1.99 15.84
C ASN A 32 0.81 1.32 16.12
N SER A 33 1.77 1.49 15.24
CA SER A 33 3.12 0.89 15.47
C SER A 33 2.99 -0.53 16.04
N ASP A 34 2.17 -1.34 15.45
CA ASP A 34 2.02 -2.74 15.97
C ASP A 34 2.98 -3.66 15.20
N GLY A 35 3.74 -3.10 14.30
CA GLY A 35 4.70 -3.92 13.51
C GLY A 35 3.93 -4.72 12.47
N VAL A 36 2.62 -4.59 12.42
CA VAL A 36 1.82 -5.32 11.40
C VAL A 36 0.78 -4.36 10.81
N LEU A 37 0.17 -4.74 9.71
CA LEU A 37 -0.90 -3.87 9.08
C LEU A 37 -2.25 -4.53 9.38
N ASP A 38 -3.09 -3.85 10.10
CA ASP A 38 -4.44 -4.42 10.46
C ASP A 38 -5.49 -4.04 9.41
N GLU A 39 -6.61 -4.70 9.43
CA GLU A 39 -7.69 -4.42 8.43
C GLU A 39 -8.41 -3.11 8.78
N GLN A 40 -8.67 -2.84 10.03
CA GLN A 40 -9.37 -1.58 10.38
C GLN A 40 -8.49 -0.40 9.94
N GLU A 41 -7.21 -0.60 9.86
CA GLU A 41 -6.30 0.50 9.42
C GLU A 41 -6.29 0.52 7.88
N LEU A 42 -6.41 -0.64 7.28
CA LEU A 42 -6.44 -0.74 5.78
C LEU A 42 -7.82 -0.28 5.30
N GLU A 43 -8.85 -0.51 6.06
CA GLU A 43 -10.19 -0.07 5.65
C GLU A 43 -10.25 1.46 5.64
N ALA A 44 -9.68 2.09 6.63
CA ALA A 44 -9.70 3.58 6.69
C ALA A 44 -8.75 4.18 5.64
N LEU A 45 -7.55 3.66 5.54
CA LEU A 45 -6.58 4.21 4.56
C LEU A 45 -7.18 4.13 3.14
N PHE A 46 -8.12 3.25 2.92
CA PHE A 46 -8.72 3.14 1.55
C PHE A 46 -9.75 4.26 1.36
N THR A 47 -10.67 4.39 2.28
CA THR A 47 -11.71 5.46 2.15
C THR A 47 -11.05 6.85 2.18
N LYS A 48 -9.99 7.00 2.94
CA LYS A 48 -9.32 8.32 3.02
C LYS A 48 -8.53 8.61 1.74
N GLU A 49 -7.76 7.67 1.27
CA GLU A 49 -6.98 7.94 0.03
C GLU A 49 -7.92 8.41 -1.08
N LEU A 50 -9.17 8.00 -1.03
CA LEU A 50 -10.13 8.42 -2.08
C LEU A 50 -10.73 9.80 -1.76
N GLU A 51 -10.77 10.18 -0.51
CA GLU A 51 -11.36 11.49 -0.16
C GLU A 51 -10.56 12.63 -0.81
N LYS A 52 -9.58 12.31 -1.62
CA LYS A 52 -8.76 13.37 -2.29
C LYS A 52 -8.56 13.03 -3.76
N VAL A 53 -9.59 12.54 -4.42
CA VAL A 53 -9.48 12.20 -5.87
C VAL A 53 -10.83 12.44 -6.56
N TYR A 54 -11.87 11.82 -6.08
CA TYR A 54 -13.22 12.03 -6.71
C TYR A 54 -13.92 13.21 -6.01
N ASP A 55 -15.20 13.10 -5.77
CA ASP A 55 -15.92 14.23 -5.11
C ASP A 55 -17.30 13.74 -4.64
N PRO A 56 -17.33 13.01 -3.54
CA PRO A 56 -18.60 12.47 -3.01
C PRO A 56 -19.53 13.62 -2.59
N LYS A 57 -19.20 14.83 -2.94
CA LYS A 57 -20.06 15.99 -2.58
C LYS A 57 -21.20 16.11 -3.59
N ASN A 58 -21.19 15.32 -4.62
CA ASN A 58 -22.29 15.38 -5.63
C ASN A 58 -23.56 14.78 -5.05
N GLU A 59 -23.45 14.09 -3.96
CA GLU A 59 -24.66 13.47 -3.34
C GLU A 59 -25.49 12.77 -4.41
N GLU A 60 -24.88 11.96 -5.22
CA GLU A 60 -25.62 11.24 -6.28
C GLU A 60 -24.77 10.07 -6.78
N ASP A 61 -23.54 10.33 -7.15
CA ASP A 61 -22.67 9.23 -7.64
C ASP A 61 -22.58 8.13 -6.59
N ASP A 62 -22.90 8.44 -5.36
CA ASP A 62 -22.83 7.41 -4.29
C ASP A 62 -21.48 6.68 -4.36
N MET A 63 -20.53 7.24 -5.05
CA MET A 63 -19.20 6.58 -5.15
C MET A 63 -19.38 5.11 -5.55
N ARG A 64 -20.52 4.77 -6.06
CA ARG A 64 -20.76 3.35 -6.47
C ARG A 64 -20.18 3.11 -7.86
N GLU A 65 -20.42 4.01 -8.79
CA GLU A 65 -19.89 3.81 -10.17
C GLU A 65 -18.39 3.51 -10.13
N MET A 66 -17.62 4.32 -9.45
CA MET A 66 -16.14 4.10 -9.41
C MET A 66 -15.80 2.84 -8.59
N GLU A 67 -16.77 2.26 -7.91
CA GLU A 67 -16.48 1.04 -7.08
C GLU A 67 -15.48 0.12 -7.78
N GLU A 68 -15.41 0.19 -9.08
CA GLU A 68 -14.45 -0.68 -9.83
C GLU A 68 -13.04 -0.46 -9.28
N GLU A 69 -12.79 0.70 -8.71
CA GLU A 69 -11.43 0.98 -8.17
C GLU A 69 -11.26 0.29 -6.82
N ARG A 70 -12.24 0.38 -5.96
CA ARG A 70 -12.13 -0.26 -4.61
C ARG A 70 -11.93 -1.78 -4.78
N LEU A 71 -12.67 -2.39 -5.66
CA LEU A 71 -12.53 -3.87 -5.85
C LEU A 71 -11.23 -4.19 -6.60
N ARG A 72 -10.79 -3.29 -7.44
CA ARG A 72 -9.54 -3.56 -8.21
C ARG A 72 -8.30 -3.41 -7.31
N MET A 73 -8.32 -2.45 -6.42
CA MET A 73 -7.13 -2.27 -5.51
C MET A 73 -7.26 -3.16 -4.28
N ARG A 74 -8.40 -3.19 -3.65
CA ARG A 74 -8.57 -4.05 -2.45
C ARG A 74 -8.32 -5.52 -2.80
N GLU A 75 -8.73 -5.96 -3.96
CA GLU A 75 -8.50 -7.39 -4.32
C GLU A 75 -7.04 -7.64 -4.67
N HIS A 76 -6.47 -6.80 -5.50
CA HIS A 76 -5.04 -7.00 -5.89
C HIS A 76 -4.14 -7.00 -4.65
N VAL A 77 -4.41 -6.15 -3.68
CA VAL A 77 -3.54 -6.14 -2.47
C VAL A 77 -3.79 -7.40 -1.64
N MET A 78 -5.02 -7.65 -1.26
CA MET A 78 -5.30 -8.86 -0.43
C MET A 78 -4.98 -10.12 -1.23
N LYS A 79 -4.96 -10.06 -2.53
CA LYS A 79 -4.66 -11.29 -3.33
C LYS A 79 -3.15 -11.41 -3.60
N ASN A 80 -2.46 -10.29 -3.74
CA ASN A 80 -0.99 -10.35 -4.02
C ASN A 80 -0.16 -10.08 -2.76
N VAL A 81 -0.75 -9.67 -1.66
CA VAL A 81 0.06 -9.42 -0.41
C VAL A 81 -0.38 -10.34 0.74
N ASP A 82 -1.64 -10.67 0.82
CA ASP A 82 -2.10 -11.60 1.91
C ASP A 82 -1.17 -12.81 1.93
N THR A 83 -0.41 -12.96 2.98
CA THR A 83 0.58 -14.05 3.05
C THR A 83 0.02 -15.33 3.69
N ASN A 84 -0.34 -15.31 4.95
CA ASN A 84 -0.87 -16.55 5.61
C ASN A 84 -2.38 -16.43 5.85
N GLN A 85 -3.03 -15.63 5.07
CA GLN A 85 -4.51 -15.48 5.18
C GLN A 85 -4.95 -15.34 6.62
N ASP A 86 -4.80 -14.18 7.16
CA ASP A 86 -5.25 -13.93 8.57
C ASP A 86 -5.78 -12.50 8.65
N ARG A 87 -6.12 -11.93 7.53
CA ARG A 87 -6.62 -10.54 7.51
C ARG A 87 -5.58 -9.61 8.12
N LEU A 88 -4.47 -10.16 8.56
CA LEU A 88 -3.38 -9.33 9.17
C LEU A 88 -2.09 -9.62 8.40
N VAL A 89 -1.35 -8.60 8.08
CA VAL A 89 -0.07 -8.79 7.29
C VAL A 89 1.12 -8.40 8.17
N THR A 90 2.12 -9.24 8.26
CA THR A 90 3.31 -8.88 9.11
C THR A 90 4.38 -8.23 8.23
N LEU A 91 5.33 -7.57 8.84
CA LEU A 91 6.40 -6.91 8.04
C LEU A 91 7.26 -8.02 7.43
N GLU A 92 7.50 -9.06 8.17
CA GLU A 92 8.33 -10.19 7.68
C GLU A 92 7.73 -10.81 6.42
N GLU A 93 6.63 -11.49 6.55
CA GLU A 93 6.01 -12.14 5.37
C GLU A 93 5.76 -11.10 4.26
N PHE A 94 5.48 -9.88 4.61
CA PHE A 94 5.21 -8.84 3.58
C PHE A 94 6.43 -8.65 2.68
N LEU A 95 7.59 -8.44 3.24
CA LEU A 95 8.82 -8.28 2.41
C LEU A 95 8.92 -9.47 1.46
N ALA A 96 8.58 -10.65 1.92
CA ALA A 96 8.65 -11.84 1.03
C ALA A 96 7.80 -11.63 -0.22
N SER A 97 6.51 -11.47 -0.05
CA SER A 97 5.62 -11.26 -1.22
C SER A 97 6.25 -10.25 -2.20
N THR A 98 7.15 -9.43 -1.72
CA THR A 98 7.80 -8.42 -2.62
C THR A 98 9.17 -8.94 -3.06
N GLN A 99 9.92 -9.54 -2.17
CA GLN A 99 11.27 -10.06 -2.55
C GLN A 99 11.57 -11.31 -1.71
N ARG A 100 11.88 -12.41 -2.36
CA ARG A 100 12.20 -13.66 -1.60
C ARG A 100 13.37 -14.38 -2.30
N LYS A 101 14.15 -13.65 -3.06
CA LYS A 101 15.29 -14.28 -3.76
C LYS A 101 14.81 -15.49 -4.57
N GLU A 102 13.53 -15.59 -4.79
CA GLU A 102 12.99 -16.74 -5.58
C GLU A 102 13.34 -16.55 -7.06
N PHE A 103 14.61 -16.57 -7.38
CA PHE A 103 15.01 -16.40 -8.81
C PHE A 103 16.49 -16.73 -8.96
N LEU A 5 14.21 24.76 -7.49
CA LEU A 5 13.88 26.05 -6.82
C LEU A 5 13.99 27.18 -7.84
N LYS A 6 15.17 27.44 -8.33
CA LYS A 6 15.35 28.54 -9.32
C LYS A 6 14.86 28.06 -10.70
N GLU A 7 14.97 26.78 -10.96
CA GLU A 7 14.51 26.25 -12.28
C GLU A 7 12.99 26.09 -12.25
N VAL A 8 12.46 25.18 -13.01
CA VAL A 8 10.99 24.98 -13.03
C VAL A 8 10.55 24.33 -11.72
N TRP A 9 9.42 23.66 -11.72
CA TRP A 9 8.94 23.01 -10.47
C TRP A 9 9.83 21.82 -10.14
N GLU A 10 11.12 22.02 -10.06
CA GLU A 10 12.04 20.90 -9.74
C GLU A 10 11.74 19.72 -10.67
N GLU A 11 11.63 19.96 -11.94
CA GLU A 11 11.35 18.85 -12.90
C GLU A 11 10.08 18.11 -12.46
N LEU A 12 10.15 16.82 -12.34
CA LEU A 12 8.95 16.05 -11.91
C LEU A 12 9.40 14.67 -11.38
N ASP A 13 9.05 14.36 -10.16
CA ASP A 13 9.47 13.05 -9.57
C ASP A 13 9.11 11.91 -10.53
N GLY A 14 9.85 10.82 -10.50
CA GLY A 14 9.54 9.67 -11.40
C GLY A 14 8.39 8.86 -10.81
N LEU A 15 8.39 8.68 -9.51
CA LEU A 15 7.30 7.89 -8.86
C LEU A 15 7.16 8.35 -7.41
N ASP A 16 6.79 9.59 -7.20
CA ASP A 16 6.65 10.10 -5.79
C ASP A 16 7.98 9.93 -5.05
N PRO A 17 8.16 10.61 -3.94
CA PRO A 17 9.40 10.49 -3.16
C PRO A 17 9.62 9.02 -2.76
N ASN A 18 8.62 8.21 -2.90
CA ASN A 18 8.77 6.77 -2.52
C ASN A 18 10.04 6.21 -3.16
N ARG A 19 10.19 6.36 -4.45
CA ARG A 19 11.40 5.83 -5.13
C ARG A 19 11.62 4.36 -4.75
N PHE A 20 12.31 4.11 -3.67
CA PHE A 20 12.55 2.70 -3.23
C PHE A 20 12.43 2.62 -1.70
N ASN A 21 13.18 1.75 -1.09
CA ASN A 21 13.12 1.62 0.39
C ASN A 21 11.65 1.49 0.83
N PRO A 22 11.02 0.37 0.48
CA PRO A 22 9.61 0.14 0.84
C PRO A 22 9.47 0.02 2.37
N LYS A 23 10.55 -0.22 3.05
CA LYS A 23 10.50 -0.36 4.53
C LYS A 23 9.90 0.90 5.18
N THR A 24 10.16 2.06 4.64
CA THR A 24 9.61 3.29 5.27
C THR A 24 8.10 3.37 5.04
N PHE A 25 7.64 3.04 3.86
CA PHE A 25 6.17 3.10 3.60
C PHE A 25 5.45 2.25 4.65
N PHE A 26 5.95 1.09 4.92
CA PHE A 26 5.31 0.19 5.93
C PHE A 26 5.28 0.86 7.30
N ILE A 27 6.30 1.61 7.64
CA ILE A 27 6.31 2.28 8.96
C ILE A 27 5.32 3.44 8.96
N LEU A 28 5.52 4.40 8.10
CA LEU A 28 4.58 5.56 8.06
C LEU A 28 3.11 5.06 8.05
N HIS A 29 2.81 3.94 7.45
CA HIS A 29 1.39 3.45 7.44
C HIS A 29 1.09 2.78 8.78
N ASP A 30 2.09 2.42 9.54
CA ASP A 30 1.83 1.77 10.86
C ASP A 30 1.43 2.84 11.87
N ILE A 31 0.15 3.09 12.00
CA ILE A 31 -0.35 4.14 12.93
C ILE A 31 -0.22 3.68 14.40
N ASN A 32 -0.68 2.50 14.73
CA ASN A 32 -0.58 2.03 16.14
C ASN A 32 0.76 1.32 16.37
N SER A 33 1.66 1.37 15.43
CA SER A 33 2.98 0.70 15.61
C SER A 33 2.81 -0.69 16.21
N ASP A 34 2.11 -1.56 15.52
CA ASP A 34 1.91 -2.96 16.03
C ASP A 34 2.86 -3.90 15.30
N GLY A 35 3.62 -3.37 14.37
CA GLY A 35 4.58 -4.21 13.60
C GLY A 35 3.83 -5.01 12.54
N VAL A 36 2.52 -4.88 12.48
CA VAL A 36 1.74 -5.61 11.42
C VAL A 36 0.70 -4.64 10.84
N LEU A 37 0.11 -4.96 9.72
CA LEU A 37 -0.94 -4.06 9.10
C LEU A 37 -2.27 -4.83 9.09
N ASP A 38 -3.30 -4.29 9.70
CA ASP A 38 -4.63 -5.01 9.75
C ASP A 38 -5.66 -4.36 8.83
N GLU A 39 -6.79 -5.00 8.70
CA GLU A 39 -7.87 -4.48 7.83
C GLU A 39 -8.30 -3.08 8.30
N GLN A 40 -7.86 -2.64 9.44
CA GLN A 40 -8.26 -1.29 9.92
C GLN A 40 -7.35 -0.26 9.28
N GLU A 41 -6.06 -0.49 9.33
CA GLU A 41 -5.12 0.48 8.70
C GLU A 41 -5.32 0.42 7.18
N LEU A 42 -5.71 -0.72 6.68
CA LEU A 42 -5.94 -0.88 5.21
C LEU A 42 -7.34 -0.35 4.86
N GLU A 43 -8.30 -0.49 5.74
CA GLU A 43 -9.67 0.01 5.45
C GLU A 43 -9.67 1.54 5.52
N ALA A 44 -9.04 2.10 6.53
CA ALA A 44 -9.02 3.59 6.67
C ALA A 44 -8.08 4.23 5.65
N LEU A 45 -7.03 3.54 5.25
CA LEU A 45 -6.09 4.15 4.26
C LEU A 45 -6.73 4.10 2.86
N PHE A 46 -7.68 3.23 2.65
CA PHE A 46 -8.33 3.15 1.30
C PHE A 46 -9.33 4.30 1.16
N THR A 47 -10.18 4.47 2.13
CA THR A 47 -11.19 5.57 2.06
C THR A 47 -10.51 6.94 2.01
N LYS A 48 -9.44 7.11 2.74
CA LYS A 48 -8.76 8.43 2.75
C LYS A 48 -7.96 8.68 1.47
N GLU A 49 -7.34 7.67 0.91
CA GLU A 49 -6.55 7.92 -0.34
C GLU A 49 -7.49 8.40 -1.45
N LEU A 50 -8.72 7.98 -1.43
CA LEU A 50 -9.67 8.43 -2.49
C LEU A 50 -10.04 9.89 -2.24
N GLU A 51 -10.09 10.30 -1.01
CA GLU A 51 -10.45 11.71 -0.69
C GLU A 51 -9.52 12.66 -1.47
N LYS A 52 -8.46 12.14 -2.02
CA LYS A 52 -7.49 13.00 -2.78
C LYS A 52 -7.46 12.56 -4.25
N VAL A 53 -8.58 12.23 -4.82
CA VAL A 53 -8.60 11.79 -6.26
C VAL A 53 -9.92 12.19 -6.90
N TYR A 54 -11.01 11.71 -6.37
CA TYR A 54 -12.35 12.06 -6.95
C TYR A 54 -12.89 13.33 -6.28
N ASP A 55 -12.50 13.61 -5.08
CA ASP A 55 -13.02 14.84 -4.40
C ASP A 55 -14.55 14.74 -4.26
N PRO A 56 -15.01 13.87 -3.38
CA PRO A 56 -16.47 13.68 -3.18
C PRO A 56 -17.10 14.99 -2.71
N LYS A 57 -18.40 15.01 -2.59
CA LYS A 57 -19.08 16.26 -2.15
C LYS A 57 -20.56 15.95 -1.87
N ASN A 58 -21.14 15.09 -2.67
CA ASN A 58 -22.58 14.75 -2.47
C ASN A 58 -22.69 13.57 -1.51
N GLU A 59 -21.63 12.85 -1.33
CA GLU A 59 -21.63 11.67 -0.42
C GLU A 59 -22.59 10.61 -0.96
N GLU A 60 -22.20 9.36 -0.87
CA GLU A 60 -23.07 8.28 -1.39
C GLU A 60 -23.52 8.62 -2.82
N ASP A 61 -22.60 9.00 -3.65
CA ASP A 61 -22.95 9.35 -5.06
C ASP A 61 -21.81 8.93 -5.99
N ASP A 62 -21.15 9.87 -6.60
CA ASP A 62 -20.02 9.51 -7.52
C ASP A 62 -19.07 8.56 -6.81
N MET A 63 -19.23 8.39 -5.52
CA MET A 63 -18.34 7.47 -4.76
C MET A 63 -18.84 6.03 -4.94
N ARG A 64 -19.60 5.80 -5.99
CA ARG A 64 -20.15 4.43 -6.25
C ARG A 64 -19.85 4.04 -7.70
N GLU A 65 -20.24 4.88 -8.63
CA GLU A 65 -19.99 4.56 -10.07
C GLU A 65 -18.57 4.01 -10.28
N MET A 66 -17.69 4.20 -9.33
CA MET A 66 -16.28 3.68 -9.49
C MET A 66 -16.02 2.57 -8.46
N GLU A 67 -17.03 2.17 -7.73
CA GLU A 67 -16.86 1.09 -6.70
C GLU A 67 -15.98 -0.03 -7.28
N GLU A 68 -15.88 -0.10 -8.57
CA GLU A 68 -15.03 -1.13 -9.21
C GLU A 68 -13.57 -0.88 -8.85
N GLU A 69 -13.22 0.35 -8.61
CA GLU A 69 -11.80 0.67 -8.26
C GLU A 69 -11.52 0.24 -6.83
N ARG A 70 -12.45 0.45 -5.93
CA ARG A 70 -12.23 0.05 -4.51
C ARG A 70 -12.11 -1.48 -4.44
N LEU A 71 -12.85 -2.18 -5.24
CA LEU A 71 -12.78 -3.67 -5.22
C LEU A 71 -11.58 -4.14 -6.04
N ARG A 72 -11.19 -3.38 -7.04
CA ARG A 72 -10.04 -3.79 -7.89
C ARG A 72 -8.73 -3.63 -7.11
N MET A 73 -8.62 -2.60 -6.30
CA MET A 73 -7.35 -2.41 -5.52
C MET A 73 -7.43 -3.21 -4.22
N ARG A 74 -8.58 -3.32 -3.62
CA ARG A 74 -8.70 -4.11 -2.35
C ARG A 74 -8.56 -5.60 -2.65
N GLU A 75 -9.03 -6.05 -3.78
CA GLU A 75 -8.92 -7.49 -4.10
C GLU A 75 -7.49 -7.82 -4.58
N HIS A 76 -6.95 -7.02 -5.45
CA HIS A 76 -5.58 -7.29 -5.96
C HIS A 76 -4.57 -7.25 -4.80
N VAL A 77 -4.78 -6.42 -3.82
CA VAL A 77 -3.82 -6.38 -2.68
C VAL A 77 -4.00 -7.61 -1.78
N MET A 78 -5.19 -7.81 -1.28
CA MET A 78 -5.43 -8.97 -0.38
C MET A 78 -5.22 -10.30 -1.14
N LYS A 79 -5.22 -10.28 -2.45
CA LYS A 79 -5.02 -11.56 -3.18
C LYS A 79 -3.52 -11.90 -3.29
N ASN A 80 -2.67 -10.92 -3.51
CA ASN A 80 -1.20 -11.19 -3.66
C ASN A 80 -0.40 -10.82 -2.41
N VAL A 81 -0.89 -9.94 -1.56
CA VAL A 81 -0.10 -9.57 -0.33
C VAL A 81 -0.55 -10.44 0.85
N ASP A 82 -1.82 -10.77 0.94
CA ASP A 82 -2.30 -11.63 2.06
C ASP A 82 -1.37 -12.83 2.19
N THR A 83 -0.55 -12.85 3.20
CA THR A 83 0.44 -13.95 3.36
C THR A 83 -0.19 -15.26 3.88
N ASN A 84 -0.57 -15.34 5.13
CA ASN A 84 -1.13 -16.64 5.68
C ASN A 84 -2.63 -16.52 5.88
N GLN A 85 -3.27 -15.68 5.14
CA GLN A 85 -4.74 -15.54 5.25
C GLN A 85 -5.18 -15.48 6.71
N ASP A 86 -4.88 -14.39 7.36
CA ASP A 86 -5.30 -14.20 8.78
C ASP A 86 -5.82 -12.78 8.89
N ARG A 87 -6.15 -12.21 7.77
CA ARG A 87 -6.65 -10.81 7.75
C ARG A 87 -5.57 -9.89 8.30
N LEU A 88 -4.46 -10.44 8.73
CA LEU A 88 -3.35 -9.60 9.29
C LEU A 88 -2.10 -9.84 8.43
N VAL A 89 -1.43 -8.78 8.06
CA VAL A 89 -0.18 -8.91 7.22
C VAL A 89 1.02 -8.56 8.10
N THR A 90 2.06 -9.37 8.08
CA THR A 90 3.25 -9.05 8.94
C THR A 90 4.33 -8.36 8.10
N LEU A 91 5.19 -7.64 8.73
CA LEU A 91 6.27 -6.95 7.97
C LEU A 91 7.15 -8.02 7.32
N GLU A 92 7.34 -9.11 8.01
CA GLU A 92 8.18 -10.22 7.48
C GLU A 92 7.66 -10.76 6.14
N GLU A 93 6.56 -11.47 6.15
CA GLU A 93 6.07 -12.05 4.87
C GLU A 93 5.76 -10.94 3.86
N PHE A 94 5.33 -9.79 4.32
CA PHE A 94 5.02 -8.69 3.38
C PHE A 94 6.27 -8.38 2.55
N LEU A 95 7.41 -8.22 3.18
CA LEU A 95 8.66 -7.94 2.40
C LEU A 95 8.80 -9.00 1.31
N ALA A 96 8.65 -10.25 1.66
CA ALA A 96 8.78 -11.34 0.65
C ALA A 96 8.08 -10.93 -0.67
N SER A 97 6.82 -10.61 -0.59
CA SER A 97 6.10 -10.19 -1.83
C SER A 97 6.86 -9.04 -2.51
N THR A 98 7.49 -8.21 -1.71
CA THR A 98 8.26 -7.06 -2.29
C THR A 98 9.75 -7.40 -2.26
N GLN A 99 10.09 -8.66 -2.23
CA GLN A 99 11.52 -9.06 -2.19
C GLN A 99 11.70 -10.44 -2.83
N ARG A 100 12.75 -10.62 -3.57
CA ARG A 100 13.01 -11.95 -4.22
C ARG A 100 14.51 -12.19 -4.25
N LYS A 101 15.26 -11.45 -3.47
CA LYS A 101 16.74 -11.61 -3.44
C LYS A 101 17.32 -11.41 -4.84
N GLU A 102 16.49 -11.11 -5.80
CA GLU A 102 16.99 -10.90 -7.19
C GLU A 102 17.39 -9.43 -7.36
N PHE A 103 18.17 -8.91 -6.45
CA PHE A 103 18.60 -7.49 -6.57
C PHE A 103 17.38 -6.60 -6.86
N LEU A 5 24.44 13.94 -25.35
CA LEU A 5 24.28 12.76 -26.25
C LEU A 5 22.83 12.65 -26.70
N LYS A 6 22.20 11.53 -26.47
CA LYS A 6 20.79 11.37 -26.90
C LYS A 6 20.21 10.09 -26.27
N GLU A 7 20.82 8.96 -26.53
CA GLU A 7 20.31 7.70 -25.95
C GLU A 7 20.83 7.55 -24.51
N VAL A 8 20.00 7.86 -23.55
CA VAL A 8 20.44 7.74 -22.13
C VAL A 8 20.88 6.30 -21.86
N TRP A 9 21.04 5.95 -20.61
CA TRP A 9 21.48 4.57 -20.27
C TRP A 9 21.16 4.28 -18.80
N GLU A 10 21.57 5.14 -17.91
CA GLU A 10 21.29 4.91 -16.47
C GLU A 10 19.78 4.88 -16.23
N GLU A 11 19.34 4.27 -15.17
CA GLU A 11 17.88 4.19 -14.90
C GLU A 11 17.66 3.65 -13.49
N LEU A 12 18.62 2.96 -12.95
CA LEU A 12 18.46 2.39 -11.58
C LEU A 12 19.84 2.09 -10.99
N ASP A 13 20.40 3.04 -10.28
CA ASP A 13 21.74 2.83 -9.66
C ASP A 13 21.57 2.11 -8.32
N GLY A 14 21.33 0.82 -8.35
CA GLY A 14 21.16 0.06 -7.08
C GLY A 14 22.29 0.41 -6.12
N LEU A 15 23.48 0.62 -6.62
CA LEU A 15 24.64 0.96 -5.74
C LEU A 15 24.21 2.00 -4.70
N ASP A 16 23.11 2.68 -4.94
CA ASP A 16 22.61 3.72 -3.98
C ASP A 16 21.14 3.42 -3.61
N PRO A 17 20.93 2.47 -2.71
CA PRO A 17 19.56 2.11 -2.30
C PRO A 17 18.87 3.32 -1.66
N ASN A 18 19.58 4.41 -1.53
CA ASN A 18 18.98 5.64 -0.92
C ASN A 18 17.57 5.86 -1.47
N ARG A 19 17.35 5.55 -2.72
CA ARG A 19 16.00 5.74 -3.31
C ARG A 19 15.12 4.55 -2.94
N PHE A 20 15.62 3.35 -3.12
CA PHE A 20 14.81 2.14 -2.79
C PHE A 20 14.74 1.97 -1.27
N ASN A 21 13.57 1.94 -0.72
CA ASN A 21 13.44 1.79 0.76
C ASN A 21 11.95 1.62 1.14
N PRO A 22 11.37 0.49 0.75
CA PRO A 22 9.96 0.22 1.04
C PRO A 22 9.74 0.13 2.56
N LYS A 23 10.79 -0.12 3.31
CA LYS A 23 10.66 -0.22 4.79
C LYS A 23 10.01 1.05 5.37
N THR A 24 10.26 2.19 4.79
CA THR A 24 9.67 3.44 5.35
C THR A 24 8.17 3.51 5.03
N PHE A 25 7.78 3.15 3.83
CA PHE A 25 6.34 3.21 3.48
C PHE A 25 5.56 2.36 4.50
N PHE A 26 6.14 1.29 4.96
CA PHE A 26 5.45 0.42 5.94
C PHE A 26 5.35 1.13 7.30
N ILE A 27 6.33 1.92 7.66
CA ILE A 27 6.27 2.62 8.96
C ILE A 27 5.24 3.74 8.88
N LEU A 28 5.45 4.69 8.00
CA LEU A 28 4.48 5.82 7.88
C LEU A 28 3.02 5.30 7.86
N HIS A 29 2.76 4.14 7.31
CA HIS A 29 1.36 3.63 7.30
C HIS A 29 1.04 2.93 8.63
N ASP A 30 2.06 2.63 9.40
CA ASP A 30 1.79 1.96 10.72
C ASP A 30 1.27 3.01 11.71
N ILE A 31 -0.03 3.11 11.83
CA ILE A 31 -0.65 4.10 12.74
C ILE A 31 -0.55 3.65 14.20
N ASN A 32 -0.94 2.44 14.51
CA ASN A 32 -0.85 1.97 15.93
C ASN A 32 0.51 1.33 16.20
N SER A 33 1.41 1.40 15.25
CA SER A 33 2.77 0.82 15.47
C SER A 33 2.66 -0.57 16.11
N ASP A 34 1.86 -1.44 15.55
CA ASP A 34 1.73 -2.81 16.12
C ASP A 34 2.72 -3.74 15.41
N GLY A 35 3.55 -3.17 14.56
CA GLY A 35 4.54 -3.99 13.82
C GLY A 35 3.83 -4.80 12.72
N VAL A 36 2.54 -4.62 12.58
CA VAL A 36 1.79 -5.36 11.52
C VAL A 36 0.73 -4.42 10.92
N LEU A 37 0.16 -4.79 9.80
CA LEU A 37 -0.93 -3.93 9.18
C LEU A 37 -2.23 -4.73 9.22
N ASP A 38 -3.17 -4.29 10.03
CA ASP A 38 -4.47 -5.04 10.16
C ASP A 38 -5.48 -4.60 9.10
N GLU A 39 -6.64 -5.20 9.10
CA GLU A 39 -7.68 -4.85 8.08
C GLU A 39 -8.31 -3.48 8.37
N GLN A 40 -8.63 -3.19 9.60
CA GLN A 40 -9.25 -1.87 9.89
C GLN A 40 -8.28 -0.77 9.46
N GLU A 41 -7.01 -1.07 9.42
CA GLU A 41 -6.02 -0.05 8.98
C GLU A 41 -5.93 -0.06 7.45
N LEU A 42 -6.10 -1.21 6.87
CA LEU A 42 -6.07 -1.33 5.37
C LEU A 42 -7.32 -0.69 4.79
N GLU A 43 -8.44 -0.81 5.46
CA GLU A 43 -9.70 -0.24 4.93
C GLU A 43 -9.71 1.29 5.08
N ALA A 44 -9.43 1.79 6.26
CA ALA A 44 -9.47 3.27 6.44
C ALA A 44 -8.36 3.94 5.64
N LEU A 45 -7.24 3.30 5.49
CA LEU A 45 -6.12 3.93 4.72
C LEU A 45 -6.44 3.92 3.22
N PHE A 46 -7.22 2.98 2.75
CA PHE A 46 -7.54 2.95 1.28
C PHE A 46 -8.68 3.92 0.96
N THR A 47 -9.73 3.88 1.71
CA THR A 47 -10.88 4.80 1.43
C THR A 47 -10.42 6.26 1.50
N LYS A 48 -9.52 6.58 2.40
CA LYS A 48 -9.08 8.00 2.53
C LYS A 48 -8.16 8.41 1.36
N GLU A 49 -7.19 7.62 1.03
CA GLU A 49 -6.29 8.03 -0.09
C GLU A 49 -7.16 8.31 -1.32
N LEU A 50 -8.32 7.71 -1.37
CA LEU A 50 -9.24 7.95 -2.52
C LEU A 50 -9.85 9.35 -2.36
N GLU A 51 -9.84 9.86 -1.15
CA GLU A 51 -10.43 11.22 -0.90
C GLU A 51 -9.47 12.31 -1.39
N LYS A 52 -8.18 12.11 -1.25
CA LYS A 52 -7.21 13.16 -1.68
C LYS A 52 -6.94 13.06 -3.20
N VAL A 53 -7.36 11.99 -3.83
CA VAL A 53 -7.13 11.86 -5.30
C VAL A 53 -8.30 12.50 -6.04
N TYR A 54 -9.51 12.21 -5.60
CA TYR A 54 -10.71 12.81 -6.24
C TYR A 54 -11.05 14.13 -5.54
N ASP A 55 -12.29 14.55 -5.55
CA ASP A 55 -12.65 15.84 -4.86
C ASP A 55 -14.12 15.80 -4.41
N PRO A 56 -14.42 14.96 -3.44
CA PRO A 56 -15.79 14.85 -2.92
C PRO A 56 -16.26 16.22 -2.39
N LYS A 57 -17.45 16.29 -1.85
CA LYS A 57 -17.98 17.59 -1.34
C LYS A 57 -18.23 18.52 -2.51
N ASN A 58 -19.47 18.59 -2.94
CA ASN A 58 -19.85 19.47 -4.09
C ASN A 58 -19.53 18.74 -5.40
N GLU A 59 -19.26 17.46 -5.33
CA GLU A 59 -18.95 16.67 -6.57
C GLU A 59 -19.64 15.30 -6.46
N GLU A 60 -20.92 15.30 -6.17
CA GLU A 60 -21.65 14.01 -6.05
C GLU A 60 -21.45 13.19 -7.33
N ASP A 61 -21.93 11.98 -7.35
CA ASP A 61 -21.78 11.13 -8.56
C ASP A 61 -20.33 11.17 -9.06
N ASP A 62 -19.43 10.62 -8.30
CA ASP A 62 -18.00 10.61 -8.74
C ASP A 62 -17.24 9.50 -8.01
N MET A 63 -17.76 9.07 -6.88
CA MET A 63 -17.09 7.96 -6.11
C MET A 63 -17.84 6.66 -6.41
N ARG A 64 -18.93 6.77 -7.12
CA ARG A 64 -19.73 5.55 -7.46
C ARG A 64 -19.10 4.87 -8.68
N GLU A 65 -19.18 5.49 -9.82
CA GLU A 65 -18.59 4.89 -11.05
C GLU A 65 -17.15 4.47 -10.76
N MET A 66 -16.59 4.92 -9.65
CA MET A 66 -15.18 4.56 -9.31
C MET A 66 -15.17 3.49 -8.21
N GLU A 67 -16.30 3.23 -7.58
CA GLU A 67 -16.30 2.18 -6.52
C GLU A 67 -15.73 0.89 -7.12
N GLU A 68 -15.68 0.81 -8.43
CA GLU A 68 -15.13 -0.41 -9.08
C GLU A 68 -13.65 -0.53 -8.74
N GLU A 69 -12.93 0.55 -8.80
CA GLU A 69 -11.48 0.53 -8.48
C GLU A 69 -11.29 0.20 -7.01
N ARG A 70 -12.07 0.80 -6.15
CA ARG A 70 -11.94 0.52 -4.69
C ARG A 70 -11.85 -1.00 -4.49
N LEU A 71 -12.57 -1.74 -5.28
CA LEU A 71 -12.52 -3.22 -5.17
C LEU A 71 -11.32 -3.75 -5.95
N ARG A 72 -10.87 -3.06 -6.96
CA ARG A 72 -9.71 -3.56 -7.75
C ARG A 72 -8.45 -3.50 -6.89
N MET A 73 -8.32 -2.49 -6.08
CA MET A 73 -7.09 -2.39 -5.22
C MET A 73 -7.29 -3.22 -3.94
N ARG A 74 -8.38 -3.03 -3.25
CA ARG A 74 -8.60 -3.81 -2.00
C ARG A 74 -8.49 -5.31 -2.28
N GLU A 75 -8.97 -5.76 -3.40
CA GLU A 75 -8.91 -7.22 -3.71
C GLU A 75 -7.51 -7.61 -4.18
N HIS A 76 -6.99 -6.94 -5.18
CA HIS A 76 -5.62 -7.28 -5.66
C HIS A 76 -4.62 -7.19 -4.50
N VAL A 77 -4.83 -6.31 -3.56
CA VAL A 77 -3.87 -6.21 -2.42
C VAL A 77 -4.11 -7.39 -1.46
N MET A 78 -5.32 -7.55 -1.00
CA MET A 78 -5.62 -8.67 -0.06
C MET A 78 -5.39 -10.02 -0.74
N LYS A 79 -5.32 -10.06 -2.04
CA LYS A 79 -5.09 -11.37 -2.73
C LYS A 79 -3.61 -11.58 -3.02
N ASN A 80 -2.89 -10.53 -3.38
CA ASN A 80 -1.44 -10.69 -3.71
C ASN A 80 -0.53 -10.31 -2.53
N VAL A 81 -1.03 -9.70 -1.48
CA VAL A 81 -0.14 -9.34 -0.31
C VAL A 81 -0.49 -10.22 0.89
N ASP A 82 -1.73 -10.56 1.09
CA ASP A 82 -2.08 -11.46 2.22
C ASP A 82 -1.31 -12.77 2.04
N THR A 83 -0.26 -12.97 2.79
CA THR A 83 0.55 -14.21 2.61
C THR A 83 -0.06 -15.39 3.38
N ASN A 84 -0.31 -15.22 4.66
CA ASN A 84 -0.90 -16.34 5.47
C ASN A 84 -2.41 -16.09 5.68
N GLN A 85 -2.98 -15.34 4.80
CA GLN A 85 -4.45 -15.04 4.87
C GLN A 85 -4.97 -14.95 6.31
N ASP A 86 -4.20 -14.40 7.20
CA ASP A 86 -4.69 -14.26 8.61
C ASP A 86 -5.37 -12.90 8.73
N ARG A 87 -5.66 -12.31 7.60
CA ARG A 87 -6.30 -10.97 7.56
C ARG A 87 -5.34 -9.96 8.18
N LEU A 88 -4.22 -10.43 8.68
CA LEU A 88 -3.20 -9.55 9.29
C LEU A 88 -1.90 -9.74 8.50
N VAL A 89 -1.24 -8.66 8.17
CA VAL A 89 0.02 -8.75 7.37
C VAL A 89 1.21 -8.32 8.23
N THR A 90 2.27 -9.11 8.27
CA THR A 90 3.46 -8.71 9.09
C THR A 90 4.54 -8.20 8.14
N LEU A 91 5.50 -7.49 8.66
CA LEU A 91 6.61 -6.97 7.79
C LEU A 91 7.38 -8.16 7.19
N GLU A 92 7.52 -9.20 7.94
CA GLU A 92 8.30 -10.36 7.44
C GLU A 92 7.67 -10.97 6.17
N GLU A 93 6.52 -11.56 6.29
CA GLU A 93 5.87 -12.19 5.11
C GLU A 93 5.58 -11.14 4.03
N PHE A 94 5.32 -9.93 4.40
CA PHE A 94 5.04 -8.88 3.38
C PHE A 94 6.28 -8.64 2.52
N LEU A 95 7.40 -8.41 3.14
CA LEU A 95 8.65 -8.18 2.36
C LEU A 95 8.80 -9.28 1.30
N ALA A 96 8.53 -10.50 1.66
CA ALA A 96 8.67 -11.62 0.68
C ALA A 96 7.83 -11.32 -0.58
N SER A 97 6.55 -11.12 -0.43
CA SER A 97 5.68 -10.85 -1.60
C SER A 97 6.30 -9.77 -2.51
N THR A 98 6.48 -8.58 -2.00
CA THR A 98 7.05 -7.50 -2.85
C THR A 98 8.47 -7.86 -3.30
N GLN A 99 9.40 -7.95 -2.37
CA GLN A 99 10.83 -8.29 -2.74
C GLN A 99 10.90 -9.22 -3.95
N ARG A 100 9.98 -10.15 -4.08
CA ARG A 100 10.02 -11.08 -5.23
C ARG A 100 9.91 -10.30 -6.55
N LYS A 101 11.02 -10.00 -7.15
CA LYS A 101 11.01 -9.26 -8.46
C LYS A 101 10.22 -7.95 -8.32
N GLU A 102 9.87 -7.57 -7.12
CA GLU A 102 9.09 -6.30 -6.94
C GLU A 102 7.89 -6.30 -7.90
N PHE A 103 6.93 -7.14 -7.64
CA PHE A 103 5.73 -7.18 -8.53
C PHE A 103 5.01 -5.84 -8.48
N LEU A 5 28.31 6.93 -20.09
CA LEU A 5 27.40 6.11 -20.94
C LEU A 5 27.17 4.76 -20.26
N LYS A 6 25.95 4.30 -20.22
CA LYS A 6 25.66 2.99 -19.58
C LYS A 6 26.41 1.88 -20.32
N GLU A 7 27.04 0.98 -19.61
CA GLU A 7 27.78 -0.12 -20.27
C GLU A 7 28.06 -1.23 -19.26
N VAL A 8 28.28 -0.87 -18.02
CA VAL A 8 28.55 -1.90 -16.98
C VAL A 8 27.25 -2.61 -16.60
N TRP A 9 27.34 -3.77 -16.01
CA TRP A 9 26.11 -4.51 -15.60
C TRP A 9 26.37 -5.23 -14.28
N GLU A 10 26.46 -4.51 -13.20
CA GLU A 10 26.72 -5.16 -11.88
C GLU A 10 26.06 -4.33 -10.77
N GLU A 11 25.25 -4.94 -9.96
CA GLU A 11 24.56 -4.21 -8.86
C GLU A 11 23.82 -3.00 -9.43
N LEU A 12 24.29 -1.82 -9.15
CA LEU A 12 23.60 -0.59 -9.67
C LEU A 12 24.48 0.64 -9.40
N ASP A 13 24.29 1.69 -10.16
CA ASP A 13 25.11 2.93 -9.97
C ASP A 13 25.37 3.17 -8.46
N GLY A 14 26.59 3.46 -8.07
CA GLY A 14 26.86 3.67 -6.63
C GLY A 14 25.84 4.64 -6.03
N LEU A 15 25.04 5.27 -6.85
CA LEU A 15 24.02 6.23 -6.32
C LEU A 15 22.85 6.34 -7.29
N ASP A 16 22.15 5.25 -7.53
CA ASP A 16 20.99 5.31 -8.45
C ASP A 16 19.98 6.36 -7.93
N PRO A 17 19.52 7.29 -8.77
CA PRO A 17 18.55 8.31 -8.31
C PRO A 17 17.25 7.62 -7.83
N ASN A 18 17.11 6.35 -8.09
CA ASN A 18 15.88 5.64 -7.65
C ASN A 18 15.84 5.56 -6.13
N ARG A 19 16.85 5.03 -5.52
CA ARG A 19 16.87 4.94 -4.04
C ARG A 19 15.54 4.35 -3.55
N PHE A 20 15.39 3.06 -3.63
CA PHE A 20 14.11 2.43 -3.18
C PHE A 20 14.12 2.32 -1.66
N ASN A 21 12.96 2.24 -1.06
CA ASN A 21 12.89 2.14 0.43
C ASN A 21 11.45 1.83 0.86
N PRO A 22 10.96 0.65 0.53
CA PRO A 22 9.59 0.25 0.90
C PRO A 22 9.47 0.15 2.42
N LYS A 23 10.57 -0.04 3.11
CA LYS A 23 10.53 -0.16 4.59
C LYS A 23 9.89 1.08 5.22
N THR A 24 10.20 2.25 4.74
CA THR A 24 9.62 3.48 5.33
C THR A 24 8.10 3.51 5.12
N PHE A 25 7.63 3.11 3.98
CA PHE A 25 6.16 3.12 3.75
C PHE A 25 5.49 2.30 4.86
N PHE A 26 6.07 1.19 5.22
CA PHE A 26 5.47 0.34 6.28
C PHE A 26 5.46 1.10 7.61
N ILE A 27 6.42 1.95 7.86
CA ILE A 27 6.43 2.70 9.13
C ILE A 27 5.38 3.82 9.07
N LEU A 28 5.55 4.75 8.17
CA LEU A 28 4.55 5.86 8.07
C LEU A 28 3.11 5.32 8.07
N HIS A 29 2.89 4.04 7.82
CA HIS A 29 1.50 3.48 7.82
C HIS A 29 1.21 2.77 9.15
N ASP A 30 2.23 2.47 9.90
CA ASP A 30 1.99 1.79 11.22
C ASP A 30 1.48 2.84 12.22
N ILE A 31 0.19 3.02 12.29
CA ILE A 31 -0.40 4.04 13.20
C ILE A 31 -0.29 3.59 14.66
N ASN A 32 -0.73 2.40 14.99
CA ASN A 32 -0.65 1.94 16.41
C ASN A 32 0.72 1.31 16.68
N SER A 33 1.60 1.34 15.72
CA SER A 33 2.96 0.75 15.93
C SER A 33 2.84 -0.63 16.59
N ASP A 34 2.13 -1.54 15.97
CA ASP A 34 1.98 -2.91 16.54
C ASP A 34 2.95 -3.85 15.83
N GLY A 35 3.70 -3.33 14.90
CA GLY A 35 4.68 -4.17 14.15
C GLY A 35 3.96 -4.98 13.07
N VAL A 36 2.67 -4.78 12.90
CA VAL A 36 1.92 -5.52 11.83
C VAL A 36 0.87 -4.57 11.24
N LEU A 37 0.30 -4.90 10.11
CA LEU A 37 -0.77 -4.03 9.49
C LEU A 37 -2.05 -4.86 9.36
N ASP A 38 -3.09 -4.50 10.08
CA ASP A 38 -4.37 -5.29 10.03
C ASP A 38 -5.39 -4.66 9.06
N GLU A 39 -6.57 -5.22 9.04
CA GLU A 39 -7.64 -4.73 8.11
C GLU A 39 -8.21 -3.37 8.54
N GLN A 40 -8.08 -2.97 9.78
CA GLN A 40 -8.64 -1.64 10.17
C GLN A 40 -7.72 -0.53 9.68
N GLU A 41 -6.46 -0.81 9.50
CA GLU A 41 -5.53 0.24 8.99
C GLU A 41 -5.54 0.20 7.45
N LEU A 42 -5.75 -0.96 6.90
CA LEU A 42 -5.80 -1.11 5.41
C LEU A 42 -7.17 -0.63 4.91
N GLU A 43 -8.21 -0.82 5.68
CA GLU A 43 -9.55 -0.36 5.24
C GLU A 43 -9.61 1.17 5.31
N ALA A 44 -9.14 1.75 6.37
CA ALA A 44 -9.19 3.24 6.50
C ALA A 44 -8.19 3.91 5.56
N LEU A 45 -6.99 3.41 5.46
CA LEU A 45 -6.00 4.07 4.57
C LEU A 45 -6.50 4.01 3.11
N PHE A 46 -7.33 3.04 2.80
CA PHE A 46 -7.85 2.94 1.41
C PHE A 46 -8.89 4.05 1.18
N THR A 47 -9.67 4.35 2.19
CA THR A 47 -10.72 5.39 2.05
C THR A 47 -10.13 6.77 1.74
N LYS A 48 -9.22 7.26 2.53
CA LYS A 48 -8.67 8.63 2.27
C LYS A 48 -7.73 8.66 1.05
N GLU A 49 -6.80 7.75 0.96
CA GLU A 49 -5.87 7.79 -0.21
C GLU A 49 -6.69 7.84 -1.51
N LEU A 50 -7.88 7.30 -1.49
CA LEU A 50 -8.73 7.34 -2.71
C LEU A 50 -9.43 8.70 -2.80
N GLU A 51 -9.60 9.34 -1.67
CA GLU A 51 -10.26 10.69 -1.64
C GLU A 51 -9.30 11.73 -2.22
N LYS A 52 -8.10 11.34 -2.57
CA LYS A 52 -7.12 12.31 -3.14
C LYS A 52 -7.04 12.14 -4.66
N VAL A 53 -8.18 12.00 -5.31
CA VAL A 53 -8.17 11.84 -6.79
C VAL A 53 -9.45 12.43 -7.39
N TYR A 54 -10.59 12.02 -6.91
CA TYR A 54 -11.87 12.56 -7.46
C TYR A 54 -12.22 13.88 -6.77
N ASP A 55 -13.46 14.06 -6.38
CA ASP A 55 -13.87 15.33 -5.71
C ASP A 55 -14.90 15.01 -4.61
N PRO A 56 -14.43 14.48 -3.49
CA PRO A 56 -15.32 14.12 -2.38
C PRO A 56 -16.07 15.37 -1.87
N LYS A 57 -16.92 15.20 -0.91
CA LYS A 57 -17.71 16.35 -0.35
C LYS A 57 -18.74 16.80 -1.39
N ASN A 58 -19.22 15.88 -2.19
CA ASN A 58 -20.24 16.21 -3.24
C ASN A 58 -21.37 15.17 -3.20
N GLU A 59 -21.36 14.29 -2.23
CA GLU A 59 -22.41 13.24 -2.14
C GLU A 59 -22.09 12.09 -3.11
N GLU A 60 -23.08 11.42 -3.62
CA GLU A 60 -22.81 10.30 -4.56
C GLU A 60 -22.85 10.82 -6.00
N ASP A 61 -21.83 11.54 -6.39
CA ASP A 61 -21.79 12.09 -7.78
C ASP A 61 -20.34 12.10 -8.29
N ASP A 62 -19.52 11.19 -7.85
CA ASP A 62 -18.11 11.17 -8.33
C ASP A 62 -17.42 9.90 -7.81
N MET A 63 -17.99 9.26 -6.82
CA MET A 63 -17.38 8.01 -6.27
C MET A 63 -18.26 6.83 -6.68
N ARG A 64 -19.12 7.02 -7.64
CA ARG A 64 -19.99 5.91 -8.11
C ARG A 64 -19.35 5.32 -9.37
N GLU A 65 -19.35 6.08 -10.43
CA GLU A 65 -18.78 5.59 -11.73
C GLU A 65 -17.55 4.68 -11.52
N MET A 66 -16.66 5.00 -10.60
CA MET A 66 -15.46 4.13 -10.41
C MET A 66 -15.73 3.01 -9.40
N GLU A 67 -16.93 2.96 -8.87
CA GLU A 67 -17.28 1.92 -7.84
C GLU A 67 -16.55 0.61 -8.12
N GLU A 68 -16.28 0.34 -9.37
CA GLU A 68 -15.55 -0.90 -9.72
C GLU A 68 -14.10 -0.80 -9.22
N GLU A 69 -13.40 0.24 -9.59
CA GLU A 69 -11.98 0.41 -9.17
C GLU A 69 -11.82 0.06 -7.68
N ARG A 70 -12.74 0.47 -6.86
CA ARG A 70 -12.63 0.16 -5.40
C ARG A 70 -12.39 -1.35 -5.22
N LEU A 71 -13.14 -2.15 -5.90
CA LEU A 71 -12.99 -3.63 -5.75
C LEU A 71 -11.78 -4.11 -6.58
N ARG A 72 -11.44 -3.41 -7.62
CA ARG A 72 -10.29 -3.86 -8.46
C ARG A 72 -8.97 -3.72 -7.69
N MET A 73 -8.81 -2.67 -6.93
CA MET A 73 -7.54 -2.48 -6.15
C MET A 73 -7.63 -3.21 -4.80
N ARG A 74 -8.69 -3.02 -4.07
CA ARG A 74 -8.81 -3.72 -2.76
C ARG A 74 -8.65 -5.23 -2.96
N GLU A 75 -9.13 -5.77 -4.03
CA GLU A 75 -8.99 -7.24 -4.26
C GLU A 75 -7.54 -7.59 -4.58
N HIS A 76 -6.94 -6.91 -5.53
CA HIS A 76 -5.53 -7.22 -5.88
C HIS A 76 -4.62 -7.11 -4.65
N VAL A 77 -4.88 -6.20 -3.75
CA VAL A 77 -3.99 -6.10 -2.55
C VAL A 77 -4.23 -7.29 -1.63
N MET A 78 -5.45 -7.51 -1.23
CA MET A 78 -5.74 -8.66 -0.33
C MET A 78 -5.38 -9.98 -1.01
N LYS A 79 -5.31 -10.02 -2.31
CA LYS A 79 -4.98 -11.30 -3.00
C LYS A 79 -3.45 -11.51 -3.07
N ASN A 80 -2.69 -10.47 -3.28
CA ASN A 80 -1.20 -10.63 -3.39
C ASN A 80 -0.45 -10.24 -2.10
N VAL A 81 -0.99 -9.39 -1.26
CA VAL A 81 -0.24 -9.00 -0.01
C VAL A 81 -0.66 -9.92 1.15
N ASP A 82 -1.88 -10.36 1.20
CA ASP A 82 -2.28 -11.27 2.31
C ASP A 82 -1.49 -12.58 2.12
N THR A 83 -0.40 -12.75 2.84
CA THR A 83 0.44 -13.97 2.64
C THR A 83 -0.11 -15.18 3.42
N ASN A 84 -0.27 -15.07 4.71
CA ASN A 84 -0.77 -16.24 5.51
C ASN A 84 -2.27 -16.08 5.76
N GLN A 85 -2.92 -15.34 4.91
CA GLN A 85 -4.39 -15.12 5.02
C GLN A 85 -4.85 -15.05 6.48
N ASP A 86 -3.99 -14.67 7.38
CA ASP A 86 -4.43 -14.55 8.80
C ASP A 86 -5.13 -13.21 8.94
N ARG A 87 -5.39 -12.61 7.81
CA ARG A 87 -6.04 -11.27 7.76
C ARG A 87 -5.10 -10.24 8.38
N LEU A 88 -4.00 -10.69 8.93
CA LEU A 88 -3.00 -9.76 9.54
C LEU A 88 -1.72 -9.85 8.70
N VAL A 89 -1.14 -8.73 8.38
CA VAL A 89 0.10 -8.74 7.54
C VAL A 89 1.27 -8.25 8.38
N THR A 90 2.37 -8.98 8.39
CA THR A 90 3.56 -8.51 9.20
C THR A 90 4.61 -8.00 8.22
N LEU A 91 5.68 -7.44 8.72
CA LEU A 91 6.75 -6.92 7.81
C LEU A 91 7.47 -8.10 7.15
N GLU A 92 7.63 -9.18 7.84
CA GLU A 92 8.37 -10.33 7.26
C GLU A 92 7.68 -10.86 6.00
N GLU A 93 6.52 -11.44 6.14
CA GLU A 93 5.83 -12.01 4.97
C GLU A 93 5.47 -10.91 3.95
N PHE A 94 5.22 -9.72 4.41
CA PHE A 94 4.87 -8.62 3.45
C PHE A 94 6.02 -8.42 2.46
N LEU A 95 7.22 -8.24 2.95
CA LEU A 95 8.38 -8.05 2.04
C LEU A 95 8.38 -9.16 1.00
N ALA A 96 8.23 -10.39 1.44
CA ALA A 96 8.22 -11.53 0.49
C ALA A 96 7.29 -11.23 -0.68
N SER A 97 6.06 -10.92 -0.41
CA SER A 97 5.10 -10.65 -1.52
C SER A 97 5.62 -9.53 -2.42
N THR A 98 6.39 -8.60 -1.88
CA THR A 98 6.91 -7.47 -2.73
C THR A 98 8.34 -7.78 -3.18
N GLN A 99 8.79 -9.00 -3.03
CA GLN A 99 10.17 -9.35 -3.47
C GLN A 99 10.23 -9.29 -5.00
N ARG A 100 9.83 -8.18 -5.57
CA ARG A 100 9.86 -8.02 -7.05
C ARG A 100 9.39 -6.60 -7.41
N LYS A 101 8.49 -6.07 -6.63
CA LYS A 101 7.97 -4.70 -6.93
C LYS A 101 9.16 -3.75 -7.14
N GLU A 102 10.32 -4.12 -6.68
CA GLU A 102 11.51 -3.25 -6.87
C GLU A 102 11.79 -3.09 -8.36
N PHE A 103 11.13 -2.15 -8.99
CA PHE A 103 11.36 -1.94 -10.45
C PHE A 103 12.64 -1.12 -10.64
N LEU A 5 16.87 13.23 -23.37
CA LEU A 5 16.83 11.79 -22.98
C LEU A 5 15.39 11.35 -22.77
N LYS A 6 15.18 10.19 -22.19
CA LYS A 6 13.79 9.70 -21.95
C LYS A 6 13.74 8.95 -20.62
N GLU A 7 12.56 8.59 -20.17
CA GLU A 7 12.45 7.86 -18.88
C GLU A 7 11.02 7.33 -18.72
N VAL A 8 10.84 6.04 -18.88
CA VAL A 8 9.48 5.46 -18.73
C VAL A 8 9.04 5.56 -17.28
N TRP A 9 9.46 4.64 -16.45
CA TRP A 9 9.06 4.69 -15.02
C TRP A 9 9.84 3.62 -14.24
N GLU A 10 9.41 2.39 -14.31
CA GLU A 10 10.14 1.31 -13.58
C GLU A 10 11.50 1.08 -14.23
N GLU A 11 11.52 0.92 -15.52
CA GLU A 11 12.81 0.69 -16.23
C GLU A 11 13.55 -0.49 -15.59
N LEU A 12 12.98 -1.66 -15.66
CA LEU A 12 13.65 -2.86 -15.05
C LEU A 12 15.13 -2.86 -15.43
N ASP A 13 16.01 -3.11 -14.49
CA ASP A 13 17.48 -3.12 -14.77
C ASP A 13 18.07 -4.43 -14.26
N GLY A 14 17.54 -5.55 -14.69
CA GLY A 14 18.06 -6.85 -14.18
C GLY A 14 17.43 -7.13 -12.82
N LEU A 15 16.15 -7.39 -12.80
CA LEU A 15 15.41 -7.70 -11.53
C LEU A 15 15.71 -6.63 -10.46
N ASP A 16 14.68 -5.98 -9.97
CA ASP A 16 14.86 -4.93 -8.92
C ASP A 16 13.80 -5.10 -7.82
N PRO A 17 13.92 -6.16 -7.03
CA PRO A 17 12.96 -6.43 -5.95
C PRO A 17 12.98 -5.29 -4.93
N ASN A 18 14.14 -4.75 -4.67
CA ASN A 18 14.29 -3.63 -3.68
C ASN A 18 14.68 -2.37 -4.43
N ARG A 19 13.72 -1.59 -4.83
CA ARG A 19 14.05 -0.33 -5.56
C ARG A 19 14.90 0.58 -4.68
N PHE A 20 14.72 0.50 -3.39
CA PHE A 20 15.52 1.37 -2.48
C PHE A 20 15.37 0.88 -1.03
N ASN A 21 14.22 1.07 -0.44
CA ASN A 21 14.03 0.63 0.97
C ASN A 21 12.53 0.63 1.31
N PRO A 22 11.80 -0.39 0.86
CA PRO A 22 10.36 -0.48 1.13
C PRO A 22 10.10 -0.53 2.65
N LYS A 23 11.13 -0.79 3.41
CA LYS A 23 10.97 -0.86 4.89
C LYS A 23 10.36 0.44 5.45
N THR A 24 10.79 1.59 4.97
CA THR A 24 10.24 2.85 5.52
C THR A 24 8.77 3.02 5.12
N PHE A 25 8.42 2.70 3.91
CA PHE A 25 7.00 2.85 3.49
C PHE A 25 6.13 2.08 4.49
N PHE A 26 6.63 1.00 5.00
CA PHE A 26 5.86 0.19 5.99
C PHE A 26 5.74 0.96 7.31
N ILE A 27 6.76 1.71 7.69
CA ILE A 27 6.69 2.46 8.97
C ILE A 27 5.66 3.59 8.83
N LEU A 28 5.88 4.48 7.91
CA LEU A 28 4.92 5.61 7.71
C LEU A 28 3.46 5.09 7.75
N HIS A 29 3.17 3.92 7.23
CA HIS A 29 1.76 3.42 7.27
C HIS A 29 1.49 2.80 8.64
N ASP A 30 2.51 2.59 9.44
CA ASP A 30 2.27 2.00 10.80
C ASP A 30 1.80 3.11 11.74
N ILE A 31 0.51 3.32 11.83
CA ILE A 31 -0.02 4.40 12.71
C ILE A 31 0.05 3.98 14.19
N ASN A 32 -0.48 2.84 14.53
CA ASN A 32 -0.44 2.41 15.97
C ASN A 32 0.87 1.68 16.25
N SER A 33 1.81 1.73 15.35
CA SER A 33 3.12 1.05 15.57
C SER A 33 2.90 -0.34 16.17
N ASP A 34 2.08 -1.15 15.55
CA ASP A 34 1.85 -2.53 16.08
C ASP A 34 2.79 -3.49 15.35
N GLY A 35 3.55 -2.97 14.42
CA GLY A 35 4.51 -3.82 13.66
C GLY A 35 3.74 -4.62 12.60
N VAL A 36 2.43 -4.50 12.56
CA VAL A 36 1.64 -5.24 11.53
C VAL A 36 0.47 -4.33 11.07
N LEU A 37 -0.17 -4.66 9.97
CA LEU A 37 -1.35 -3.84 9.48
C LEU A 37 -2.57 -4.77 9.39
N ASP A 38 -3.67 -4.43 10.04
CA ASP A 38 -4.89 -5.30 10.00
C ASP A 38 -5.98 -4.66 9.15
N GLU A 39 -7.12 -5.28 9.08
CA GLU A 39 -8.25 -4.74 8.26
C GLU A 39 -8.66 -3.35 8.73
N GLN A 40 -8.22 -2.91 9.88
CA GLN A 40 -8.61 -1.55 10.34
C GLN A 40 -7.70 -0.51 9.65
N GLU A 41 -6.50 -0.87 9.29
CA GLU A 41 -5.60 0.10 8.62
C GLU A 41 -5.90 0.14 7.12
N LEU A 42 -6.22 -0.97 6.51
CA LEU A 42 -6.53 -0.96 5.06
C LEU A 42 -7.95 -0.39 4.89
N GLU A 43 -8.81 -0.59 5.84
CA GLU A 43 -10.18 -0.03 5.73
C GLU A 43 -10.07 1.49 5.66
N ALA A 44 -9.27 2.06 6.52
CA ALA A 44 -9.11 3.54 6.52
C ALA A 44 -8.27 4.00 5.31
N LEU A 45 -7.38 3.17 4.84
CA LEU A 45 -6.53 3.59 3.68
C LEU A 45 -7.34 3.60 2.38
N PHE A 46 -8.38 2.79 2.28
CA PHE A 46 -9.18 2.78 1.03
C PHE A 46 -10.16 3.96 1.05
N THR A 47 -10.90 4.11 2.13
CA THR A 47 -11.89 5.23 2.21
C THR A 47 -11.19 6.59 2.05
N LYS A 48 -10.20 6.87 2.85
CA LYS A 48 -9.53 8.20 2.77
C LYS A 48 -8.89 8.44 1.39
N GLU A 49 -8.15 7.51 0.87
CA GLU A 49 -7.52 7.74 -0.46
C GLU A 49 -8.61 8.12 -1.47
N LEU A 50 -9.82 7.68 -1.25
CA LEU A 50 -10.91 8.00 -2.20
C LEU A 50 -11.50 9.40 -1.93
N GLU A 51 -11.61 9.80 -0.69
CA GLU A 51 -12.18 11.15 -0.42
C GLU A 51 -11.14 12.22 -0.76
N LYS A 52 -9.98 11.81 -1.21
CA LYS A 52 -8.90 12.79 -1.54
C LYS A 52 -9.01 13.14 -3.03
N VAL A 53 -9.51 12.24 -3.84
CA VAL A 53 -9.62 12.52 -5.31
C VAL A 53 -11.07 12.87 -5.66
N TYR A 54 -12.00 12.02 -5.30
CA TYR A 54 -13.43 12.32 -5.63
C TYR A 54 -13.93 13.47 -4.73
N ASP A 55 -15.07 13.30 -4.11
CA ASP A 55 -15.62 14.38 -3.21
C ASP A 55 -16.95 13.91 -2.61
N PRO A 56 -16.89 12.95 -1.72
CA PRO A 56 -18.10 12.41 -1.08
C PRO A 56 -18.84 13.54 -0.33
N LYS A 57 -19.98 13.22 0.23
CA LYS A 57 -20.74 14.26 0.97
C LYS A 57 -20.96 15.48 0.07
N ASN A 58 -21.29 15.25 -1.18
CA ASN A 58 -21.52 16.39 -2.11
C ASN A 58 -22.04 15.88 -3.46
N GLU A 59 -21.63 14.71 -3.87
CA GLU A 59 -22.09 14.14 -5.17
C GLU A 59 -22.97 12.92 -4.92
N GLU A 60 -23.71 12.49 -5.90
CA GLU A 60 -24.61 11.31 -5.72
C GLU A 60 -23.78 10.12 -5.25
N ASP A 61 -24.35 8.94 -5.25
CA ASP A 61 -23.60 7.74 -4.81
C ASP A 61 -22.60 7.33 -5.88
N ASP A 62 -22.02 8.26 -6.57
CA ASP A 62 -21.02 7.91 -7.64
C ASP A 62 -19.98 6.94 -7.07
N MET A 63 -20.00 6.73 -5.78
CA MET A 63 -19.01 5.79 -5.16
C MET A 63 -19.35 4.36 -5.60
N ARG A 64 -20.45 4.18 -6.28
CA ARG A 64 -20.84 2.82 -6.73
C ARG A 64 -20.22 2.54 -8.11
N GLU A 65 -20.37 3.45 -9.04
CA GLU A 65 -19.79 3.21 -10.38
C GLU A 65 -18.28 2.96 -10.26
N MET A 66 -17.56 3.89 -9.68
CA MET A 66 -16.08 3.71 -9.53
C MET A 66 -15.75 2.46 -8.70
N GLU A 67 -16.74 1.81 -8.13
CA GLU A 67 -16.46 0.58 -7.31
C GLU A 67 -15.38 -0.27 -7.97
N GLU A 68 -15.19 -0.11 -9.26
CA GLU A 68 -14.15 -0.89 -9.96
C GLU A 68 -12.80 -0.68 -9.26
N GLU A 69 -12.53 0.52 -8.82
CA GLU A 69 -11.23 0.78 -8.13
C GLU A 69 -11.29 0.13 -6.74
N ARG A 70 -12.40 0.25 -6.07
CA ARG A 70 -12.54 -0.35 -4.71
C ARG A 70 -12.13 -1.82 -4.78
N LEU A 71 -12.55 -2.52 -5.79
CA LEU A 71 -12.19 -3.96 -5.92
C LEU A 71 -10.75 -4.09 -6.41
N ARG A 72 -10.25 -3.12 -7.14
CA ARG A 72 -8.86 -3.23 -7.64
C ARG A 72 -7.87 -2.99 -6.50
N MET A 73 -8.16 -2.09 -5.60
CA MET A 73 -7.21 -1.85 -4.46
C MET A 73 -7.52 -2.84 -3.33
N ARG A 74 -8.77 -3.05 -3.04
CA ARG A 74 -9.12 -4.00 -1.95
C ARG A 74 -8.76 -5.44 -2.34
N GLU A 75 -8.98 -5.82 -3.59
CA GLU A 75 -8.66 -7.21 -4.00
C GLU A 75 -7.18 -7.37 -4.39
N HIS A 76 -6.68 -6.53 -5.25
CA HIS A 76 -5.25 -6.67 -5.67
C HIS A 76 -4.34 -6.70 -4.44
N VAL A 77 -4.60 -5.89 -3.45
CA VAL A 77 -3.72 -5.91 -2.24
C VAL A 77 -4.00 -7.17 -1.42
N MET A 78 -5.24 -7.46 -1.17
CA MET A 78 -5.58 -8.67 -0.36
C MET A 78 -5.26 -9.94 -1.15
N LYS A 79 -5.09 -9.85 -2.45
CA LYS A 79 -4.81 -11.09 -3.23
C LYS A 79 -3.29 -11.33 -3.34
N ASN A 80 -2.49 -10.29 -3.43
CA ASN A 80 -1.01 -10.49 -3.59
C ASN A 80 -0.21 -10.18 -2.31
N VAL A 81 -0.69 -9.33 -1.42
CA VAL A 81 0.11 -9.03 -0.18
C VAL A 81 -0.32 -9.92 0.98
N ASP A 82 -1.57 -10.32 1.04
CA ASP A 82 -1.98 -11.23 2.15
C ASP A 82 -1.31 -12.58 1.93
N THR A 83 -0.28 -12.87 2.67
CA THR A 83 0.44 -14.17 2.46
C THR A 83 -0.25 -15.32 3.20
N ASN A 84 -0.49 -15.17 4.47
CA ASN A 84 -1.15 -16.27 5.25
C ASN A 84 -2.63 -15.94 5.45
N GLN A 85 -3.17 -15.13 4.58
CA GLN A 85 -4.61 -14.74 4.65
C GLN A 85 -5.14 -14.70 6.08
N ASP A 86 -4.33 -14.29 7.01
CA ASP A 86 -4.81 -14.19 8.43
C ASP A 86 -5.49 -12.84 8.59
N ARG A 87 -5.73 -12.18 7.49
CA ARG A 87 -6.35 -10.84 7.51
C ARG A 87 -5.39 -9.87 8.19
N LEU A 88 -4.30 -10.39 8.68
CA LEU A 88 -3.26 -9.55 9.36
C LEU A 88 -1.96 -9.76 8.59
N VAL A 89 -1.26 -8.70 8.29
CA VAL A 89 0.02 -8.81 7.50
C VAL A 89 1.21 -8.41 8.38
N THR A 90 2.24 -9.22 8.42
CA THR A 90 3.45 -8.85 9.22
C THR A 90 4.50 -8.29 8.27
N LEU A 91 5.59 -7.79 8.79
CA LEU A 91 6.65 -7.23 7.91
C LEU A 91 7.40 -8.38 7.22
N GLU A 92 7.59 -9.46 7.91
CA GLU A 92 8.35 -10.59 7.30
C GLU A 92 7.62 -11.17 6.08
N GLU A 93 6.42 -11.67 6.25
CA GLU A 93 5.71 -12.27 5.08
C GLU A 93 5.45 -11.20 4.01
N PHE A 94 5.23 -9.97 4.40
CA PHE A 94 4.97 -8.90 3.38
C PHE A 94 6.25 -8.68 2.55
N LEU A 95 7.35 -8.45 3.20
CA LEU A 95 8.63 -8.25 2.46
C LEU A 95 8.77 -9.35 1.39
N ALA A 96 8.50 -10.57 1.74
CA ALA A 96 8.63 -11.68 0.74
C ALA A 96 7.81 -11.33 -0.52
N SER A 97 6.54 -11.10 -0.38
CA SER A 97 5.70 -10.77 -1.58
C SER A 97 6.42 -9.76 -2.46
N THR A 98 7.27 -8.94 -1.88
CA THR A 98 8.02 -7.94 -2.70
C THR A 98 9.42 -8.50 -2.99
N GLN A 99 10.13 -8.88 -1.96
CA GLN A 99 11.50 -9.44 -2.16
C GLN A 99 11.43 -10.58 -3.20
N ARG A 100 12.55 -11.15 -3.54
CA ARG A 100 12.55 -12.26 -4.54
C ARG A 100 13.85 -13.04 -4.42
N LYS A 101 14.31 -13.29 -3.23
CA LYS A 101 15.58 -14.04 -3.04
C LYS A 101 15.55 -15.32 -3.87
N GLU A 102 14.38 -15.77 -4.25
CA GLU A 102 14.28 -17.02 -5.05
C GLU A 102 14.92 -16.80 -6.42
N PHE A 103 16.18 -17.12 -6.56
CA PHE A 103 16.85 -16.93 -7.88
C PHE A 103 18.24 -17.57 -7.83
N LEU A 5 23.81 11.08 -26.92
CA LEU A 5 24.33 9.90 -27.65
C LEU A 5 24.13 8.64 -26.81
N LYS A 6 22.91 8.34 -26.45
CA LYS A 6 22.65 7.12 -25.63
C LYS A 6 23.57 7.14 -24.41
N GLU A 7 24.61 6.35 -24.43
CA GLU A 7 25.54 6.32 -23.26
C GLU A 7 26.88 5.70 -23.69
N VAL A 8 26.87 4.93 -24.74
CA VAL A 8 28.14 4.29 -25.21
C VAL A 8 28.78 3.50 -24.06
N TRP A 9 29.54 4.16 -23.22
CA TRP A 9 30.18 3.43 -22.08
C TRP A 9 29.10 2.85 -21.16
N GLU A 10 29.27 2.99 -19.88
CA GLU A 10 28.25 2.44 -18.94
C GLU A 10 28.41 3.12 -17.57
N GLU A 11 27.33 3.28 -16.86
CA GLU A 11 27.39 3.92 -15.51
C GLU A 11 26.06 3.69 -14.79
N LEU A 12 25.53 2.52 -14.91
CA LEU A 12 24.23 2.19 -14.23
C LEU A 12 23.94 0.71 -14.46
N ASP A 13 23.42 0.02 -13.47
CA ASP A 13 23.12 -1.43 -13.64
C ASP A 13 21.68 -1.58 -14.13
N GLY A 14 20.86 -0.59 -13.91
CA GLY A 14 19.44 -0.67 -14.34
C GLY A 14 18.64 -1.40 -13.27
N LEU A 15 19.30 -1.82 -12.23
CA LEU A 15 18.59 -2.55 -11.13
C LEU A 15 19.53 -2.71 -9.94
N ASP A 16 19.84 -1.63 -9.26
CA ASP A 16 20.76 -1.72 -8.08
C ASP A 16 19.94 -2.16 -6.85
N PRO A 17 20.56 -2.87 -5.92
CA PRO A 17 19.85 -3.31 -4.69
C PRO A 17 19.39 -2.08 -3.91
N ASN A 18 19.85 -0.91 -4.27
CA ASN A 18 19.44 0.32 -3.54
C ASN A 18 17.95 0.56 -3.74
N ARG A 19 17.11 -0.30 -3.20
CA ARG A 19 15.64 -0.11 -3.36
C ARG A 19 15.24 1.23 -2.74
N PHE A 20 13.99 1.62 -2.90
CA PHE A 20 13.54 2.92 -2.33
C PHE A 20 13.30 2.75 -0.82
N ASN A 21 13.97 1.81 -0.21
CA ASN A 21 13.79 1.61 1.26
C ASN A 21 12.30 1.47 1.58
N PRO A 22 11.69 0.39 1.17
CA PRO A 22 10.25 0.15 1.41
C PRO A 22 9.99 0.07 2.93
N LYS A 23 11.01 -0.17 3.70
CA LYS A 23 10.85 -0.28 5.18
C LYS A 23 10.18 0.98 5.75
N THR A 24 10.50 2.13 5.22
CA THR A 24 9.89 3.37 5.77
C THR A 24 8.42 3.47 5.40
N PHE A 25 8.06 3.12 4.19
CA PHE A 25 6.62 3.20 3.80
C PHE A 25 5.81 2.36 4.80
N PHE A 26 6.36 1.28 5.26
CA PHE A 26 5.63 0.42 6.23
C PHE A 26 5.52 1.13 7.58
N ILE A 27 6.49 1.92 7.95
CA ILE A 27 6.41 2.64 9.24
C ILE A 27 5.38 3.77 9.15
N LEU A 28 5.61 4.69 8.25
CA LEU A 28 4.64 5.83 8.11
C LEU A 28 3.19 5.33 8.08
N HIS A 29 2.90 4.21 7.44
CA HIS A 29 1.50 3.72 7.41
C HIS A 29 1.15 3.03 8.72
N ASP A 30 2.13 2.67 9.52
CA ASP A 30 1.83 2.01 10.82
C ASP A 30 1.38 3.08 11.83
N ILE A 31 0.09 3.26 11.97
CA ILE A 31 -0.44 4.28 12.90
C ILE A 31 -0.31 3.83 14.35
N ASN A 32 -0.73 2.63 14.66
CA ASN A 32 -0.63 2.16 16.09
C ASN A 32 0.73 1.50 16.32
N SER A 33 1.61 1.56 15.38
CA SER A 33 2.96 0.95 15.57
C SER A 33 2.84 -0.45 16.18
N ASP A 34 2.07 -1.31 15.57
CA ASP A 34 1.92 -2.70 16.12
C ASP A 34 2.92 -3.62 15.41
N GLY A 35 3.65 -3.09 14.46
CA GLY A 35 4.65 -3.91 13.72
C GLY A 35 3.94 -4.74 12.65
N VAL A 36 2.63 -4.71 12.62
CA VAL A 36 1.86 -5.48 11.58
C VAL A 36 0.81 -4.55 10.98
N LEU A 37 0.23 -4.90 9.87
CA LEU A 37 -0.84 -4.04 9.25
C LEU A 37 -2.15 -4.83 9.26
N ASP A 38 -3.20 -4.29 9.84
CA ASP A 38 -4.50 -5.04 9.91
C ASP A 38 -5.51 -4.48 8.91
N GLU A 39 -6.68 -5.07 8.88
CA GLU A 39 -7.74 -4.61 7.94
C GLU A 39 -8.25 -3.24 8.33
N GLN A 40 -7.84 -2.73 9.46
CA GLN A 40 -8.32 -1.37 9.88
C GLN A 40 -7.42 -0.31 9.25
N GLU A 41 -6.13 -0.49 9.34
CA GLU A 41 -5.20 0.51 8.73
C GLU A 41 -5.23 0.37 7.22
N LEU A 42 -5.49 -0.82 6.73
CA LEU A 42 -5.55 -1.06 5.26
C LEU A 42 -6.89 -0.59 4.71
N GLU A 43 -7.98 -0.83 5.41
CA GLU A 43 -9.29 -0.37 4.88
C GLU A 43 -9.41 1.15 5.05
N ALA A 44 -9.04 1.67 6.19
CA ALA A 44 -9.16 3.14 6.40
C ALA A 44 -8.14 3.89 5.53
N LEU A 45 -6.99 3.32 5.29
CA LEU A 45 -5.97 4.03 4.47
C LEU A 45 -6.33 3.98 2.98
N PHE A 46 -7.05 2.96 2.55
CA PHE A 46 -7.40 2.89 1.09
C PHE A 46 -8.63 3.78 0.83
N THR A 47 -9.67 3.62 1.61
CA THR A 47 -10.90 4.44 1.40
C THR A 47 -10.60 5.92 1.58
N LYS A 48 -9.87 6.30 2.60
CA LYS A 48 -9.62 7.76 2.82
C LYS A 48 -8.73 8.33 1.70
N GLU A 49 -7.69 7.65 1.30
CA GLU A 49 -6.82 8.21 0.23
C GLU A 49 -7.70 8.60 -0.97
N LEU A 50 -8.70 7.83 -1.25
CA LEU A 50 -9.59 8.17 -2.40
C LEU A 50 -10.36 9.45 -2.04
N GLU A 51 -10.55 9.70 -0.77
CA GLU A 51 -11.25 10.94 -0.33
C GLU A 51 -10.46 12.15 -0.83
N LYS A 52 -9.34 11.93 -1.46
CA LYS A 52 -8.51 13.05 -1.99
C LYS A 52 -8.37 12.89 -3.51
N VAL A 53 -9.46 12.61 -4.18
CA VAL A 53 -9.40 12.44 -5.67
C VAL A 53 -10.73 12.88 -6.29
N TYR A 54 -11.82 12.34 -5.83
CA TYR A 54 -13.15 12.72 -6.40
C TYR A 54 -13.63 14.03 -5.76
N ASP A 55 -12.77 14.72 -5.06
CA ASP A 55 -13.19 16.01 -4.42
C ASP A 55 -14.33 15.73 -3.41
N PRO A 56 -14.06 15.73 -2.12
CA PRO A 56 -15.12 15.46 -1.13
C PRO A 56 -16.07 16.65 -1.07
N LYS A 57 -17.17 16.51 -0.38
CA LYS A 57 -18.17 17.63 -0.28
C LYS A 57 -18.67 17.99 -1.68
N ASN A 58 -18.27 17.25 -2.68
CA ASN A 58 -18.75 17.54 -4.06
C ASN A 58 -20.09 16.85 -4.28
N GLU A 59 -20.54 16.11 -3.30
CA GLU A 59 -21.83 15.39 -3.43
C GLU A 59 -21.85 14.60 -4.74
N GLU A 60 -22.99 14.50 -5.37
CA GLU A 60 -23.09 13.75 -6.65
C GLU A 60 -22.40 12.39 -6.50
N ASP A 61 -21.11 12.33 -6.74
CA ASP A 61 -20.39 11.03 -6.62
C ASP A 61 -20.50 10.52 -5.18
N ASP A 62 -21.63 9.96 -4.83
CA ASP A 62 -21.83 9.44 -3.44
C ASP A 62 -20.78 8.36 -3.10
N MET A 63 -19.67 8.34 -3.78
CA MET A 63 -18.63 7.31 -3.48
C MET A 63 -19.28 5.93 -3.51
N ARG A 64 -20.12 5.69 -4.48
CA ARG A 64 -20.82 4.37 -4.58
C ARG A 64 -20.73 3.88 -6.02
N GLU A 65 -21.36 4.54 -6.95
CA GLU A 65 -21.31 4.08 -8.37
C GLU A 65 -19.85 3.74 -8.74
N MET A 66 -18.91 4.40 -8.13
CA MET A 66 -17.46 4.13 -8.45
C MET A 66 -16.95 2.95 -7.61
N GLU A 67 -17.80 2.32 -6.83
CA GLU A 67 -17.36 1.18 -5.99
C GLU A 67 -16.67 0.11 -6.87
N GLU A 68 -16.60 0.35 -8.16
CA GLU A 68 -15.95 -0.64 -9.07
C GLU A 68 -14.43 -0.58 -8.88
N GLU A 69 -13.86 0.58 -8.89
CA GLU A 69 -12.38 0.70 -8.71
C GLU A 69 -12.01 0.30 -7.29
N ARG A 70 -12.81 0.68 -6.33
CA ARG A 70 -12.50 0.33 -4.92
C ARG A 70 -12.35 -1.18 -4.79
N LEU A 71 -13.14 -1.94 -5.52
CA LEU A 71 -13.03 -3.43 -5.42
C LEU A 71 -11.88 -3.94 -6.29
N ARG A 72 -11.55 -3.23 -7.35
CA ARG A 72 -10.45 -3.68 -8.24
C ARG A 72 -9.12 -3.61 -7.49
N MET A 73 -8.90 -2.57 -6.72
CA MET A 73 -7.61 -2.45 -5.97
C MET A 73 -7.70 -3.22 -4.65
N ARG A 74 -8.74 -3.02 -3.87
CA ARG A 74 -8.85 -3.76 -2.58
C ARG A 74 -8.74 -5.26 -2.83
N GLU A 75 -9.12 -5.73 -3.99
CA GLU A 75 -9.03 -7.19 -4.26
C GLU A 75 -7.59 -7.58 -4.62
N HIS A 76 -6.99 -6.89 -5.56
CA HIS A 76 -5.59 -7.22 -5.96
C HIS A 76 -4.66 -7.21 -4.74
N VAL A 77 -4.90 -6.35 -3.78
CA VAL A 77 -4.00 -6.34 -2.59
C VAL A 77 -4.26 -7.56 -1.71
N MET A 78 -5.49 -7.76 -1.31
CA MET A 78 -5.81 -8.93 -0.46
C MET A 78 -5.50 -10.23 -1.21
N LYS A 79 -5.36 -10.19 -2.51
CA LYS A 79 -5.08 -11.44 -3.27
C LYS A 79 -3.57 -11.62 -3.50
N ASN A 80 -2.86 -10.56 -3.76
CA ASN A 80 -1.39 -10.68 -4.04
C ASN A 80 -0.53 -10.37 -2.79
N VAL A 81 -1.10 -9.86 -1.71
CA VAL A 81 -0.26 -9.57 -0.50
C VAL A 81 -0.69 -10.45 0.68
N ASP A 82 -1.95 -10.77 0.80
CA ASP A 82 -2.39 -11.67 1.93
C ASP A 82 -1.47 -12.89 1.99
N THR A 83 -0.62 -12.95 2.97
CA THR A 83 0.33 -14.08 3.06
C THR A 83 -0.33 -15.29 3.73
N ASN A 84 -0.67 -15.20 4.99
CA ASN A 84 -1.32 -16.36 5.69
C ASN A 84 -2.81 -16.08 5.85
N GLN A 85 -3.35 -15.27 4.99
CA GLN A 85 -4.81 -14.94 5.04
C GLN A 85 -5.30 -14.84 6.48
N ASP A 86 -4.45 -14.53 7.41
CA ASP A 86 -4.88 -14.38 8.82
C ASP A 86 -5.50 -13.00 8.95
N ARG A 87 -5.74 -12.39 7.83
CA ARG A 87 -6.31 -11.01 7.80
C ARG A 87 -5.29 -10.04 8.40
N LEU A 88 -4.20 -10.57 8.91
CA LEU A 88 -3.13 -9.70 9.49
C LEU A 88 -1.87 -9.88 8.65
N VAL A 89 -1.24 -8.80 8.29
CA VAL A 89 0.02 -8.89 7.46
C VAL A 89 1.21 -8.47 8.30
N THR A 90 2.27 -9.25 8.31
CA THR A 90 3.48 -8.87 9.13
C THR A 90 4.57 -8.34 8.20
N LEU A 91 5.50 -7.60 8.74
CA LEU A 91 6.62 -7.06 7.91
C LEU A 91 7.39 -8.24 7.33
N GLU A 92 7.53 -9.28 8.10
CA GLU A 92 8.31 -10.45 7.62
C GLU A 92 7.74 -11.00 6.31
N GLU A 93 6.56 -11.56 6.36
CA GLU A 93 5.97 -12.14 5.11
C GLU A 93 5.71 -11.05 4.07
N PHE A 94 5.34 -9.86 4.48
CA PHE A 94 5.06 -8.79 3.49
C PHE A 94 6.32 -8.55 2.63
N LEU A 95 7.46 -8.38 3.26
CA LEU A 95 8.70 -8.18 2.48
C LEU A 95 8.84 -9.30 1.46
N ALA A 96 8.61 -10.52 1.86
CA ALA A 96 8.71 -11.68 0.92
C ALA A 96 8.03 -11.32 -0.41
N SER A 97 6.81 -10.86 -0.36
CA SER A 97 6.08 -10.51 -1.61
C SER A 97 6.84 -9.46 -2.41
N THR A 98 7.56 -8.57 -1.75
CA THR A 98 8.31 -7.52 -2.51
C THR A 98 9.75 -7.98 -2.78
N GLN A 99 10.57 -8.06 -1.75
CA GLN A 99 11.98 -8.48 -1.97
C GLN A 99 12.02 -9.72 -2.87
N ARG A 100 13.17 -10.13 -3.32
CA ARG A 100 13.25 -11.32 -4.20
C ARG A 100 14.71 -11.81 -4.28
N LYS A 101 15.07 -12.74 -3.43
CA LYS A 101 16.46 -13.25 -3.45
C LYS A 101 16.56 -14.51 -2.59
N GLU A 102 16.09 -15.63 -3.10
CA GLU A 102 16.15 -16.90 -2.31
C GLU A 102 17.61 -17.28 -2.06
N PHE A 103 18.32 -16.51 -1.29
CA PHE A 103 19.74 -16.85 -1.00
C PHE A 103 20.47 -17.13 -2.32
N LEU A 5 29.37 28.35 4.24
CA LEU A 5 29.41 29.50 3.31
C LEU A 5 28.83 29.08 1.95
N LYS A 6 29.31 28.02 1.40
CA LYS A 6 28.79 27.55 0.08
C LYS A 6 27.38 26.97 0.27
N GLU A 7 26.77 26.53 -0.79
CA GLU A 7 25.39 25.95 -0.66
C GLU A 7 25.47 24.66 0.17
N VAL A 8 24.50 24.44 1.01
CA VAL A 8 24.52 23.20 1.84
C VAL A 8 24.38 21.98 0.93
N TRP A 9 25.26 21.03 1.06
CA TRP A 9 25.18 19.81 0.22
C TRP A 9 23.91 19.04 0.54
N GLU A 10 22.96 19.05 -0.35
CA GLU A 10 21.68 18.32 -0.09
C GLU A 10 20.92 18.14 -1.41
N GLU A 11 21.47 17.38 -2.32
CA GLU A 11 20.78 17.17 -3.62
C GLU A 11 21.45 16.03 -4.38
N LEU A 12 20.72 15.40 -5.28
CA LEU A 12 21.32 14.27 -6.07
C LEU A 12 20.67 14.24 -7.45
N ASP A 13 21.45 14.26 -8.49
CA ASP A 13 20.89 14.23 -9.88
C ASP A 13 20.95 12.80 -10.41
N GLY A 14 20.14 11.93 -9.88
CA GLY A 14 20.14 10.52 -10.34
C GLY A 14 18.84 9.83 -9.90
N LEU A 15 18.74 9.52 -8.64
CA LEU A 15 17.50 8.84 -8.12
C LEU A 15 17.01 9.57 -6.88
N ASP A 16 17.54 9.28 -5.73
CA ASP A 16 17.10 9.97 -4.48
C ASP A 16 18.25 9.93 -3.44
N PRO A 17 18.20 10.79 -2.44
CA PRO A 17 19.24 10.82 -1.41
C PRO A 17 19.34 9.46 -0.71
N ASN A 18 18.23 8.88 -0.36
CA ASN A 18 18.26 7.55 0.32
C ASN A 18 18.42 6.43 -0.72
N ARG A 19 17.48 5.54 -0.84
CA ARG A 19 17.61 4.44 -1.85
C ARG A 19 16.32 3.61 -1.84
N PHE A 20 16.20 2.67 -2.74
CA PHE A 20 14.98 1.82 -2.77
C PHE A 20 14.84 1.12 -1.43
N ASN A 21 14.01 1.63 -0.55
CA ASN A 21 13.83 1.00 0.80
C ASN A 21 12.33 0.98 1.16
N PRO A 22 11.59 0.03 0.62
CA PRO A 22 10.15 -0.07 0.91
C PRO A 22 9.91 -0.23 2.42
N LYS A 23 10.97 -0.43 3.16
CA LYS A 23 10.86 -0.60 4.63
C LYS A 23 10.25 0.67 5.26
N THR A 24 10.59 1.83 4.77
CA THR A 24 10.04 3.07 5.38
C THR A 24 8.55 3.19 5.08
N PHE A 25 8.13 2.84 3.89
CA PHE A 25 6.68 2.95 3.55
C PHE A 25 5.89 2.13 4.59
N PHE A 26 6.40 0.99 4.96
CA PHE A 26 5.69 0.14 5.95
C PHE A 26 5.62 0.84 7.31
N ILE A 27 6.65 1.55 7.69
CA ILE A 27 6.64 2.24 9.00
C ILE A 27 5.67 3.40 8.97
N LEU A 28 5.91 4.37 8.11
CA LEU A 28 4.98 5.53 8.03
C LEU A 28 3.50 5.04 8.00
N HIS A 29 3.20 3.95 7.33
CA HIS A 29 1.79 3.45 7.30
C HIS A 29 1.44 2.82 8.65
N ASP A 30 2.42 2.53 9.47
CA ASP A 30 2.10 1.93 10.81
C ASP A 30 1.59 3.03 11.73
N ILE A 31 0.29 3.21 11.80
CA ILE A 31 -0.28 4.28 12.66
C ILE A 31 -0.22 3.87 14.14
N ASN A 32 -0.73 2.72 14.50
CA ASN A 32 -0.69 2.29 15.93
C ASN A 32 0.64 1.59 16.23
N SER A 33 1.60 1.71 15.35
CA SER A 33 2.92 1.08 15.59
C SER A 33 2.75 -0.34 16.15
N ASP A 34 1.95 -1.15 15.52
CA ASP A 34 1.75 -2.55 16.00
C ASP A 34 2.73 -3.46 15.26
N GLY A 35 3.45 -2.91 14.33
CA GLY A 35 4.42 -3.72 13.55
C GLY A 35 3.68 -4.55 12.50
N VAL A 36 2.37 -4.46 12.47
CA VAL A 36 1.59 -5.23 11.44
C VAL A 36 0.44 -4.33 10.94
N LEU A 37 -0.18 -4.68 9.84
CA LEU A 37 -1.36 -3.88 9.32
C LEU A 37 -2.60 -4.80 9.30
N ASP A 38 -3.69 -4.35 9.87
CA ASP A 38 -4.94 -5.21 9.91
C ASP A 38 -6.00 -4.65 8.95
N GLU A 39 -7.03 -5.42 8.71
CA GLU A 39 -8.12 -4.97 7.79
C GLU A 39 -8.60 -3.58 8.16
N GLN A 40 -8.17 -3.06 9.27
CA GLN A 40 -8.61 -1.67 9.66
C GLN A 40 -7.71 -0.65 8.97
N GLU A 41 -6.44 -0.94 8.87
CA GLU A 41 -5.51 0.00 8.19
C GLU A 41 -5.67 -0.13 6.68
N LEU A 42 -6.03 -1.29 6.20
CA LEU A 42 -6.23 -1.47 4.73
C LEU A 42 -7.59 -0.87 4.35
N GLU A 43 -8.60 -1.06 5.14
CA GLU A 43 -9.93 -0.49 4.80
C GLU A 43 -9.87 1.04 4.92
N ALA A 44 -9.27 1.54 5.97
CA ALA A 44 -9.20 3.01 6.15
C ALA A 44 -8.24 3.64 5.12
N LEU A 45 -7.28 2.90 4.67
CA LEU A 45 -6.31 3.48 3.69
C LEU A 45 -6.95 3.59 2.28
N PHE A 46 -7.92 2.78 1.96
CA PHE A 46 -8.55 2.88 0.60
C PHE A 46 -9.62 4.00 0.59
N THR A 47 -10.38 4.11 1.63
CA THR A 47 -11.45 5.15 1.65
C THR A 47 -10.86 6.57 1.80
N LYS A 48 -9.88 6.74 2.64
CA LYS A 48 -9.31 8.12 2.84
C LYS A 48 -8.46 8.49 1.63
N GLU A 49 -7.55 7.64 1.23
CA GLU A 49 -6.70 7.98 0.05
C GLU A 49 -7.60 8.39 -1.11
N LEU A 50 -8.81 7.88 -1.15
CA LEU A 50 -9.75 8.25 -2.25
C LEU A 50 -10.47 9.55 -1.89
N GLU A 51 -10.77 9.74 -0.64
CA GLU A 51 -11.46 10.99 -0.19
C GLU A 51 -10.70 12.22 -0.70
N LYS A 52 -9.40 12.17 -0.80
CA LYS A 52 -8.64 13.37 -1.28
C LYS A 52 -8.67 13.40 -2.82
N VAL A 53 -9.58 12.67 -3.44
CA VAL A 53 -9.67 12.64 -4.94
C VAL A 53 -11.04 13.13 -5.39
N TYR A 54 -12.10 12.47 -4.97
CA TYR A 54 -13.47 12.90 -5.41
C TYR A 54 -13.99 14.00 -4.47
N ASP A 55 -15.18 13.85 -3.97
CA ASP A 55 -15.75 14.88 -3.07
C ASP A 55 -17.08 14.37 -2.49
N PRO A 56 -17.01 13.51 -1.50
CA PRO A 56 -18.23 12.93 -0.88
C PRO A 56 -19.05 14.02 -0.16
N LYS A 57 -18.81 15.27 -0.47
CA LYS A 57 -19.57 16.38 0.19
C LYS A 57 -19.98 17.42 -0.86
N ASN A 58 -19.75 17.13 -2.12
CA ASN A 58 -20.13 18.10 -3.20
C ASN A 58 -20.67 17.35 -4.42
N GLU A 59 -20.99 16.09 -4.26
CA GLU A 59 -21.51 15.31 -5.41
C GLU A 59 -22.41 14.18 -4.87
N GLU A 60 -23.49 13.90 -5.54
CA GLU A 60 -24.39 12.82 -5.07
C GLU A 60 -23.82 11.47 -5.47
N ASP A 61 -22.52 11.36 -5.55
CA ASP A 61 -21.90 10.07 -5.95
C ASP A 61 -22.03 9.06 -4.82
N ASP A 62 -22.41 9.51 -3.64
CA ASP A 62 -22.55 8.56 -2.49
C ASP A 62 -21.33 7.64 -2.42
N MET A 63 -20.28 7.98 -3.09
CA MET A 63 -19.07 7.11 -3.07
C MET A 63 -19.48 5.68 -3.41
N ARG A 64 -20.23 5.51 -4.48
CA ARG A 64 -20.71 4.16 -4.89
C ARG A 64 -20.38 3.94 -6.36
N GLU A 65 -20.86 4.80 -7.23
CA GLU A 65 -20.59 4.62 -8.69
C GLU A 65 -19.10 4.29 -8.91
N MET A 66 -18.26 4.55 -7.93
CA MET A 66 -16.80 4.25 -8.10
C MET A 66 -16.45 2.95 -7.38
N GLU A 67 -17.43 2.33 -6.75
CA GLU A 67 -17.18 1.06 -6.00
C GLU A 67 -16.29 0.14 -6.84
N GLU A 68 -16.17 0.42 -8.10
CA GLU A 68 -15.29 -0.39 -8.98
C GLU A 68 -13.85 -0.29 -8.49
N GLU A 69 -13.30 0.90 -8.44
CA GLU A 69 -11.90 1.06 -7.97
C GLU A 69 -11.80 0.61 -6.52
N ARG A 70 -12.81 0.86 -5.74
CA ARG A 70 -12.78 0.44 -4.31
C ARG A 70 -12.46 -1.05 -4.22
N LEU A 71 -13.17 -1.86 -4.95
CA LEU A 71 -12.91 -3.33 -4.91
C LEU A 71 -11.69 -3.67 -5.78
N ARG A 72 -11.40 -2.87 -6.78
CA ARG A 72 -10.23 -3.19 -7.64
C ARG A 72 -8.94 -3.18 -6.79
N MET A 73 -8.84 -2.28 -5.85
CA MET A 73 -7.61 -2.23 -4.99
C MET A 73 -7.75 -3.23 -3.84
N ARG A 74 -8.83 -3.21 -3.12
CA ARG A 74 -8.96 -4.17 -1.99
C ARG A 74 -8.66 -5.60 -2.46
N GLU A 75 -8.85 -5.90 -3.72
CA GLU A 75 -8.58 -7.29 -4.20
C GLU A 75 -7.09 -7.45 -4.56
N HIS A 76 -6.55 -6.58 -5.36
CA HIS A 76 -5.12 -6.73 -5.75
C HIS A 76 -4.23 -6.79 -4.50
N VAL A 77 -4.52 -6.02 -3.49
CA VAL A 77 -3.66 -6.07 -2.27
C VAL A 77 -3.94 -7.36 -1.49
N MET A 78 -5.18 -7.64 -1.17
CA MET A 78 -5.48 -8.87 -0.41
C MET A 78 -5.13 -10.10 -1.25
N LYS A 79 -5.06 -9.98 -2.54
CA LYS A 79 -4.74 -11.16 -3.38
C LYS A 79 -3.22 -11.29 -3.59
N ASN A 80 -2.52 -10.20 -3.71
CA ASN A 80 -1.04 -10.26 -3.94
C ASN A 80 -0.23 -10.03 -2.65
N VAL A 81 -0.84 -9.63 -1.55
CA VAL A 81 -0.03 -9.40 -0.29
C VAL A 81 -0.49 -10.34 0.83
N ASP A 82 -1.74 -10.70 0.88
CA ASP A 82 -2.19 -11.63 1.98
C ASP A 82 -1.23 -12.83 2.05
N THR A 83 -0.36 -12.83 3.01
CA THR A 83 0.62 -13.95 3.11
C THR A 83 -0.05 -15.18 3.72
N ASN A 84 -0.50 -15.11 4.95
CA ASN A 84 -1.17 -16.30 5.59
C ASN A 84 -2.67 -16.05 5.72
N GLN A 85 -3.20 -15.23 4.84
CA GLN A 85 -4.67 -14.92 4.86
C GLN A 85 -5.21 -14.85 6.29
N ASP A 86 -4.41 -14.43 7.22
CA ASP A 86 -4.89 -14.31 8.62
C ASP A 86 -5.51 -12.92 8.77
N ARG A 87 -5.78 -12.31 7.66
CA ARG A 87 -6.36 -10.94 7.66
C ARG A 87 -5.36 -9.98 8.29
N LEU A 88 -4.24 -10.51 8.77
CA LEU A 88 -3.20 -9.67 9.40
C LEU A 88 -1.89 -9.90 8.62
N VAL A 89 -1.19 -8.85 8.29
CA VAL A 89 0.08 -8.98 7.52
C VAL A 89 1.27 -8.57 8.40
N THR A 90 2.29 -9.38 8.48
CA THR A 90 3.47 -8.99 9.33
C THR A 90 4.51 -8.31 8.45
N LEU A 91 5.48 -7.68 9.05
CA LEU A 91 6.54 -7.00 8.25
C LEU A 91 7.40 -8.08 7.59
N GLU A 92 7.65 -9.14 8.28
CA GLU A 92 8.48 -10.26 7.72
C GLU A 92 7.85 -10.83 6.45
N GLU A 93 6.75 -11.50 6.57
CA GLU A 93 6.12 -12.12 5.37
C GLU A 93 5.85 -11.04 4.30
N PHE A 94 5.55 -9.83 4.70
CA PHE A 94 5.27 -8.76 3.69
C PHE A 94 6.51 -8.53 2.80
N LEU A 95 7.66 -8.37 3.38
CA LEU A 95 8.88 -8.16 2.55
C LEU A 95 8.96 -9.26 1.49
N ALA A 96 8.79 -10.49 1.90
CA ALA A 96 8.86 -11.62 0.94
C ALA A 96 8.02 -11.30 -0.32
N SER A 97 6.75 -11.07 -0.15
CA SER A 97 5.88 -10.77 -1.32
C SER A 97 6.52 -9.69 -2.20
N THR A 98 7.31 -8.82 -1.63
CA THR A 98 7.97 -7.75 -2.44
C THR A 98 9.38 -8.21 -2.83
N GLN A 99 10.20 -8.51 -1.86
CA GLN A 99 11.58 -8.97 -2.18
C GLN A 99 11.49 -10.14 -3.16
N ARG A 100 12.15 -10.03 -4.28
CA ARG A 100 12.09 -11.13 -5.29
C ARG A 100 13.18 -10.93 -6.34
N LYS A 101 14.12 -11.84 -6.43
CA LYS A 101 15.21 -11.69 -7.44
C LYS A 101 15.91 -10.35 -7.23
N GLU A 102 17.10 -10.36 -6.67
CA GLU A 102 17.83 -9.08 -6.46
C GLU A 102 18.24 -8.49 -7.80
N PHE A 103 17.33 -7.82 -8.47
CA PHE A 103 17.67 -7.23 -9.79
C PHE A 103 16.56 -6.26 -10.22
N LEU A 5 8.19 16.66 -18.69
CA LEU A 5 7.46 17.42 -19.76
C LEU A 5 6.45 18.36 -19.09
N LYS A 6 6.16 18.16 -17.83
CA LYS A 6 5.18 19.03 -17.13
C LYS A 6 5.62 19.21 -15.67
N GLU A 7 6.39 20.24 -15.40
CA GLU A 7 6.86 20.47 -14.01
C GLU A 7 7.52 19.20 -13.47
N VAL A 8 7.89 19.20 -12.22
CA VAL A 8 8.54 17.99 -11.64
C VAL A 8 7.49 16.90 -11.41
N TRP A 9 6.35 17.03 -12.03
CA TRP A 9 5.28 15.99 -11.86
C TRP A 9 5.75 14.68 -12.51
N GLU A 10 5.80 14.63 -13.81
CA GLU A 10 6.25 13.39 -14.49
C GLU A 10 5.43 12.20 -13.97
N GLU A 11 6.01 11.37 -13.14
CA GLU A 11 5.26 10.20 -12.61
C GLU A 11 6.07 9.53 -11.50
N LEU A 12 7.35 9.37 -11.71
CA LEU A 12 8.20 8.72 -10.66
C LEU A 12 9.68 8.95 -10.98
N ASP A 13 10.27 9.96 -10.39
CA ASP A 13 11.70 10.25 -10.66
C ASP A 13 12.58 9.11 -10.13
N GLY A 14 12.34 7.90 -10.56
CA GLY A 14 13.18 6.77 -10.06
C GLY A 14 12.48 5.45 -10.39
N LEU A 15 12.64 4.97 -11.59
CA LEU A 15 12.00 3.68 -11.98
C LEU A 15 12.36 2.62 -10.93
N ASP A 16 11.43 2.22 -10.11
CA ASP A 16 11.74 1.19 -9.07
C ASP A 16 10.42 0.54 -8.58
N PRO A 17 10.47 -0.70 -8.15
CA PRO A 17 9.26 -1.38 -7.66
C PRO A 17 8.64 -0.58 -6.50
N ASN A 18 9.45 -0.16 -5.55
CA ASN A 18 8.92 0.61 -4.39
C ASN A 18 10.04 1.48 -3.81
N ARG A 19 10.48 2.46 -4.55
CA ARG A 19 11.56 3.35 -4.03
C ARG A 19 12.73 2.49 -3.54
N PHE A 20 13.76 3.12 -3.05
CA PHE A 20 14.95 2.35 -2.53
C PHE A 20 14.84 2.19 -1.02
N ASN A 21 13.64 2.09 -0.51
CA ASN A 21 13.48 1.94 0.97
C ASN A 21 12.01 1.61 1.30
N PRO A 22 11.58 0.43 0.93
CA PRO A 22 10.18 0.01 1.19
C PRO A 22 9.96 -0.11 2.70
N LYS A 23 11.01 -0.31 3.45
CA LYS A 23 10.88 -0.44 4.93
C LYS A 23 10.24 0.82 5.53
N THR A 24 10.61 1.99 5.06
CA THR A 24 10.04 3.23 5.64
C THR A 24 8.55 3.34 5.32
N PHE A 25 8.16 3.03 4.11
CA PHE A 25 6.71 3.12 3.76
C PHE A 25 5.91 2.28 4.77
N PHE A 26 6.44 1.17 5.17
CA PHE A 26 5.72 0.31 6.15
C PHE A 26 5.60 1.02 7.51
N ILE A 27 6.60 1.76 7.90
CA ILE A 27 6.53 2.47 9.20
C ILE A 27 5.50 3.60 9.10
N LEU A 28 5.74 4.54 8.22
CA LEU A 28 4.79 5.68 8.08
C LEU A 28 3.33 5.17 8.02
N HIS A 29 3.08 4.05 7.38
CA HIS A 29 1.67 3.55 7.32
C HIS A 29 1.29 2.92 8.66
N ASP A 30 2.25 2.62 9.49
CA ASP A 30 1.92 2.03 10.83
C ASP A 30 1.47 3.15 11.77
N ILE A 31 0.19 3.38 11.87
CA ILE A 31 -0.33 4.46 12.75
C ILE A 31 -0.26 4.06 14.22
N ASN A 32 -0.79 2.91 14.56
CA ASN A 32 -0.77 2.47 16.00
C ASN A 32 0.56 1.77 16.29
N SER A 33 1.39 1.62 15.32
CA SER A 33 2.71 0.98 15.56
C SER A 33 2.51 -0.43 16.15
N ASP A 34 1.73 -1.26 15.51
CA ASP A 34 1.51 -2.64 16.02
C ASP A 34 2.47 -3.58 15.29
N GLY A 35 3.24 -3.04 14.39
CA GLY A 35 4.21 -3.88 13.60
C GLY A 35 3.46 -4.67 12.52
N VAL A 36 2.16 -4.51 12.44
CA VAL A 36 1.37 -5.23 11.39
C VAL A 36 0.25 -4.30 10.90
N LEU A 37 -0.29 -4.56 9.74
CA LEU A 37 -1.43 -3.70 9.22
C LEU A 37 -2.71 -4.53 9.30
N ASP A 38 -3.74 -3.98 9.90
CA ASP A 38 -5.03 -4.74 10.03
C ASP A 38 -6.08 -4.16 9.07
N GLU A 39 -7.13 -4.90 8.85
CA GLU A 39 -8.21 -4.43 7.92
C GLU A 39 -8.68 -3.02 8.32
N GLN A 40 -8.25 -2.51 9.43
CA GLN A 40 -8.68 -1.14 9.84
C GLN A 40 -7.75 -0.10 9.22
N GLU A 41 -6.48 -0.29 9.33
CA GLU A 41 -5.53 0.69 8.73
C GLU A 41 -5.57 0.57 7.21
N LEU A 42 -5.86 -0.59 6.71
CA LEU A 42 -5.92 -0.80 5.24
C LEU A 42 -7.24 -0.23 4.69
N GLU A 43 -8.33 -0.41 5.39
CA GLU A 43 -9.63 0.13 4.87
C GLU A 43 -9.66 1.66 5.03
N ALA A 44 -9.17 2.16 6.15
CA ALA A 44 -9.22 3.64 6.36
C ALA A 44 -8.26 4.38 5.43
N LEU A 45 -7.10 3.86 5.21
CA LEU A 45 -6.12 4.58 4.32
C LEU A 45 -6.56 4.48 2.86
N PHE A 46 -7.31 3.46 2.50
CA PHE A 46 -7.75 3.33 1.07
C PHE A 46 -9.02 4.17 0.85
N THR A 47 -10.01 4.02 1.69
CA THR A 47 -11.26 4.81 1.52
C THR A 47 -10.97 6.31 1.65
N LYS A 48 -10.05 6.68 2.49
CA LYS A 48 -9.73 8.13 2.67
C LYS A 48 -9.02 8.67 1.42
N GLU A 49 -8.04 7.98 0.93
CA GLU A 49 -7.31 8.48 -0.27
C GLU A 49 -8.29 8.70 -1.42
N LEU A 50 -9.38 8.00 -1.45
CA LEU A 50 -10.36 8.18 -2.56
C LEU A 50 -11.08 9.53 -2.41
N GLU A 51 -11.15 10.07 -1.22
CA GLU A 51 -11.82 11.39 -1.04
C GLU A 51 -10.85 12.52 -1.41
N LYS A 52 -9.66 12.18 -1.86
CA LYS A 52 -8.67 13.23 -2.25
C LYS A 52 -8.57 13.30 -3.77
N VAL A 53 -8.92 12.24 -4.46
CA VAL A 53 -8.85 12.24 -5.95
C VAL A 53 -10.19 12.73 -6.52
N TYR A 54 -11.27 12.36 -5.91
CA TYR A 54 -12.62 12.79 -6.40
C TYR A 54 -12.99 14.14 -5.76
N ASP A 55 -12.35 14.51 -4.67
CA ASP A 55 -12.68 15.82 -4.06
C ASP A 55 -14.20 15.98 -3.91
N PRO A 56 -14.78 15.42 -2.88
CA PRO A 56 -16.24 15.53 -2.66
C PRO A 56 -16.62 17.01 -2.51
N LYS A 57 -17.89 17.29 -2.34
CA LYS A 57 -18.34 18.71 -2.20
C LYS A 57 -19.26 18.86 -0.97
N ASN A 58 -20.40 18.21 -1.00
CA ASN A 58 -21.33 18.33 0.16
C ASN A 58 -22.48 17.34 -0.04
N GLU A 59 -22.40 16.19 0.57
CA GLU A 59 -23.49 15.17 0.41
C GLU A 59 -23.67 14.86 -1.08
N GLU A 60 -23.09 13.77 -1.53
CA GLU A 60 -23.20 13.38 -2.97
C GLU A 60 -23.63 11.92 -3.05
N ASP A 61 -23.57 11.32 -4.21
CA ASP A 61 -23.98 9.89 -4.35
C ASP A 61 -23.13 9.22 -5.43
N ASP A 62 -23.14 9.73 -6.62
CA ASP A 62 -22.33 9.11 -7.71
C ASP A 62 -20.92 8.81 -7.20
N MET A 63 -20.43 9.60 -6.29
CA MET A 63 -19.07 9.38 -5.74
C MET A 63 -18.99 7.96 -5.18
N ARG A 64 -20.07 7.45 -4.63
CA ARG A 64 -20.05 6.08 -4.07
C ARG A 64 -20.20 5.07 -5.22
N GLU A 65 -21.11 5.33 -6.12
CA GLU A 65 -21.31 4.38 -7.26
C GLU A 65 -19.98 4.18 -7.98
N MET A 66 -18.99 4.98 -7.67
CA MET A 66 -17.65 4.83 -8.33
C MET A 66 -16.70 4.07 -7.38
N GLU A 67 -17.14 3.82 -6.18
CA GLU A 67 -16.28 3.10 -5.19
C GLU A 67 -15.76 1.77 -5.77
N GLU A 68 -16.04 1.47 -7.01
CA GLU A 68 -15.55 0.19 -7.59
C GLU A 68 -14.02 0.15 -7.57
N GLU A 69 -13.37 1.27 -7.68
CA GLU A 69 -11.88 1.30 -7.69
C GLU A 69 -11.35 0.60 -6.43
N ARG A 70 -12.11 0.61 -5.36
CA ARG A 70 -11.61 -0.05 -4.11
C ARG A 70 -11.58 -1.57 -4.30
N LEU A 71 -12.61 -2.13 -4.88
CA LEU A 71 -12.64 -3.61 -5.07
C LEU A 71 -11.43 -4.07 -5.88
N ARG A 72 -11.09 -3.33 -6.90
CA ARG A 72 -9.91 -3.73 -7.75
C ARG A 72 -8.62 -3.52 -6.97
N MET A 73 -8.54 -2.48 -6.17
CA MET A 73 -7.30 -2.24 -5.38
C MET A 73 -7.34 -3.11 -4.11
N ARG A 74 -8.50 -3.34 -3.57
CA ARG A 74 -8.60 -4.19 -2.35
C ARG A 74 -8.37 -5.66 -2.70
N GLU A 75 -9.03 -6.17 -3.70
CA GLU A 75 -8.85 -7.60 -4.08
C GLU A 75 -7.39 -7.85 -4.49
N HIS A 76 -6.85 -7.04 -5.34
CA HIS A 76 -5.44 -7.22 -5.78
C HIS A 76 -4.51 -7.27 -4.56
N VAL A 77 -4.77 -6.50 -3.54
CA VAL A 77 -3.86 -6.54 -2.35
C VAL A 77 -4.12 -7.80 -1.54
N MET A 78 -5.34 -8.04 -1.14
CA MET A 78 -5.64 -9.26 -0.33
C MET A 78 -5.35 -10.52 -1.15
N LYS A 79 -5.27 -10.42 -2.45
CA LYS A 79 -5.03 -11.63 -3.28
C LYS A 79 -3.53 -11.81 -3.57
N ASN A 80 -2.82 -10.75 -3.83
CA ASN A 80 -1.35 -10.89 -4.16
C ASN A 80 -0.45 -10.55 -2.97
N VAL A 81 -0.96 -10.01 -1.88
CA VAL A 81 -0.06 -9.71 -0.71
C VAL A 81 -0.38 -10.65 0.45
N ASP A 82 -1.61 -11.02 0.64
CA ASP A 82 -1.95 -11.97 1.74
C ASP A 82 -1.00 -13.16 1.67
N THR A 83 -0.08 -13.27 2.59
CA THR A 83 0.91 -14.37 2.54
C THR A 83 0.33 -15.64 3.20
N ASN A 84 0.03 -15.59 4.46
CA ASN A 84 -0.54 -16.80 5.17
C ASN A 84 -2.04 -16.63 5.39
N GLN A 85 -2.64 -15.71 4.67
CA GLN A 85 -4.10 -15.51 4.80
C GLN A 85 -4.54 -15.52 6.26
N ASP A 86 -4.27 -14.47 6.98
CA ASP A 86 -4.69 -14.37 8.41
C ASP A 86 -5.34 -13.01 8.62
N ARG A 87 -5.76 -12.40 7.55
CA ARG A 87 -6.40 -11.05 7.61
C ARG A 87 -5.41 -10.06 8.22
N LEU A 88 -4.26 -10.54 8.63
CA LEU A 88 -3.22 -9.66 9.23
C LEU A 88 -1.94 -9.82 8.41
N VAL A 89 -1.28 -8.73 8.09
CA VAL A 89 -0.02 -8.82 7.29
C VAL A 89 1.17 -8.43 8.17
N THR A 90 2.19 -9.24 8.23
CA THR A 90 3.38 -8.90 9.08
C THR A 90 4.50 -8.37 8.19
N LEU A 91 5.40 -7.61 8.75
CA LEU A 91 6.53 -7.07 7.94
C LEU A 91 7.32 -8.24 7.36
N GLU A 92 7.50 -9.27 8.13
CA GLU A 92 8.30 -10.42 7.66
C GLU A 92 7.71 -11.02 6.38
N GLU A 93 6.56 -11.62 6.48
CA GLU A 93 5.95 -12.25 5.27
C GLU A 93 5.67 -11.20 4.19
N PHE A 94 5.41 -9.98 4.57
CA PHE A 94 5.12 -8.92 3.55
C PHE A 94 6.36 -8.70 2.67
N LEU A 95 7.50 -8.49 3.27
CA LEU A 95 8.74 -8.28 2.49
C LEU A 95 8.89 -9.41 1.47
N ALA A 96 8.67 -10.63 1.88
CA ALA A 96 8.80 -11.78 0.95
C ALA A 96 7.98 -11.52 -0.33
N SER A 97 6.69 -11.30 -0.18
CA SER A 97 5.84 -11.06 -1.38
C SER A 97 6.50 -10.04 -2.31
N THR A 98 7.21 -9.08 -1.78
CA THR A 98 7.87 -8.07 -2.66
C THR A 98 9.25 -8.61 -3.09
N GLN A 99 10.05 -9.04 -2.15
CA GLN A 99 11.39 -9.57 -2.52
C GLN A 99 11.20 -10.68 -3.56
N ARG A 100 12.10 -10.78 -4.50
CA ARG A 100 11.96 -11.84 -5.54
C ARG A 100 13.31 -12.02 -6.26
N LYS A 101 14.38 -12.18 -5.52
CA LYS A 101 15.70 -12.36 -6.15
C LYS A 101 15.61 -13.45 -7.23
N GLU A 102 14.86 -14.49 -6.97
CA GLU A 102 14.73 -15.58 -7.98
C GLU A 102 14.44 -14.97 -9.35
N PHE A 103 15.47 -14.77 -10.14
CA PHE A 103 15.29 -14.17 -11.49
C PHE A 103 14.03 -14.71 -12.16
N LEU A 5 33.62 -12.68 -7.64
CA LEU A 5 35.05 -12.95 -7.97
C LEU A 5 35.61 -11.79 -8.79
N LYS A 6 36.86 -11.83 -9.13
CA LYS A 6 37.47 -10.74 -9.93
C LYS A 6 36.59 -10.45 -11.15
N GLU A 7 36.17 -11.48 -11.84
CA GLU A 7 35.32 -11.27 -13.04
C GLU A 7 34.00 -10.63 -12.62
N VAL A 8 33.12 -10.40 -13.56
CA VAL A 8 31.81 -9.77 -13.23
C VAL A 8 31.07 -10.64 -12.21
N TRP A 9 30.16 -10.08 -11.48
CA TRP A 9 29.40 -10.88 -10.46
C TRP A 9 28.24 -10.05 -9.91
N GLU A 10 28.08 -8.84 -10.39
CA GLU A 10 26.97 -7.98 -9.89
C GLU A 10 25.67 -8.38 -10.59
N GLU A 11 24.71 -7.50 -10.62
CA GLU A 11 23.41 -7.82 -11.29
C GLU A 11 22.62 -6.53 -11.51
N LEU A 12 23.28 -5.41 -11.44
CA LEU A 12 22.59 -4.11 -11.66
C LEU A 12 23.64 -3.02 -11.86
N ASP A 13 23.39 -2.08 -12.76
CA ASP A 13 24.39 -0.99 -12.99
C ASP A 13 23.66 0.36 -13.06
N GLY A 14 22.57 0.50 -12.36
CA GLY A 14 21.81 1.78 -12.40
C GLY A 14 20.51 1.61 -11.63
N LEU A 15 20.57 1.75 -10.33
CA LEU A 15 19.35 1.59 -9.45
C LEU A 15 18.09 2.05 -10.20
N ASP A 16 17.08 1.23 -10.26
CA ASP A 16 15.83 1.62 -10.97
C ASP A 16 15.28 2.92 -10.35
N PRO A 17 14.59 3.75 -11.13
CA PRO A 17 14.03 5.01 -10.60
C PRO A 17 13.04 4.71 -9.46
N ASN A 18 12.90 3.47 -9.06
CA ASN A 18 11.97 3.12 -7.96
C ASN A 18 12.74 2.32 -6.91
N ARG A 19 12.08 1.42 -6.26
CA ARG A 19 12.76 0.58 -5.22
C ARG A 19 13.64 1.47 -4.34
N PHE A 20 13.12 1.94 -3.24
CA PHE A 20 13.91 2.82 -2.33
C PHE A 20 13.70 2.37 -0.88
N ASN A 21 14.23 1.23 -0.51
CA ASN A 21 14.08 0.75 0.89
C ASN A 21 12.59 0.80 1.28
N PRO A 22 11.81 -0.15 0.79
CA PRO A 22 10.36 -0.19 1.10
C PRO A 22 10.15 -0.30 2.62
N LYS A 23 11.19 -0.58 3.36
CA LYS A 23 11.07 -0.70 4.84
C LYS A 23 10.47 0.58 5.44
N THR A 24 10.98 1.73 5.06
CA THR A 24 10.47 2.99 5.64
C THR A 24 8.98 3.14 5.33
N PHE A 25 8.54 2.75 4.17
CA PHE A 25 7.09 2.87 3.84
C PHE A 25 6.29 2.12 4.92
N PHE A 26 6.69 0.93 5.21
CA PHE A 26 5.97 0.13 6.25
C PHE A 26 5.88 0.93 7.55
N ILE A 27 6.87 1.74 7.86
CA ILE A 27 6.82 2.52 9.11
C ILE A 27 5.84 3.68 8.96
N LEU A 28 6.07 4.58 8.05
CA LEU A 28 5.12 5.73 7.89
C LEU A 28 3.66 5.22 7.83
N HIS A 29 3.42 3.93 7.67
CA HIS A 29 2.01 3.43 7.60
C HIS A 29 1.63 2.72 8.92
N ASP A 30 2.58 2.41 9.75
CA ASP A 30 2.23 1.73 11.05
C ASP A 30 1.72 2.78 12.04
N ILE A 31 0.54 3.31 11.80
CA ILE A 31 -0.04 4.35 12.68
C ILE A 31 0.00 3.90 14.16
N ASN A 32 -0.50 2.75 14.47
CA ASN A 32 -0.50 2.28 15.90
C ASN A 32 0.83 1.58 16.21
N SER A 33 1.69 1.47 15.25
CA SER A 33 3.00 0.83 15.50
C SER A 33 2.82 -0.56 16.14
N ASP A 34 1.99 -1.39 15.56
CA ASP A 34 1.79 -2.75 16.13
C ASP A 34 2.72 -3.72 15.39
N GLY A 35 3.53 -3.20 14.51
CA GLY A 35 4.48 -4.04 13.74
C GLY A 35 3.71 -4.83 12.68
N VAL A 36 2.42 -4.63 12.57
CA VAL A 36 1.62 -5.35 11.51
C VAL A 36 0.53 -4.40 11.00
N LEU A 37 -0.04 -4.71 9.85
CA LEU A 37 -1.16 -3.85 9.30
C LEU A 37 -2.46 -4.66 9.31
N ASP A 38 -3.48 -4.15 9.95
CA ASP A 38 -4.80 -4.88 10.03
C ASP A 38 -5.81 -4.21 9.08
N GLU A 39 -6.88 -4.91 8.78
CA GLU A 39 -7.92 -4.38 7.83
C GLU A 39 -8.35 -2.95 8.20
N GLN A 40 -8.34 -2.61 9.45
CA GLN A 40 -8.75 -1.24 9.85
C GLN A 40 -7.74 -0.24 9.27
N GLU A 41 -6.50 -0.62 9.18
CA GLU A 41 -5.49 0.32 8.62
C GLU A 41 -5.68 0.42 7.11
N LEU A 42 -5.99 -0.67 6.46
CA LEU A 42 -6.21 -0.63 4.98
C LEU A 42 -7.64 -0.14 4.70
N GLU A 43 -8.61 -0.55 5.47
CA GLU A 43 -9.99 -0.06 5.22
C GLU A 43 -10.00 1.47 5.35
N ALA A 44 -9.29 2.00 6.30
CA ALA A 44 -9.28 3.47 6.48
C ALA A 44 -8.45 4.14 5.37
N LEU A 45 -7.46 3.44 4.85
CA LEU A 45 -6.61 4.05 3.78
C LEU A 45 -7.37 4.04 2.44
N PHE A 46 -8.32 3.16 2.26
CA PHE A 46 -9.06 3.12 0.95
C PHE A 46 -10.16 4.17 0.96
N THR A 47 -10.97 4.19 1.98
CA THR A 47 -12.09 5.18 2.06
C THR A 47 -11.57 6.61 2.03
N LYS A 48 -10.50 6.90 2.73
CA LYS A 48 -10.00 8.30 2.78
C LYS A 48 -9.30 8.69 1.47
N GLU A 49 -8.43 7.87 0.94
CA GLU A 49 -7.74 8.26 -0.32
C GLU A 49 -8.78 8.62 -1.40
N LEU A 50 -9.95 8.06 -1.33
CA LEU A 50 -10.98 8.38 -2.36
C LEU A 50 -11.60 9.75 -2.09
N GLU A 51 -11.70 10.15 -0.85
CA GLU A 51 -12.30 11.48 -0.56
C GLU A 51 -11.43 12.59 -1.17
N LYS A 52 -10.37 12.23 -1.88
CA LYS A 52 -9.49 13.25 -2.52
C LYS A 52 -9.38 12.96 -4.03
N VAL A 53 -10.41 12.41 -4.63
CA VAL A 53 -10.33 12.10 -6.09
C VAL A 53 -11.72 12.22 -6.73
N TYR A 54 -12.68 11.45 -6.27
CA TYR A 54 -14.04 11.51 -6.88
C TYR A 54 -14.86 12.63 -6.22
N ASP A 55 -14.46 13.09 -5.07
CA ASP A 55 -15.24 14.18 -4.41
C ASP A 55 -16.72 13.78 -4.34
N PRO A 56 -17.04 12.83 -3.49
CA PRO A 56 -18.42 12.34 -3.35
C PRO A 56 -19.33 13.44 -2.79
N LYS A 57 -18.88 14.67 -2.79
CA LYS A 57 -19.69 15.80 -2.26
C LYS A 57 -19.90 16.85 -3.35
N ASN A 58 -19.86 16.44 -4.59
CA ASN A 58 -20.07 17.42 -5.70
C ASN A 58 -20.47 16.68 -6.98
N GLU A 59 -21.06 15.53 -6.87
CA GLU A 59 -21.46 14.76 -8.08
C GLU A 59 -22.60 13.80 -7.72
N GLU A 60 -23.79 14.31 -7.51
CA GLU A 60 -24.97 13.45 -7.16
C GLU A 60 -24.52 12.23 -6.34
N ASP A 61 -24.48 11.07 -6.94
CA ASP A 61 -24.04 9.85 -6.19
C ASP A 61 -23.32 8.88 -7.13
N ASP A 62 -22.66 9.39 -8.14
CA ASP A 62 -21.94 8.48 -9.09
C ASP A 62 -20.71 7.90 -8.41
N MET A 63 -20.48 8.26 -7.18
CA MET A 63 -19.29 7.72 -6.46
C MET A 63 -19.34 6.19 -6.51
N ARG A 64 -20.51 5.62 -6.52
CA ARG A 64 -20.63 4.14 -6.56
C ARG A 64 -20.49 3.65 -8.00
N GLU A 65 -21.00 4.39 -8.95
CA GLU A 65 -20.90 3.95 -10.37
C GLU A 65 -19.48 3.48 -10.69
N MET A 66 -18.53 3.75 -9.81
CA MET A 66 -17.12 3.31 -10.06
C MET A 66 -16.64 2.43 -8.89
N GLU A 67 -17.52 2.12 -7.96
CA GLU A 67 -17.12 1.28 -6.79
C GLU A 67 -16.28 0.07 -7.29
N GLU A 68 -16.32 -0.20 -8.55
CA GLU A 68 -15.53 -1.34 -9.10
C GLU A 68 -14.03 -1.12 -8.85
N GLU A 69 -13.62 0.11 -8.71
CA GLU A 69 -12.17 0.38 -8.46
C GLU A 69 -11.80 -0.03 -7.03
N ARG A 70 -12.64 0.26 -6.08
CA ARG A 70 -12.31 -0.13 -4.67
C ARG A 70 -11.93 -1.62 -4.64
N LEU A 71 -12.60 -2.42 -5.40
CA LEU A 71 -12.27 -3.88 -5.40
C LEU A 71 -10.96 -4.11 -6.16
N ARG A 72 -10.66 -3.27 -7.12
CA ARG A 72 -9.40 -3.45 -7.89
C ARG A 72 -8.20 -3.27 -6.96
N MET A 73 -8.25 -2.30 -6.08
CA MET A 73 -7.10 -2.09 -5.14
C MET A 73 -7.27 -2.99 -3.91
N ARG A 74 -8.41 -2.98 -3.30
CA ARG A 74 -8.62 -3.84 -2.10
C ARG A 74 -8.38 -5.32 -2.45
N GLU A 75 -8.85 -5.76 -3.59
CA GLU A 75 -8.67 -7.20 -3.95
C GLU A 75 -7.22 -7.45 -4.39
N HIS A 76 -6.72 -6.69 -5.31
CA HIS A 76 -5.31 -6.91 -5.78
C HIS A 76 -4.34 -6.90 -4.59
N VAL A 77 -4.53 -6.01 -3.66
CA VAL A 77 -3.59 -5.99 -2.50
C VAL A 77 -3.85 -7.20 -1.60
N MET A 78 -5.08 -7.44 -1.26
CA MET A 78 -5.39 -8.61 -0.38
C MET A 78 -5.12 -9.94 -1.11
N LYS A 79 -5.07 -9.95 -2.42
CA LYS A 79 -4.81 -11.25 -3.12
C LYS A 79 -3.30 -11.52 -3.26
N ASN A 80 -2.51 -10.48 -3.41
CA ASN A 80 -1.03 -10.68 -3.61
C ASN A 80 -0.21 -10.35 -2.34
N VAL A 81 -0.68 -9.46 -1.48
CA VAL A 81 0.14 -9.15 -0.25
C VAL A 81 -0.29 -10.04 0.92
N ASP A 82 -1.53 -10.42 1.02
CA ASP A 82 -1.93 -11.32 2.14
C ASP A 82 -1.25 -12.67 1.93
N THR A 83 -0.22 -12.95 2.69
CA THR A 83 0.51 -14.24 2.50
C THR A 83 -0.17 -15.39 3.24
N ASN A 84 -0.42 -15.25 4.51
CA ASN A 84 -1.09 -16.35 5.29
C ASN A 84 -2.57 -16.03 5.46
N GLN A 85 -3.10 -15.25 4.56
CA GLN A 85 -4.55 -14.88 4.59
C GLN A 85 -5.10 -14.79 6.03
N ASP A 86 -4.31 -14.31 6.95
CA ASP A 86 -4.82 -14.17 8.35
C ASP A 86 -5.46 -12.80 8.47
N ARG A 87 -5.71 -12.18 7.34
CA ARG A 87 -6.31 -10.82 7.32
C ARG A 87 -5.36 -9.85 8.03
N LEU A 88 -4.28 -10.36 8.54
CA LEU A 88 -3.26 -9.52 9.23
C LEU A 88 -1.93 -9.75 8.50
N VAL A 89 -1.23 -8.69 8.21
CA VAL A 89 0.07 -8.81 7.47
C VAL A 89 1.24 -8.43 8.38
N THR A 90 2.27 -9.25 8.45
CA THR A 90 3.44 -8.90 9.30
C THR A 90 4.55 -8.39 8.39
N LEU A 91 5.63 -7.90 8.93
CA LEU A 91 6.75 -7.40 8.08
C LEU A 91 7.47 -8.58 7.44
N GLU A 92 7.57 -9.68 8.14
CA GLU A 92 8.29 -10.84 7.58
C GLU A 92 7.65 -11.35 6.28
N GLU A 93 6.46 -11.90 6.39
CA GLU A 93 5.79 -12.45 5.18
C GLU A 93 5.56 -11.34 4.13
N PHE A 94 5.37 -10.14 4.56
CA PHE A 94 5.13 -9.03 3.59
C PHE A 94 6.37 -8.81 2.71
N LEU A 95 7.52 -8.65 3.31
CA LEU A 95 8.75 -8.44 2.51
C LEU A 95 8.85 -9.52 1.44
N ALA A 96 8.56 -10.74 1.79
CA ALA A 96 8.64 -11.85 0.80
C ALA A 96 7.82 -11.49 -0.45
N SER A 97 6.55 -11.23 -0.29
CA SER A 97 5.69 -10.90 -1.47
C SER A 97 6.39 -9.85 -2.34
N THR A 98 7.20 -9.00 -1.74
CA THR A 98 7.90 -7.95 -2.54
C THR A 98 9.34 -8.42 -2.82
N GLN A 99 10.14 -8.56 -1.80
CA GLN A 99 11.56 -9.01 -2.01
C GLN A 99 11.59 -10.17 -3.01
N ARG A 100 10.76 -11.17 -2.84
CA ARG A 100 10.78 -12.32 -3.80
C ARG A 100 12.20 -12.86 -3.93
N LYS A 101 12.82 -13.21 -2.84
CA LYS A 101 14.20 -13.74 -2.90
C LYS A 101 14.26 -14.88 -3.92
N GLU A 102 13.15 -15.52 -4.17
CA GLU A 102 13.13 -16.64 -5.15
C GLU A 102 13.22 -16.09 -6.57
N PHE A 103 14.40 -15.99 -7.10
CA PHE A 103 14.55 -15.46 -8.49
C PHE A 103 13.80 -14.13 -8.60
N LEU A 5 7.94 8.89 -27.40
CA LEU A 5 8.26 10.33 -27.26
C LEU A 5 9.70 10.50 -26.79
N LYS A 6 10.18 11.71 -26.71
CA LYS A 6 11.58 11.93 -26.26
C LYS A 6 11.75 11.43 -24.83
N GLU A 7 10.70 11.48 -24.04
CA GLU A 7 10.80 11.00 -22.63
C GLU A 7 11.02 9.48 -22.63
N VAL A 8 12.00 9.02 -21.91
CA VAL A 8 12.26 7.55 -21.86
C VAL A 8 13.29 7.25 -20.77
N TRP A 9 13.04 6.26 -19.96
CA TRP A 9 14.00 5.91 -18.87
C TRP A 9 15.05 4.94 -19.41
N GLU A 10 15.88 5.39 -20.32
CA GLU A 10 16.94 4.50 -20.88
C GLU A 10 18.29 4.85 -20.24
N GLU A 11 19.17 3.88 -20.14
CA GLU A 11 20.50 4.14 -19.52
C GLU A 11 20.31 4.47 -18.03
N LEU A 12 21.37 4.53 -17.28
CA LEU A 12 21.24 4.84 -15.82
C LEU A 12 20.69 3.61 -15.10
N ASP A 13 21.09 2.43 -15.52
CA ASP A 13 20.59 1.19 -14.87
C ASP A 13 21.24 1.04 -13.49
N GLY A 14 22.39 1.62 -13.30
CA GLY A 14 23.07 1.50 -11.98
C GLY A 14 22.41 2.46 -10.98
N LEU A 15 22.65 3.73 -11.13
CA LEU A 15 22.03 4.71 -10.19
C LEU A 15 20.51 4.67 -10.35
N ASP A 16 19.86 3.73 -9.74
CA ASP A 16 18.38 3.63 -9.87
C ASP A 16 17.75 4.84 -9.13
N PRO A 17 16.56 5.26 -9.55
CA PRO A 17 15.89 6.40 -8.91
C PRO A 17 15.61 6.08 -7.44
N ASN A 18 15.16 7.04 -6.68
CA ASN A 18 14.87 6.82 -5.23
C ASN A 18 13.36 6.74 -5.03
N ARG A 19 12.79 5.59 -5.27
CA ARG A 19 11.32 5.41 -5.09
C ARG A 19 11.04 4.06 -4.42
N PHE A 20 12.06 3.26 -4.25
CA PHE A 20 11.86 1.94 -3.62
C PHE A 20 11.73 2.11 -2.10
N ASN A 21 12.72 1.70 -1.35
CA ASN A 21 12.65 1.83 0.14
C ASN A 21 11.27 1.38 0.63
N PRO A 22 10.97 0.10 0.47
CA PRO A 22 9.67 -0.45 0.91
C PRO A 22 9.56 -0.44 2.44
N LYS A 23 10.66 -0.37 3.12
CA LYS A 23 10.62 -0.40 4.61
C LYS A 23 9.98 0.88 5.18
N THR A 24 10.41 2.03 4.74
CA THR A 24 9.83 3.28 5.30
C THR A 24 8.35 3.39 4.95
N PHE A 25 7.97 3.04 3.75
CA PHE A 25 6.53 3.13 3.37
C PHE A 25 5.71 2.31 4.38
N PHE A 26 6.21 1.17 4.78
CA PHE A 26 5.46 0.33 5.76
C PHE A 26 5.32 1.07 7.09
N ILE A 27 6.29 1.87 7.47
CA ILE A 27 6.17 2.60 8.75
C ILE A 27 5.10 3.68 8.62
N LEU A 28 5.28 4.60 7.70
CA LEU A 28 4.27 5.68 7.52
C LEU A 28 2.83 5.10 7.54
N HIS A 29 2.61 3.95 6.95
CA HIS A 29 1.24 3.36 6.97
C HIS A 29 0.94 2.78 8.35
N ASP A 30 1.96 2.56 9.16
CA ASP A 30 1.72 2.01 10.52
C ASP A 30 1.28 3.14 11.45
N ILE A 31 0.00 3.34 11.56
CA ILE A 31 -0.53 4.43 12.43
C ILE A 31 -0.44 4.04 13.91
N ASN A 32 -0.83 2.84 14.26
CA ASN A 32 -0.76 2.42 15.70
C ASN A 32 0.57 1.70 15.99
N SER A 33 1.47 1.70 15.04
CA SER A 33 2.78 1.03 15.26
C SER A 33 2.59 -0.34 15.93
N ASP A 34 1.95 -1.25 15.25
CA ASP A 34 1.74 -2.62 15.83
C ASP A 34 2.70 -3.60 15.15
N GLY A 35 3.56 -3.10 14.31
CA GLY A 35 4.54 -3.97 13.59
C GLY A 35 3.80 -4.81 12.55
N VAL A 36 2.50 -4.64 12.44
CA VAL A 36 1.72 -5.40 11.41
C VAL A 36 0.69 -4.44 10.80
N LEU A 37 0.11 -4.79 9.69
CA LEU A 37 -0.95 -3.90 9.08
C LEU A 37 -2.31 -4.57 9.30
N ASP A 38 -3.10 -3.97 10.15
CA ASP A 38 -4.44 -4.53 10.49
C ASP A 38 -5.46 -4.16 9.41
N GLU A 39 -6.42 -5.04 9.18
CA GLU A 39 -7.45 -4.77 8.13
C GLU A 39 -8.07 -3.39 8.33
N GLN A 40 -8.31 -3.00 9.54
CA GLN A 40 -8.91 -1.66 9.78
C GLN A 40 -7.94 -0.59 9.30
N GLU A 41 -6.67 -0.84 9.43
CA GLU A 41 -5.67 0.16 8.95
C GLU A 41 -5.65 0.12 7.42
N LEU A 42 -5.85 -1.05 6.87
CA LEU A 42 -5.89 -1.20 5.38
C LEU A 42 -7.25 -0.68 4.86
N GLU A 43 -8.30 -0.90 5.59
CA GLU A 43 -9.64 -0.42 5.12
C GLU A 43 -9.71 1.11 5.26
N ALA A 44 -9.39 1.64 6.41
CA ALA A 44 -9.48 3.11 6.58
C ALA A 44 -8.45 3.84 5.71
N LEU A 45 -7.21 3.44 5.75
CA LEU A 45 -6.18 4.14 4.93
C LEU A 45 -6.58 4.12 3.45
N PHE A 46 -7.36 3.15 3.04
CA PHE A 46 -7.77 3.11 1.58
C PHE A 46 -8.96 4.04 1.36
N THR A 47 -9.98 3.94 2.17
CA THR A 47 -11.16 4.82 1.98
C THR A 47 -10.77 6.30 2.18
N LYS A 48 -9.96 6.58 3.15
CA LYS A 48 -9.57 8.00 3.41
C LYS A 48 -8.60 8.51 2.33
N GLU A 49 -7.56 7.78 2.03
CA GLU A 49 -6.61 8.25 1.00
C GLU A 49 -7.37 8.55 -0.29
N LEU A 50 -8.48 7.89 -0.49
CA LEU A 50 -9.28 8.11 -1.73
C LEU A 50 -10.12 9.38 -1.59
N GLU A 51 -10.63 9.66 -0.40
CA GLU A 51 -11.45 10.89 -0.22
C GLU A 51 -10.55 12.12 -0.39
N LYS A 52 -9.31 11.92 -0.75
CA LYS A 52 -8.36 13.06 -0.95
C LYS A 52 -8.00 13.17 -2.44
N VAL A 53 -8.43 12.21 -3.23
CA VAL A 53 -8.12 12.26 -4.68
C VAL A 53 -9.34 12.82 -5.43
N TYR A 54 -10.47 12.17 -5.34
CA TYR A 54 -11.69 12.69 -6.01
C TYR A 54 -12.10 14.00 -5.32
N ASP A 55 -13.37 14.19 -5.08
CA ASP A 55 -13.82 15.44 -4.41
C ASP A 55 -15.27 15.27 -3.93
N PRO A 56 -15.47 14.40 -2.96
CA PRO A 56 -16.83 14.15 -2.44
C PRO A 56 -17.37 15.43 -1.79
N LYS A 57 -18.62 15.40 -1.40
CA LYS A 57 -19.25 16.59 -0.75
C LYS A 57 -20.11 16.13 0.40
N ASN A 58 -19.58 15.30 1.27
CA ASN A 58 -20.39 14.80 2.41
C ASN A 58 -21.71 14.25 1.87
N GLU A 59 -21.65 13.43 0.86
CA GLU A 59 -22.89 12.85 0.25
C GLU A 59 -23.00 11.37 0.63
N GLU A 60 -24.19 10.92 0.95
CA GLU A 60 -24.35 9.49 1.34
C GLU A 60 -24.32 8.62 0.09
N ASP A 61 -24.30 9.23 -1.07
CA ASP A 61 -24.27 8.43 -2.33
C ASP A 61 -23.42 9.14 -3.38
N ASP A 62 -22.17 8.78 -3.47
CA ASP A 62 -21.28 9.44 -4.48
C ASP A 62 -19.99 8.63 -4.63
N MET A 63 -19.65 7.84 -3.64
CA MET A 63 -18.41 7.02 -3.72
C MET A 63 -18.77 5.59 -4.14
N ARG A 64 -19.82 5.43 -4.90
CA ARG A 64 -20.25 4.07 -5.35
C ARG A 64 -19.87 3.87 -6.82
N GLU A 65 -20.31 4.74 -7.68
CA GLU A 65 -20.01 4.58 -9.14
C GLU A 65 -18.57 4.10 -9.37
N MET A 66 -17.61 4.62 -8.63
CA MET A 66 -16.19 4.18 -8.84
C MET A 66 -15.92 2.89 -8.05
N GLU A 67 -16.92 2.32 -7.44
CA GLU A 67 -16.70 1.06 -6.64
C GLU A 67 -15.83 0.10 -7.46
N GLU A 68 -15.70 0.35 -8.73
CA GLU A 68 -14.85 -0.52 -9.59
C GLU A 68 -13.40 -0.45 -9.10
N GLU A 69 -12.85 0.75 -9.07
CA GLU A 69 -11.43 0.91 -8.61
C GLU A 69 -11.33 0.51 -7.14
N ARG A 70 -12.33 0.80 -6.36
CA ARG A 70 -12.29 0.44 -4.92
C ARG A 70 -12.03 -1.07 -4.76
N LEU A 71 -12.77 -1.88 -5.47
CA LEU A 71 -12.57 -3.35 -5.35
C LEU A 71 -11.35 -3.78 -6.17
N ARG A 72 -11.02 -3.05 -7.20
CA ARG A 72 -9.84 -3.44 -8.04
C ARG A 72 -8.55 -3.34 -7.21
N MET A 73 -8.44 -2.33 -6.37
CA MET A 73 -7.20 -2.18 -5.53
C MET A 73 -7.32 -3.02 -4.26
N ARG A 74 -8.51 -3.23 -3.77
CA ARG A 74 -8.68 -4.04 -2.54
C ARG A 74 -8.44 -5.52 -2.84
N GLU A 75 -8.92 -6.02 -3.95
CA GLU A 75 -8.72 -7.47 -4.26
C GLU A 75 -7.26 -7.72 -4.66
N HIS A 76 -6.72 -6.92 -5.52
CA HIS A 76 -5.30 -7.12 -5.97
C HIS A 76 -4.35 -7.15 -4.76
N VAL A 77 -4.54 -6.30 -3.79
CA VAL A 77 -3.61 -6.30 -2.63
C VAL A 77 -3.87 -7.54 -1.76
N MET A 78 -5.08 -7.73 -1.33
CA MET A 78 -5.39 -8.91 -0.47
C MET A 78 -5.08 -10.21 -1.24
N LYS A 79 -5.00 -10.17 -2.53
CA LYS A 79 -4.73 -11.42 -3.30
C LYS A 79 -3.23 -11.75 -3.34
N ASN A 80 -2.38 -10.76 -3.50
CA ASN A 80 -0.90 -11.02 -3.60
C ASN A 80 -0.16 -10.67 -2.29
N VAL A 81 -0.71 -9.86 -1.43
CA VAL A 81 0.02 -9.52 -0.16
C VAL A 81 -0.52 -10.39 1.00
N ASP A 82 -1.77 -10.76 0.98
CA ASP A 82 -2.30 -11.61 2.08
C ASP A 82 -1.42 -12.85 2.23
N THR A 83 -0.65 -12.92 3.27
CA THR A 83 0.28 -14.07 3.47
C THR A 83 -0.43 -15.31 4.06
N ASN A 84 -0.84 -15.28 5.29
CA ASN A 84 -1.49 -16.48 5.93
C ASN A 84 -2.99 -16.27 6.10
N GLN A 85 -3.56 -15.46 5.27
CA GLN A 85 -5.04 -15.22 5.36
C GLN A 85 -5.49 -15.06 6.80
N ASP A 86 -4.60 -14.68 7.68
CA ASP A 86 -5.02 -14.47 9.09
C ASP A 86 -5.60 -13.07 9.15
N ARG A 87 -5.86 -12.52 8.00
CA ARG A 87 -6.41 -11.14 7.90
C ARG A 87 -5.37 -10.16 8.45
N LEU A 88 -4.26 -10.67 8.93
CA LEU A 88 -3.18 -9.79 9.47
C LEU A 88 -1.95 -9.94 8.58
N VAL A 89 -1.33 -8.85 8.20
CA VAL A 89 -0.12 -8.93 7.33
C VAL A 89 1.09 -8.52 8.17
N THR A 90 2.17 -9.29 8.15
CA THR A 90 3.36 -8.91 8.97
C THR A 90 4.48 -8.42 8.05
N LEU A 91 5.34 -7.58 8.57
CA LEU A 91 6.46 -7.05 7.76
C LEU A 91 7.25 -8.23 7.19
N GLU A 92 7.34 -9.29 7.94
CA GLU A 92 8.12 -10.47 7.50
C GLU A 92 7.63 -11.01 6.15
N GLU A 93 6.45 -11.59 6.12
CA GLU A 93 5.96 -12.17 4.84
C GLU A 93 5.64 -11.06 3.83
N PHE A 94 5.20 -9.92 4.27
CA PHE A 94 4.89 -8.83 3.30
C PHE A 94 6.14 -8.53 2.48
N LEU A 95 7.26 -8.33 3.12
CA LEU A 95 8.51 -8.05 2.39
C LEU A 95 8.74 -9.15 1.33
N ALA A 96 8.63 -10.39 1.73
CA ALA A 96 8.83 -11.50 0.75
C ALA A 96 8.10 -11.19 -0.56
N SER A 97 6.87 -10.75 -0.46
CA SER A 97 6.10 -10.42 -1.70
C SER A 97 6.85 -9.36 -2.51
N THR A 98 7.52 -8.46 -1.85
CA THR A 98 8.28 -7.39 -2.59
C THR A 98 9.74 -7.85 -2.77
N GLN A 99 10.37 -8.25 -1.70
CA GLN A 99 11.78 -8.71 -1.81
C GLN A 99 11.83 -10.02 -2.59
N ARG A 100 12.61 -10.07 -3.65
CA ARG A 100 12.72 -11.32 -4.47
C ARG A 100 14.20 -11.65 -4.69
N LYS A 101 15.05 -10.66 -4.64
CA LYS A 101 16.50 -10.89 -4.84
C LYS A 101 16.95 -12.15 -4.09
N GLU A 102 17.25 -13.20 -4.80
CA GLU A 102 17.70 -14.46 -4.12
C GLU A 102 19.20 -14.39 -3.86
N PHE A 103 19.60 -13.87 -2.74
CA PHE A 103 21.06 -13.77 -2.44
C PHE A 103 21.78 -13.10 -3.60
N LEU A 5 37.24 -13.97 6.43
CA LEU A 5 36.25 -12.87 6.52
C LEU A 5 35.17 -13.07 5.46
N LYS A 6 35.21 -14.16 4.75
CA LYS A 6 34.20 -14.40 3.69
C LYS A 6 34.11 -13.19 2.76
N GLU A 7 32.93 -12.66 2.57
CA GLU A 7 32.79 -11.47 1.68
C GLU A 7 33.44 -10.26 2.34
N VAL A 8 34.46 -9.72 1.74
CA VAL A 8 35.14 -8.53 2.34
C VAL A 8 34.28 -7.28 2.12
N TRP A 9 33.24 -7.40 1.33
CA TRP A 9 32.35 -6.22 1.06
C TRP A 9 30.91 -6.70 0.94
N GLU A 10 29.99 -6.02 1.58
CA GLU A 10 28.57 -6.42 1.49
C GLU A 10 27.68 -5.31 2.05
N GLU A 11 26.91 -4.67 1.22
CA GLU A 11 26.03 -3.57 1.72
C GLU A 11 25.02 -3.20 0.65
N LEU A 12 23.78 -2.98 1.03
CA LEU A 12 22.73 -2.61 0.03
C LEU A 12 22.41 -1.11 0.18
N ASP A 13 22.51 -0.59 1.37
CA ASP A 13 22.21 0.86 1.58
C ASP A 13 23.29 1.70 0.88
N GLY A 14 23.25 1.81 -0.42
CA GLY A 14 24.27 2.63 -1.14
C GLY A 14 23.66 3.24 -2.40
N LEU A 15 22.61 4.02 -2.25
CA LEU A 15 21.97 4.64 -3.43
C LEU A 15 21.77 3.59 -4.53
N ASP A 16 21.15 2.49 -4.23
CA ASP A 16 20.94 1.45 -5.27
C ASP A 16 20.07 2.04 -6.39
N PRO A 17 20.20 1.54 -7.60
CA PRO A 17 19.39 2.03 -8.73
C PRO A 17 17.90 1.94 -8.37
N ASN A 18 17.50 0.86 -7.78
CA ASN A 18 16.05 0.70 -7.39
C ASN A 18 15.82 1.37 -6.04
N ARG A 19 16.36 2.54 -5.85
CA ARG A 19 16.17 3.25 -4.56
C ARG A 19 14.68 3.35 -4.23
N PHE A 20 14.30 3.04 -3.02
CA PHE A 20 12.86 3.11 -2.65
C PHE A 20 12.72 2.94 -1.13
N ASN A 21 13.54 2.11 -0.54
CA ASN A 21 13.45 1.90 0.94
C ASN A 21 12.00 1.62 1.33
N PRO A 22 11.49 0.46 0.93
CA PRO A 22 10.10 0.09 1.26
C PRO A 22 9.93 -0.05 2.78
N LYS A 23 11.00 -0.27 3.49
CA LYS A 23 10.91 -0.43 4.96
C LYS A 23 10.29 0.81 5.60
N THR A 24 10.59 1.99 5.11
CA THR A 24 10.03 3.21 5.72
C THR A 24 8.53 3.33 5.43
N PHE A 25 8.11 3.02 4.24
CA PHE A 25 6.65 3.12 3.92
C PHE A 25 5.89 2.25 4.94
N PHE A 26 6.47 1.16 5.34
CA PHE A 26 5.79 0.27 6.33
C PHE A 26 5.72 0.99 7.68
N ILE A 27 6.71 1.78 8.00
CA ILE A 27 6.69 2.49 9.30
C ILE A 27 5.65 3.61 9.23
N LEU A 28 5.83 4.55 8.35
CA LEU A 28 4.85 5.68 8.25
C LEU A 28 3.39 5.14 8.31
N HIS A 29 3.13 3.93 7.88
CA HIS A 29 1.74 3.40 7.94
C HIS A 29 1.48 2.70 9.28
N ASP A 30 2.51 2.41 10.03
CA ASP A 30 2.29 1.73 11.34
C ASP A 30 1.72 2.73 12.36
N ILE A 31 0.56 3.26 12.09
CA ILE A 31 -0.06 4.26 13.00
C ILE A 31 -0.04 3.77 14.44
N ASN A 32 -0.52 2.58 14.71
CA ASN A 32 -0.52 2.08 16.13
C ASN A 32 0.78 1.33 16.42
N SER A 33 1.77 1.45 15.57
CA SER A 33 3.07 0.77 15.80
C SER A 33 2.85 -0.65 16.34
N ASP A 34 2.04 -1.43 15.68
CA ASP A 34 1.80 -2.83 16.15
C ASP A 34 2.74 -3.76 15.38
N GLY A 35 3.48 -3.22 14.47
CA GLY A 35 4.43 -4.05 13.66
C GLY A 35 3.66 -4.80 12.58
N VAL A 36 2.37 -4.56 12.45
CA VAL A 36 1.57 -5.25 11.37
C VAL A 36 0.52 -4.27 10.83
N LEU A 37 -0.05 -4.57 9.69
CA LEU A 37 -1.15 -3.68 9.13
C LEU A 37 -2.43 -4.51 9.12
N ASP A 38 -3.46 -4.06 9.81
CA ASP A 38 -4.74 -4.85 9.88
C ASP A 38 -5.83 -4.21 9.00
N GLU A 39 -6.95 -4.88 8.87
CA GLU A 39 -8.07 -4.37 8.02
C GLU A 39 -8.48 -2.93 8.40
N GLN A 40 -8.55 -2.61 9.66
CA GLN A 40 -8.96 -1.22 10.01
C GLN A 40 -7.93 -0.24 9.43
N GLU A 41 -6.72 -0.69 9.20
CA GLU A 41 -5.69 0.23 8.62
C GLU A 41 -5.88 0.33 7.10
N LEU A 42 -6.15 -0.76 6.44
CA LEU A 42 -6.38 -0.71 4.96
C LEU A 42 -7.76 -0.11 4.69
N GLU A 43 -8.71 -0.31 5.57
CA GLU A 43 -10.05 0.27 5.36
C GLU A 43 -9.92 1.79 5.30
N ALA A 44 -9.19 2.37 6.21
CA ALA A 44 -9.02 3.85 6.22
C ALA A 44 -8.09 4.30 5.09
N LEU A 45 -7.16 3.47 4.70
CA LEU A 45 -6.22 3.87 3.61
C LEU A 45 -6.93 3.88 2.25
N PHE A 46 -7.98 3.10 2.10
CA PHE A 46 -8.71 3.08 0.79
C PHE A 46 -9.64 4.28 0.69
N THR A 47 -10.44 4.51 1.70
CA THR A 47 -11.39 5.65 1.66
C THR A 47 -10.65 6.99 1.48
N LYS A 48 -9.63 7.24 2.26
CA LYS A 48 -8.93 8.55 2.15
C LYS A 48 -8.21 8.70 0.80
N GLU A 49 -7.57 7.68 0.32
CA GLU A 49 -6.86 7.84 -0.98
C GLU A 49 -7.86 8.31 -2.02
N LEU A 50 -9.12 7.95 -1.86
CA LEU A 50 -10.15 8.38 -2.84
C LEU A 50 -10.69 9.77 -2.48
N GLU A 51 -10.63 10.15 -1.23
CA GLU A 51 -11.16 11.47 -0.83
C GLU A 51 -10.34 12.61 -1.46
N LYS A 52 -9.33 12.26 -2.25
CA LYS A 52 -8.49 13.34 -2.90
C LYS A 52 -8.54 13.21 -4.44
N VAL A 53 -9.69 12.97 -5.00
CA VAL A 53 -9.78 12.89 -6.49
C VAL A 53 -11.25 12.80 -6.94
N TYR A 54 -12.08 12.09 -6.23
CA TYR A 54 -13.51 11.97 -6.63
C TYR A 54 -14.35 13.01 -5.88
N ASP A 55 -13.79 13.64 -4.88
CA ASP A 55 -14.56 14.66 -4.13
C ASP A 55 -15.93 14.08 -3.71
N PRO A 56 -15.94 13.24 -2.71
CA PRO A 56 -17.19 12.62 -2.23
C PRO A 56 -18.12 13.69 -1.63
N LYS A 57 -17.83 14.93 -1.87
CA LYS A 57 -18.69 16.05 -1.33
C LYS A 57 -19.49 16.68 -2.48
N ASN A 58 -18.93 16.68 -3.66
CA ASN A 58 -19.66 17.26 -4.83
C ASN A 58 -20.89 16.41 -5.16
N GLU A 59 -21.26 15.51 -4.29
CA GLU A 59 -22.46 14.68 -4.56
C GLU A 59 -22.35 14.08 -5.96
N GLU A 60 -23.47 13.88 -6.61
CA GLU A 60 -23.46 13.31 -7.99
C GLU A 60 -22.75 11.94 -8.00
N ASP A 61 -21.46 11.93 -7.83
CA ASP A 61 -20.72 10.64 -7.82
C ASP A 61 -20.95 9.94 -6.47
N ASP A 62 -22.05 9.28 -6.34
CA ASP A 62 -22.36 8.57 -5.05
C ASP A 62 -21.24 7.56 -4.70
N MET A 63 -20.12 7.63 -5.37
CA MET A 63 -19.00 6.69 -5.08
C MET A 63 -19.51 5.25 -5.21
N ARG A 64 -20.63 5.07 -5.85
CA ARG A 64 -21.18 3.70 -6.03
C ARG A 64 -20.80 3.18 -7.42
N GLU A 65 -21.03 3.96 -8.44
CA GLU A 65 -20.70 3.50 -9.82
C GLU A 65 -19.22 3.09 -9.91
N MET A 66 -18.31 3.93 -9.46
CA MET A 66 -16.86 3.58 -9.56
C MET A 66 -16.49 2.49 -8.55
N GLU A 67 -17.43 2.08 -7.72
CA GLU A 67 -17.12 1.01 -6.70
C GLU A 67 -16.20 -0.06 -7.30
N GLU A 68 -16.22 -0.22 -8.59
CA GLU A 68 -15.34 -1.22 -9.23
C GLU A 68 -13.88 -0.94 -8.87
N GLU A 69 -13.58 0.29 -8.53
CA GLU A 69 -12.18 0.64 -8.17
C GLU A 69 -11.87 0.15 -6.75
N ARG A 70 -12.75 0.38 -5.82
CA ARG A 70 -12.50 -0.07 -4.42
C ARG A 70 -12.18 -1.57 -4.44
N LEU A 71 -12.93 -2.34 -5.17
CA LEU A 71 -12.66 -3.81 -5.23
C LEU A 71 -11.34 -4.06 -5.97
N ARG A 72 -10.98 -3.19 -6.86
CA ARG A 72 -9.71 -3.39 -7.62
C ARG A 72 -8.52 -3.31 -6.66
N MET A 73 -8.54 -2.39 -5.72
CA MET A 73 -7.40 -2.28 -4.76
C MET A 73 -7.64 -3.24 -3.58
N ARG A 74 -8.80 -3.20 -2.99
CA ARG A 74 -9.09 -4.10 -1.84
C ARG A 74 -8.86 -5.57 -2.23
N GLU A 75 -9.34 -5.98 -3.38
CA GLU A 75 -9.16 -7.40 -3.79
C GLU A 75 -7.73 -7.67 -4.26
N HIS A 76 -7.23 -6.89 -5.17
CA HIS A 76 -5.83 -7.13 -5.66
C HIS A 76 -4.84 -7.14 -4.50
N VAL A 77 -5.00 -6.27 -3.54
CA VAL A 77 -4.04 -6.27 -2.40
C VAL A 77 -4.26 -7.51 -1.52
N MET A 78 -5.47 -7.71 -1.07
CA MET A 78 -5.75 -8.89 -0.20
C MET A 78 -5.54 -10.19 -0.99
N LYS A 79 -5.47 -10.13 -2.29
CA LYS A 79 -5.29 -11.40 -3.08
C LYS A 79 -3.79 -11.66 -3.37
N ASN A 80 -3.02 -10.64 -3.65
CA ASN A 80 -1.57 -10.85 -3.97
C ASN A 80 -0.66 -10.54 -2.77
N VAL A 81 -1.05 -9.69 -1.85
CA VAL A 81 -0.15 -9.41 -0.69
C VAL A 81 -0.48 -10.38 0.45
N ASP A 82 -1.72 -10.73 0.64
CA ASP A 82 -2.05 -11.71 1.72
C ASP A 82 -1.11 -12.92 1.60
N THR A 83 -0.19 -13.07 2.51
CA THR A 83 0.77 -14.19 2.42
C THR A 83 0.21 -15.46 3.07
N ASN A 84 -0.04 -15.43 4.36
CA ASN A 84 -0.60 -16.64 5.04
C ASN A 84 -2.09 -16.45 5.29
N GLN A 85 -2.69 -15.51 4.62
CA GLN A 85 -4.14 -15.27 4.77
C GLN A 85 -4.57 -15.35 6.24
N ASP A 86 -4.24 -14.33 6.99
CA ASP A 86 -4.65 -14.30 8.43
C ASP A 86 -5.30 -12.94 8.70
N ARG A 87 -5.71 -12.30 7.64
CA ARG A 87 -6.35 -10.95 7.73
C ARG A 87 -5.34 -9.97 8.33
N LEU A 88 -4.19 -10.47 8.72
CA LEU A 88 -3.14 -9.60 9.32
C LEU A 88 -1.86 -9.80 8.50
N VAL A 89 -1.20 -8.73 8.17
CA VAL A 89 0.05 -8.82 7.35
C VAL A 89 1.25 -8.46 8.23
N THR A 90 2.27 -9.27 8.27
CA THR A 90 3.46 -8.94 9.11
C THR A 90 4.58 -8.39 8.22
N LEU A 91 5.54 -7.72 8.78
CA LEU A 91 6.66 -7.18 7.97
C LEU A 91 7.43 -8.33 7.34
N GLU A 92 7.57 -9.40 8.07
CA GLU A 92 8.34 -10.55 7.55
C GLU A 92 7.73 -11.07 6.24
N GLU A 93 6.57 -11.65 6.32
CA GLU A 93 5.94 -12.21 5.09
C GLU A 93 5.67 -11.10 4.05
N PHE A 94 5.43 -9.89 4.49
CA PHE A 94 5.16 -8.80 3.51
C PHE A 94 6.42 -8.55 2.66
N LEU A 95 7.54 -8.35 3.29
CA LEU A 95 8.79 -8.12 2.52
C LEU A 95 8.93 -9.19 1.44
N ALA A 96 8.67 -10.42 1.78
CA ALA A 96 8.78 -11.52 0.77
C ALA A 96 7.99 -11.15 -0.49
N SER A 97 6.71 -10.92 -0.37
CA SER A 97 5.89 -10.57 -1.56
C SER A 97 6.62 -9.53 -2.41
N THR A 98 7.40 -8.68 -1.78
CA THR A 98 8.16 -7.65 -2.56
C THR A 98 9.56 -8.17 -2.86
N GLN A 99 10.31 -8.49 -1.83
CA GLN A 99 11.70 -9.01 -2.03
C GLN A 99 11.73 -10.01 -3.20
N ARG A 100 10.84 -10.95 -3.25
CA ARG A 100 10.84 -11.94 -4.36
C ARG A 100 10.75 -11.20 -5.70
N LYS A 101 11.87 -10.81 -6.25
CA LYS A 101 11.86 -10.09 -7.55
C LYS A 101 10.90 -10.79 -8.53
N GLU A 102 9.83 -10.15 -8.89
CA GLU A 102 8.86 -10.78 -9.83
C GLU A 102 9.58 -11.12 -11.13
N PHE A 103 10.09 -12.32 -11.25
CA PHE A 103 10.80 -12.71 -12.51
C PHE A 103 9.77 -13.10 -13.58
N LEU A 5 41.11 -2.24 -8.24
CA LEU A 5 42.32 -3.00 -7.81
C LEU A 5 42.22 -3.31 -6.32
N LYS A 6 41.25 -2.75 -5.65
CA LYS A 6 41.09 -3.01 -4.18
C LYS A 6 39.61 -2.94 -3.81
N GLU A 7 38.83 -3.87 -4.28
CA GLU A 7 37.37 -3.86 -3.95
C GLU A 7 36.75 -5.19 -4.39
N VAL A 8 35.94 -5.77 -3.54
CA VAL A 8 35.30 -7.08 -3.89
C VAL A 8 33.91 -7.15 -3.25
N TRP A 9 33.68 -6.35 -2.23
CA TRP A 9 32.34 -6.37 -1.57
C TRP A 9 31.25 -6.10 -2.60
N GLU A 10 30.42 -7.07 -2.88
CA GLU A 10 29.34 -6.87 -3.88
C GLU A 10 28.18 -6.09 -3.25
N GLU A 11 28.48 -4.96 -2.66
CA GLU A 11 27.40 -4.15 -2.01
C GLU A 11 26.61 -5.04 -1.05
N LEU A 12 25.45 -4.61 -0.65
CA LEU A 12 24.64 -5.43 0.29
C LEU A 12 23.17 -5.02 0.21
N ASP A 13 22.27 -5.97 0.12
CA ASP A 13 20.82 -5.63 0.02
C ASP A 13 20.22 -5.54 1.43
N GLY A 14 20.45 -4.45 2.12
CA GLY A 14 19.88 -4.32 3.49
C GLY A 14 19.93 -2.85 3.94
N LEU A 15 20.86 -2.09 3.44
CA LEU A 15 20.96 -0.66 3.83
C LEU A 15 21.53 0.13 2.64
N ASP A 16 20.87 0.13 1.52
CA ASP A 16 21.39 0.87 0.35
C ASP A 16 21.18 2.38 0.56
N PRO A 17 22.06 3.21 0.02
CA PRO A 17 21.92 4.68 0.16
C PRO A 17 20.61 5.14 -0.51
N ASN A 18 20.27 4.55 -1.63
CA ASN A 18 19.03 4.95 -2.35
C ASN A 18 18.33 3.69 -2.89
N ARG A 19 18.25 3.52 -4.20
CA ARG A 19 17.56 2.32 -4.75
C ARG A 19 16.16 2.20 -4.14
N PHE A 20 15.49 1.12 -4.42
CA PHE A 20 14.11 0.93 -3.86
C PHE A 20 14.17 0.87 -2.33
N ASN A 21 13.08 1.18 -1.69
CA ASN A 21 13.06 1.14 -0.20
C ASN A 21 11.60 1.05 0.29
N PRO A 22 10.95 -0.06 0.00
CA PRO A 22 9.54 -0.25 0.40
C PRO A 22 9.42 -0.29 1.93
N LYS A 23 10.51 -0.50 2.62
CA LYS A 23 10.47 -0.58 4.10
C LYS A 23 9.89 0.71 4.70
N THR A 24 10.18 1.85 4.11
CA THR A 24 9.64 3.11 4.67
C THR A 24 8.12 3.18 4.46
N PHE A 25 7.65 2.74 3.34
CA PHE A 25 6.17 2.79 3.09
C PHE A 25 5.47 2.01 4.22
N PHE A 26 6.02 0.91 4.62
CA PHE A 26 5.38 0.10 5.69
C PHE A 26 5.35 0.87 7.01
N ILE A 27 6.38 1.64 7.30
CA ILE A 27 6.38 2.41 8.57
C ILE A 27 5.40 3.57 8.47
N LEU A 28 5.63 4.48 7.56
CA LEU A 28 4.69 5.63 7.43
C LEU A 28 3.22 5.16 7.45
N HIS A 29 2.92 3.97 6.98
CA HIS A 29 1.50 3.49 7.02
C HIS A 29 1.20 2.88 8.38
N ASP A 30 2.21 2.59 9.16
CA ASP A 30 1.98 2.01 10.51
C ASP A 30 1.48 3.11 11.45
N ILE A 31 0.18 3.25 11.57
CA ILE A 31 -0.39 4.31 12.43
C ILE A 31 -0.28 3.94 13.93
N ASN A 32 -0.72 2.76 14.30
CA ASN A 32 -0.63 2.38 15.75
C ASN A 32 0.72 1.71 16.04
N SER A 33 1.62 1.74 15.09
CA SER A 33 2.96 1.14 15.32
C SER A 33 2.83 -0.22 16.02
N ASP A 34 1.98 -1.08 15.53
CA ASP A 34 1.82 -2.42 16.16
C ASP A 34 2.76 -3.40 15.46
N GLY A 35 3.50 -2.92 14.49
CA GLY A 35 4.45 -3.79 13.75
C GLY A 35 3.69 -4.62 12.71
N VAL A 36 2.38 -4.49 12.66
CA VAL A 36 1.59 -5.24 11.63
C VAL A 36 0.51 -4.32 11.06
N LEU A 37 -0.08 -4.67 9.95
CA LEU A 37 -1.19 -3.83 9.37
C LEU A 37 -2.47 -4.67 9.44
N ASP A 38 -3.39 -4.29 10.29
CA ASP A 38 -4.66 -5.07 10.46
C ASP A 38 -5.74 -4.60 9.47
N GLU A 39 -6.92 -5.15 9.57
CA GLU A 39 -8.02 -4.77 8.64
C GLU A 39 -8.58 -3.38 8.97
N GLN A 40 -8.81 -3.08 10.22
CA GLN A 40 -9.35 -1.72 10.54
C GLN A 40 -8.36 -0.68 10.02
N GLU A 41 -7.12 -1.03 9.90
CA GLU A 41 -6.11 -0.06 9.38
C GLU A 41 -6.13 -0.10 7.85
N LEU A 42 -6.38 -1.25 7.27
CA LEU A 42 -6.44 -1.37 5.79
C LEU A 42 -7.75 -0.76 5.29
N GLU A 43 -8.80 -0.84 6.07
CA GLU A 43 -10.09 -0.27 5.62
C GLU A 43 -10.02 1.26 5.64
N ALA A 44 -9.50 1.84 6.70
CA ALA A 44 -9.43 3.32 6.77
C ALA A 44 -8.38 3.86 5.79
N LEU A 45 -7.30 3.14 5.59
CA LEU A 45 -6.26 3.63 4.65
C LEU A 45 -6.80 3.56 3.21
N PHE A 46 -7.74 2.69 2.94
CA PHE A 46 -8.27 2.58 1.55
C PHE A 46 -9.33 3.68 1.31
N THR A 47 -10.29 3.78 2.18
CA THR A 47 -11.36 4.80 1.99
C THR A 47 -10.82 6.22 2.19
N LYS A 48 -10.08 6.45 3.23
CA LYS A 48 -9.58 7.83 3.49
C LYS A 48 -8.44 8.21 2.53
N GLU A 49 -7.46 7.37 2.36
CA GLU A 49 -6.34 7.76 1.44
C GLU A 49 -6.90 8.09 0.05
N LEU A 50 -7.98 7.47 -0.32
CA LEU A 50 -8.56 7.74 -1.66
C LEU A 50 -9.19 9.14 -1.69
N GLU A 51 -9.57 9.65 -0.55
CA GLU A 51 -10.17 11.01 -0.51
C GLU A 51 -9.20 12.01 -1.13
N LYS A 52 -8.01 11.57 -1.48
CA LYS A 52 -6.99 12.49 -2.09
C LYS A 52 -6.82 12.16 -3.58
N VAL A 53 -7.89 11.82 -4.26
CA VAL A 53 -7.78 11.50 -5.71
C VAL A 53 -9.09 11.82 -6.42
N TYR A 54 -10.17 11.21 -6.01
CA TYR A 54 -11.47 11.50 -6.67
C TYR A 54 -12.05 12.80 -6.11
N ASP A 55 -11.63 13.24 -4.96
CA ASP A 55 -12.17 14.52 -4.41
C ASP A 55 -13.70 14.50 -4.50
N PRO A 56 -14.33 13.74 -3.63
CA PRO A 56 -15.81 13.64 -3.63
C PRO A 56 -16.42 15.02 -3.36
N LYS A 57 -17.72 15.10 -3.44
CA LYS A 57 -18.40 16.41 -3.20
C LYS A 57 -19.81 16.16 -2.63
N ASN A 58 -20.79 16.04 -3.47
CA ASN A 58 -22.17 15.78 -2.98
C ASN A 58 -23.06 15.33 -4.14
N GLU A 59 -23.14 14.05 -4.38
CA GLU A 59 -23.99 13.54 -5.51
C GLU A 59 -24.64 12.22 -5.09
N GLU A 60 -25.38 11.61 -5.97
CA GLU A 60 -26.06 10.33 -5.63
C GLU A 60 -25.07 9.17 -5.78
N ASP A 61 -23.95 9.41 -6.41
CA ASP A 61 -22.93 8.33 -6.59
C ASP A 61 -21.80 8.53 -5.58
N ASP A 62 -22.13 8.81 -4.35
CA ASP A 62 -21.09 9.03 -3.31
C ASP A 62 -19.96 8.01 -3.43
N MET A 63 -18.95 8.32 -4.20
CA MET A 63 -17.82 7.36 -4.38
C MET A 63 -18.37 6.01 -4.82
N ARG A 64 -19.21 5.99 -5.82
CA ARG A 64 -19.81 4.72 -6.32
C ARG A 64 -19.47 4.54 -7.79
N GLU A 65 -19.87 5.46 -8.63
CA GLU A 65 -19.60 5.33 -10.10
C GLU A 65 -18.17 4.81 -10.35
N MET A 66 -17.30 4.86 -9.36
CA MET A 66 -15.90 4.36 -9.55
C MET A 66 -15.64 3.17 -8.62
N GLU A 67 -16.64 2.73 -7.89
CA GLU A 67 -16.43 1.57 -6.95
C GLU A 67 -15.60 0.48 -7.64
N GLU A 68 -15.50 0.53 -8.93
CA GLU A 68 -14.68 -0.48 -9.65
C GLU A 68 -13.24 -0.41 -9.16
N GLU A 69 -12.63 0.73 -9.25
CA GLU A 69 -11.21 0.88 -8.79
C GLU A 69 -11.11 0.50 -7.31
N ARG A 70 -12.09 0.86 -6.54
CA ARG A 70 -12.06 0.53 -5.08
C ARG A 70 -11.84 -0.97 -4.90
N LEU A 71 -12.63 -1.79 -5.54
CA LEU A 71 -12.47 -3.26 -5.39
C LEU A 71 -11.30 -3.76 -6.26
N ARG A 72 -11.02 -3.08 -7.33
CA ARG A 72 -9.89 -3.54 -8.21
C ARG A 72 -8.56 -3.52 -7.43
N MET A 73 -8.36 -2.53 -6.61
CA MET A 73 -7.08 -2.47 -5.83
C MET A 73 -7.23 -3.27 -4.53
N ARG A 74 -8.39 -3.33 -3.95
CA ARG A 74 -8.54 -4.12 -2.69
C ARG A 74 -8.32 -5.60 -3.01
N GLU A 75 -8.65 -6.03 -4.20
CA GLU A 75 -8.45 -7.46 -4.56
C GLU A 75 -6.98 -7.73 -4.86
N HIS A 76 -6.35 -6.92 -5.66
CA HIS A 76 -4.93 -7.16 -5.99
C HIS A 76 -4.07 -7.13 -4.71
N VAL A 77 -4.42 -6.30 -3.75
CA VAL A 77 -3.60 -6.28 -2.50
C VAL A 77 -3.91 -7.53 -1.66
N MET A 78 -5.16 -7.76 -1.36
CA MET A 78 -5.52 -8.95 -0.55
C MET A 78 -5.04 -10.23 -1.28
N LYS A 79 -4.84 -10.16 -2.57
CA LYS A 79 -4.39 -11.37 -3.31
C LYS A 79 -2.85 -11.38 -3.45
N ASN A 80 -2.22 -10.23 -3.45
CA ASN A 80 -0.72 -10.20 -3.63
C ASN A 80 0.03 -9.88 -2.33
N VAL A 81 -0.64 -9.42 -1.27
CA VAL A 81 0.11 -9.09 0.00
C VAL A 81 -0.35 -9.98 1.17
N ASP A 82 -1.59 -10.36 1.25
CA ASP A 82 -2.01 -11.24 2.37
C ASP A 82 -1.33 -12.59 2.18
N THR A 83 -0.24 -12.83 2.86
CA THR A 83 0.50 -14.11 2.67
C THR A 83 -0.15 -15.26 3.45
N ASN A 84 -0.38 -15.10 4.72
CA ASN A 84 -0.99 -16.20 5.53
C ASN A 84 -2.49 -15.94 5.71
N GLN A 85 -3.05 -15.18 4.81
CA GLN A 85 -4.50 -14.86 4.84
C GLN A 85 -5.04 -14.77 6.28
N ASP A 86 -4.23 -14.37 7.20
CA ASP A 86 -4.72 -14.23 8.60
C ASP A 86 -5.45 -12.89 8.70
N ARG A 87 -5.67 -12.29 7.56
CA ARG A 87 -6.34 -10.96 7.50
C ARG A 87 -5.43 -9.94 8.17
N LEU A 88 -4.33 -10.40 8.71
CA LEU A 88 -3.34 -9.50 9.38
C LEU A 88 -2.03 -9.64 8.60
N VAL A 89 -1.39 -8.55 8.30
CA VAL A 89 -0.11 -8.60 7.51
C VAL A 89 1.05 -8.15 8.41
N THR A 90 2.11 -8.92 8.47
CA THR A 90 3.27 -8.51 9.31
C THR A 90 4.37 -7.98 8.39
N LEU A 91 5.36 -7.35 8.95
CA LEU A 91 6.47 -6.81 8.13
C LEU A 91 7.22 -7.98 7.48
N GLU A 92 7.35 -9.07 8.17
CA GLU A 92 8.09 -10.25 7.62
C GLU A 92 7.45 -10.81 6.33
N GLU A 93 6.31 -11.43 6.43
CA GLU A 93 5.69 -12.03 5.23
C GLU A 93 5.43 -10.97 4.14
N PHE A 94 5.13 -9.77 4.52
CA PHE A 94 4.87 -8.71 3.52
C PHE A 94 6.10 -8.55 2.60
N LEU A 95 7.26 -8.37 3.16
CA LEU A 95 8.48 -8.22 2.31
C LEU A 95 8.56 -9.38 1.32
N ALA A 96 8.42 -10.59 1.79
CA ALA A 96 8.50 -11.77 0.87
C ALA A 96 7.66 -11.50 -0.39
N SER A 97 6.47 -11.00 -0.22
CA SER A 97 5.60 -10.74 -1.39
C SER A 97 6.24 -9.71 -2.33
N THR A 98 7.00 -8.80 -1.79
CA THR A 98 7.67 -7.77 -2.65
C THR A 98 9.10 -8.24 -2.97
N GLN A 99 9.90 -8.47 -1.97
CA GLN A 99 11.29 -8.93 -2.24
C GLN A 99 11.26 -10.12 -3.20
N ARG A 100 11.85 -9.98 -4.36
CA ARG A 100 11.84 -11.12 -5.32
C ARG A 100 12.82 -10.80 -6.47
N LYS A 101 14.05 -10.52 -6.14
CA LYS A 101 15.05 -10.21 -7.20
C LYS A 101 14.51 -9.09 -8.09
N GLU A 102 13.87 -8.11 -7.52
CA GLU A 102 13.32 -6.99 -8.34
C GLU A 102 12.41 -7.57 -9.43
N PHE A 103 11.38 -8.27 -9.05
CA PHE A 103 10.46 -8.85 -10.07
C PHE A 103 11.28 -9.64 -11.10
N LEU A 5 28.84 18.03 1.15
CA LEU A 5 28.28 19.23 1.83
C LEU A 5 26.78 19.04 2.02
N LYS A 6 26.37 18.01 2.71
CA LYS A 6 24.92 17.78 2.94
C LYS A 6 24.43 18.67 4.08
N GLU A 7 24.10 19.91 3.79
CA GLU A 7 23.62 20.83 4.86
C GLU A 7 22.29 20.31 5.40
N VAL A 8 21.58 21.12 6.14
CA VAL A 8 20.29 20.67 6.71
C VAL A 8 19.37 20.21 5.57
N TRP A 9 19.46 20.84 4.44
CA TRP A 9 18.58 20.44 3.29
C TRP A 9 18.89 18.98 2.91
N GLU A 10 18.01 18.37 2.16
CA GLU A 10 18.25 16.96 1.76
C GLU A 10 17.26 16.57 0.67
N GLU A 11 17.65 16.65 -0.58
CA GLU A 11 16.73 16.29 -1.69
C GLU A 11 15.42 17.07 -1.54
N LEU A 12 14.36 16.40 -1.18
CA LEU A 12 13.05 17.11 -1.01
C LEU A 12 12.18 16.34 -0.02
N ASP A 13 12.78 15.75 0.99
CA ASP A 13 12.00 14.97 1.99
C ASP A 13 11.39 13.75 1.31
N GLY A 14 11.57 13.62 0.02
CA GLY A 14 11.00 12.44 -0.69
C GLY A 14 9.49 12.41 -0.51
N LEU A 15 8.80 13.43 -0.95
CA LEU A 15 7.32 13.44 -0.79
C LEU A 15 6.72 12.41 -1.74
N ASP A 16 7.20 11.20 -1.69
CA ASP A 16 6.66 10.14 -2.59
C ASP A 16 7.23 8.78 -2.14
N PRO A 17 6.80 8.29 -1.01
CA PRO A 17 7.32 7.02 -0.47
C PRO A 17 7.11 5.89 -1.49
N ASN A 18 6.27 6.10 -2.46
CA ASN A 18 6.02 5.05 -3.49
C ASN A 18 7.28 4.87 -4.35
N ARG A 19 8.33 4.36 -3.77
CA ARG A 19 9.59 4.16 -4.54
C ARG A 19 10.45 3.09 -3.85
N PHE A 20 11.73 3.08 -4.11
CA PHE A 20 12.61 2.07 -3.48
C PHE A 20 12.46 2.13 -1.96
N ASN A 21 13.28 1.42 -1.24
CA ASN A 21 13.18 1.44 0.25
C ASN A 21 11.71 1.21 0.68
N PRO A 22 11.18 0.06 0.36
CA PRO A 22 9.78 -0.26 0.73
C PRO A 22 9.65 -0.37 2.27
N LYS A 23 10.73 -0.60 2.94
CA LYS A 23 10.67 -0.72 4.43
C LYS A 23 10.08 0.54 5.05
N THR A 24 10.35 1.70 4.52
CA THR A 24 9.81 2.93 5.13
C THR A 24 8.30 3.02 4.91
N PHE A 25 7.83 2.68 3.74
CA PHE A 25 6.36 2.75 3.48
C PHE A 25 5.64 1.90 4.53
N PHE A 26 6.21 0.79 4.91
CA PHE A 26 5.57 -0.09 5.91
C PHE A 26 5.52 0.61 7.28
N ILE A 27 6.53 1.39 7.60
CA ILE A 27 6.54 2.09 8.91
C ILE A 27 5.56 3.25 8.87
N LEU A 28 5.76 4.20 7.99
CA LEU A 28 4.82 5.36 7.91
C LEU A 28 3.36 4.88 7.91
N HIS A 29 3.05 3.78 7.27
CA HIS A 29 1.62 3.31 7.27
C HIS A 29 1.29 2.67 8.61
N ASP A 30 2.27 2.30 9.38
CA ASP A 30 1.99 1.69 10.71
C ASP A 30 1.58 2.81 11.68
N ILE A 31 0.31 3.08 11.77
CA ILE A 31 -0.19 4.16 12.66
C ILE A 31 -0.06 3.75 14.13
N ASN A 32 -0.57 2.61 14.51
CA ASN A 32 -0.48 2.18 15.93
C ASN A 32 0.87 1.50 16.17
N SER A 33 1.78 1.61 15.24
CA SER A 33 3.13 0.99 15.43
C SER A 33 2.98 -0.42 16.01
N ASP A 34 2.06 -1.21 15.51
CA ASP A 34 1.89 -2.59 16.03
C ASP A 34 2.83 -3.53 15.27
N GLY A 35 3.53 -3.00 14.31
CA GLY A 35 4.46 -3.85 13.51
C GLY A 35 3.67 -4.67 12.49
N VAL A 36 2.37 -4.53 12.46
CA VAL A 36 1.54 -5.28 11.45
C VAL A 36 0.41 -4.38 10.97
N LEU A 37 -0.18 -4.70 9.85
CA LEU A 37 -1.36 -3.88 9.34
C LEU A 37 -2.61 -4.76 9.40
N ASP A 38 -3.69 -4.24 9.94
CA ASP A 38 -4.96 -5.05 10.06
C ASP A 38 -5.99 -4.54 9.04
N GLU A 39 -7.10 -5.23 8.93
CA GLU A 39 -8.16 -4.82 7.97
C GLU A 39 -8.64 -3.39 8.27
N GLN A 40 -8.21 -2.83 9.35
CA GLN A 40 -8.64 -1.45 9.70
C GLN A 40 -7.73 -0.44 9.01
N GLU A 41 -6.45 -0.70 8.96
CA GLU A 41 -5.53 0.26 8.30
C GLU A 41 -5.81 0.29 6.80
N LEU A 42 -6.19 -0.82 6.22
CA LEU A 42 -6.50 -0.83 4.75
C LEU A 42 -7.90 -0.26 4.51
N GLU A 43 -8.84 -0.57 5.37
CA GLU A 43 -10.22 -0.02 5.17
C GLU A 43 -10.15 1.51 5.18
N ALA A 44 -9.38 2.07 6.08
CA ALA A 44 -9.29 3.55 6.16
C ALA A 44 -8.45 4.11 5.01
N LEU A 45 -7.50 3.36 4.50
CA LEU A 45 -6.65 3.89 3.39
C LEU A 45 -7.40 3.86 2.05
N PHE A 46 -8.36 2.99 1.87
CA PHE A 46 -9.11 2.95 0.58
C PHE A 46 -10.16 4.06 0.58
N THR A 47 -10.94 4.14 1.62
CA THR A 47 -11.99 5.19 1.69
C THR A 47 -11.36 6.58 1.71
N LYS A 48 -10.27 6.74 2.42
CA LYS A 48 -9.62 8.08 2.51
C LYS A 48 -8.87 8.43 1.21
N GLU A 49 -8.09 7.53 0.69
CA GLU A 49 -7.34 7.85 -0.56
C GLU A 49 -8.30 8.34 -1.64
N LEU A 50 -9.53 7.89 -1.60
CA LEU A 50 -10.50 8.35 -2.64
C LEU A 50 -11.01 9.75 -2.32
N GLU A 51 -10.97 10.14 -1.07
CA GLU A 51 -11.47 11.50 -0.70
C GLU A 51 -10.42 12.58 -1.07
N LYS A 52 -9.28 12.18 -1.57
CA LYS A 52 -8.22 13.17 -1.94
C LYS A 52 -8.01 13.19 -3.46
N VAL A 53 -9.01 12.81 -4.21
CA VAL A 53 -8.86 12.79 -5.70
C VAL A 53 -10.21 13.09 -6.36
N TYR A 54 -11.25 12.42 -5.93
CA TYR A 54 -12.60 12.67 -6.55
C TYR A 54 -13.23 13.89 -5.86
N ASP A 55 -12.84 14.18 -4.65
CA ASP A 55 -13.42 15.37 -3.93
C ASP A 55 -14.92 15.17 -3.73
N PRO A 56 -15.29 14.25 -2.86
CA PRO A 56 -16.72 13.98 -2.59
C PRO A 56 -17.38 15.24 -2.02
N LYS A 57 -18.66 15.19 -1.75
CA LYS A 57 -19.38 16.39 -1.21
C LYS A 57 -19.99 16.04 0.16
N ASN A 58 -21.21 15.58 0.20
CA ASN A 58 -21.84 15.22 1.50
C ASN A 58 -23.26 14.70 1.25
N GLU A 59 -23.43 13.41 1.18
CA GLU A 59 -24.79 12.84 0.93
C GLU A 59 -24.94 11.53 1.71
N GLU A 60 -26.08 10.91 1.62
CA GLU A 60 -26.27 9.62 2.35
C GLU A 60 -25.14 8.66 2.00
N ASP A 61 -25.32 7.83 1.01
CA ASP A 61 -24.25 6.86 0.60
C ASP A 61 -24.12 6.84 -0.92
N ASP A 62 -24.48 7.92 -1.57
CA ASP A 62 -24.38 7.96 -3.06
C ASP A 62 -22.93 7.79 -3.51
N MET A 63 -22.05 7.37 -2.63
CA MET A 63 -20.63 7.18 -3.04
C MET A 63 -20.52 5.84 -3.77
N ARG A 64 -21.59 5.10 -3.82
CA ARG A 64 -21.57 3.77 -4.50
C ARG A 64 -20.87 3.91 -5.86
N GLU A 65 -21.09 4.98 -6.56
CA GLU A 65 -20.41 5.14 -7.87
C GLU A 65 -18.89 5.15 -7.66
N MET A 66 -18.12 5.02 -8.70
CA MET A 66 -16.64 5.02 -8.56
C MET A 66 -16.16 3.92 -7.58
N GLU A 67 -17.04 3.30 -6.85
CA GLU A 67 -16.61 2.24 -5.89
C GLU A 67 -15.92 1.10 -6.65
N GLU A 68 -15.75 1.23 -7.94
CA GLU A 68 -15.11 0.13 -8.72
C GLU A 68 -13.63 -0.01 -8.33
N GLU A 69 -12.93 1.09 -8.20
CA GLU A 69 -11.48 1.01 -7.84
C GLU A 69 -11.34 0.54 -6.40
N ARG A 70 -12.32 0.80 -5.58
CA ARG A 70 -12.23 0.35 -4.16
C ARG A 70 -11.96 -1.15 -4.14
N LEU A 71 -12.55 -1.88 -5.04
CA LEU A 71 -12.32 -3.35 -5.10
C LEU A 71 -10.98 -3.64 -5.77
N ARG A 72 -10.56 -2.78 -6.67
CA ARG A 72 -9.26 -3.01 -7.36
C ARG A 72 -8.10 -2.94 -6.35
N MET A 73 -8.19 -2.05 -5.39
CA MET A 73 -7.08 -1.94 -4.38
C MET A 73 -7.32 -2.95 -3.26
N ARG A 74 -8.54 -3.15 -2.87
CA ARG A 74 -8.82 -4.12 -1.77
C ARG A 74 -8.48 -5.55 -2.20
N GLU A 75 -8.99 -5.98 -3.32
CA GLU A 75 -8.71 -7.37 -3.80
C GLU A 75 -7.24 -7.51 -4.22
N HIS A 76 -6.76 -6.65 -5.07
CA HIS A 76 -5.35 -6.77 -5.54
C HIS A 76 -4.39 -6.78 -4.36
N VAL A 77 -4.60 -5.95 -3.36
CA VAL A 77 -3.66 -5.94 -2.20
C VAL A 77 -3.90 -7.19 -1.34
N MET A 78 -5.10 -7.42 -0.92
CA MET A 78 -5.37 -8.61 -0.07
C MET A 78 -5.12 -9.91 -0.86
N LYS A 79 -5.12 -9.84 -2.17
CA LYS A 79 -4.88 -11.07 -2.98
C LYS A 79 -3.40 -11.20 -3.35
N ASN A 80 -2.73 -10.09 -3.55
CA ASN A 80 -1.28 -10.14 -3.95
C ASN A 80 -0.35 -9.88 -2.75
N VAL A 81 -0.85 -9.49 -1.60
CA VAL A 81 0.07 -9.26 -0.43
C VAL A 81 -0.26 -10.23 0.71
N ASP A 82 -1.51 -10.51 0.95
CA ASP A 82 -1.83 -11.48 2.05
C ASP A 82 -0.97 -12.73 1.89
N THR A 83 -0.07 -12.95 2.80
CA THR A 83 0.85 -14.12 2.69
C THR A 83 0.21 -15.36 3.33
N ASN A 84 -0.11 -15.30 4.59
CA ASN A 84 -0.74 -16.48 5.29
C ASN A 84 -2.24 -16.23 5.47
N GLN A 85 -2.79 -15.41 4.62
CA GLN A 85 -4.25 -15.11 4.66
C GLN A 85 -4.80 -15.10 6.10
N ASP A 86 -4.14 -14.42 6.99
CA ASP A 86 -4.63 -14.33 8.40
C ASP A 86 -5.35 -12.99 8.57
N ARG A 87 -5.67 -12.36 7.47
CA ARG A 87 -6.34 -11.02 7.51
C ARG A 87 -5.38 -10.03 8.17
N LEU A 88 -4.25 -10.52 8.62
CA LEU A 88 -3.23 -9.66 9.28
C LEU A 88 -1.91 -9.87 8.52
N VAL A 89 -1.21 -8.81 8.23
CA VAL A 89 0.08 -8.93 7.47
C VAL A 89 1.24 -8.54 8.37
N THR A 90 2.27 -9.36 8.44
CA THR A 90 3.44 -9.02 9.31
C THR A 90 4.54 -8.41 8.44
N LEU A 91 5.48 -7.74 9.05
CA LEU A 91 6.58 -7.13 8.25
C LEU A 91 7.41 -8.25 7.62
N GLU A 92 7.60 -9.32 8.34
CA GLU A 92 8.41 -10.47 7.81
C GLU A 92 7.78 -11.04 6.54
N GLU A 93 6.65 -11.67 6.65
CA GLU A 93 6.03 -12.28 5.45
C GLU A 93 5.78 -11.22 4.37
N PHE A 94 5.55 -9.99 4.76
CA PHE A 94 5.30 -8.93 3.75
C PHE A 94 6.52 -8.76 2.84
N LEU A 95 7.70 -8.60 3.41
CA LEU A 95 8.92 -8.46 2.57
C LEU A 95 8.99 -9.62 1.58
N ALA A 96 8.75 -10.82 2.03
CA ALA A 96 8.80 -11.98 1.10
C ALA A 96 8.03 -11.67 -0.19
N SER A 97 6.83 -11.20 -0.06
CA SER A 97 6.02 -10.87 -1.27
C SER A 97 6.73 -9.80 -2.12
N THR A 98 7.55 -8.98 -1.50
CA THR A 98 8.27 -7.91 -2.25
C THR A 98 9.73 -8.33 -2.49
N GLN A 99 10.48 -8.49 -1.46
CA GLN A 99 11.91 -8.89 -1.62
C GLN A 99 12.02 -10.07 -2.60
N ARG A 100 11.41 -11.18 -2.28
CA ARG A 100 11.50 -12.36 -3.20
C ARG A 100 11.19 -11.94 -4.64
N LYS A 101 10.29 -11.01 -4.82
CA LYS A 101 9.95 -10.58 -6.22
C LYS A 101 11.22 -10.15 -6.95
N GLU A 102 12.26 -9.83 -6.22
CA GLU A 102 13.53 -9.40 -6.87
C GLU A 102 14.21 -10.61 -7.52
N PHE A 103 13.72 -11.04 -8.65
CA PHE A 103 14.33 -12.22 -9.32
C PHE A 103 13.75 -12.36 -10.72
N LEU A 5 36.40 15.15 -1.78
CA LEU A 5 37.12 14.50 -2.92
C LEU A 5 36.59 13.07 -3.10
N LYS A 6 35.76 12.86 -4.08
CA LYS A 6 35.20 11.50 -4.32
C LYS A 6 34.55 10.98 -3.03
N GLU A 7 33.51 11.63 -2.58
CA GLU A 7 32.83 11.18 -1.33
C GLU A 7 32.08 9.87 -1.62
N VAL A 8 32.81 8.80 -1.83
CA VAL A 8 32.14 7.50 -2.13
C VAL A 8 31.47 6.96 -0.86
N TRP A 9 30.17 7.09 -0.75
CA TRP A 9 29.46 6.58 0.46
C TRP A 9 29.01 5.14 0.22
N GLU A 10 29.82 4.18 0.58
CA GLU A 10 29.43 2.75 0.38
C GLU A 10 29.10 2.50 -1.10
N GLU A 11 30.09 2.18 -1.89
CA GLU A 11 29.83 1.91 -3.33
C GLU A 11 29.06 3.08 -3.96
N LEU A 12 28.84 3.02 -5.25
CA LEU A 12 28.11 4.13 -5.94
C LEU A 12 28.90 5.44 -5.75
N ASP A 13 28.71 6.40 -6.60
CA ASP A 13 29.46 7.68 -6.44
C ASP A 13 28.87 8.46 -5.26
N GLY A 14 27.63 8.24 -4.96
CA GLY A 14 27.00 8.98 -3.82
C GLY A 14 25.53 8.59 -3.69
N LEU A 15 24.71 9.07 -4.58
CA LEU A 15 23.24 8.75 -4.54
C LEU A 15 22.76 8.33 -5.93
N ASP A 16 22.45 7.07 -6.11
CA ASP A 16 21.96 6.59 -7.42
C ASP A 16 20.41 6.68 -7.43
N PRO A 17 19.82 6.95 -8.59
CA PRO A 17 18.34 7.08 -8.69
C PRO A 17 17.67 5.75 -8.29
N ASN A 18 18.32 4.64 -8.51
CA ASN A 18 17.69 3.34 -8.16
C ASN A 18 17.63 3.16 -6.63
N ARG A 19 17.47 4.23 -5.91
CA ARG A 19 17.40 4.11 -4.43
C ARG A 19 16.21 3.21 -4.06
N PHE A 20 16.05 2.90 -2.80
CA PHE A 20 14.91 2.03 -2.39
C PHE A 20 14.79 2.00 -0.86
N ASN A 21 13.59 1.99 -0.36
CA ASN A 21 13.41 1.97 1.12
C ASN A 21 11.93 1.70 1.45
N PRO A 22 11.43 0.53 1.12
CA PRO A 22 10.03 0.17 1.39
C PRO A 22 9.80 0.09 2.91
N LYS A 23 10.85 -0.11 3.66
CA LYS A 23 10.71 -0.19 5.14
C LYS A 23 10.05 1.05 5.71
N THR A 24 10.31 2.21 5.16
CA THR A 24 9.70 3.44 5.70
C THR A 24 8.21 3.51 5.36
N PHE A 25 7.85 3.16 4.15
CA PHE A 25 6.40 3.22 3.79
C PHE A 25 5.60 2.36 4.78
N PHE A 26 6.19 1.28 5.23
CA PHE A 26 5.48 0.40 6.19
C PHE A 26 5.35 1.11 7.55
N ILE A 27 6.34 1.90 7.93
CA ILE A 27 6.24 2.60 9.23
C ILE A 27 5.16 3.68 9.13
N LEU A 28 5.33 4.61 8.23
CA LEU A 28 4.31 5.70 8.08
C LEU A 28 2.88 5.13 8.13
N HIS A 29 2.64 3.95 7.58
CA HIS A 29 1.26 3.39 7.62
C HIS A 29 1.02 2.74 8.99
N ASP A 30 2.06 2.51 9.75
CA ASP A 30 1.87 1.90 11.10
C ASP A 30 1.37 2.96 12.08
N ILE A 31 0.08 3.06 12.23
CA ILE A 31 -0.51 4.07 13.15
C ILE A 31 -0.37 3.63 14.61
N ASN A 32 -0.80 2.43 14.93
CA ASN A 32 -0.71 1.95 16.35
C ASN A 32 0.64 1.29 16.59
N SER A 33 1.44 1.18 15.58
CA SER A 33 2.78 0.56 15.76
C SER A 33 2.65 -0.82 16.42
N ASP A 34 1.91 -1.70 15.82
CA ASP A 34 1.76 -3.08 16.40
C ASP A 34 2.68 -4.02 15.64
N GLY A 35 3.51 -3.47 14.80
CA GLY A 35 4.46 -4.31 14.00
C GLY A 35 3.70 -5.06 12.91
N VAL A 36 2.42 -4.81 12.77
CA VAL A 36 1.65 -5.48 11.67
C VAL A 36 0.60 -4.49 11.13
N LEU A 37 0.04 -4.78 9.99
CA LEU A 37 -1.00 -3.87 9.40
C LEU A 37 -2.34 -4.63 9.42
N ASP A 38 -3.37 -4.02 9.96
CA ASP A 38 -4.71 -4.70 10.07
C ASP A 38 -5.68 -4.14 9.01
N GLU A 39 -6.73 -4.87 8.76
CA GLU A 39 -7.74 -4.44 7.75
C GLU A 39 -8.32 -3.07 8.09
N GLN A 40 -8.02 -2.55 9.24
CA GLN A 40 -8.58 -1.21 9.62
C GLN A 40 -7.67 -0.12 9.06
N GLU A 41 -6.39 -0.33 9.06
CA GLU A 41 -5.45 0.69 8.51
C GLU A 41 -5.44 0.55 6.99
N LEU A 42 -5.56 -0.66 6.50
CA LEU A 42 -5.57 -0.90 5.02
C LEU A 42 -6.90 -0.43 4.42
N GLU A 43 -8.01 -0.68 5.07
CA GLU A 43 -9.31 -0.22 4.51
C GLU A 43 -9.39 1.30 4.66
N ALA A 44 -8.84 1.83 5.71
CA ALA A 44 -8.91 3.31 5.91
C ALA A 44 -7.95 4.01 4.93
N LEU A 45 -6.88 3.36 4.54
CA LEU A 45 -5.92 4.02 3.61
C LEU A 45 -6.56 4.17 2.21
N PHE A 46 -7.42 3.25 1.81
CA PHE A 46 -8.03 3.38 0.45
C PHE A 46 -9.13 4.44 0.48
N THR A 47 -10.01 4.38 1.43
CA THR A 47 -11.13 5.37 1.48
C THR A 47 -10.59 6.81 1.53
N LYS A 48 -9.60 7.07 2.35
CA LYS A 48 -9.09 8.47 2.46
C LYS A 48 -8.27 8.88 1.22
N GLU A 49 -7.35 8.08 0.79
CA GLU A 49 -6.52 8.50 -0.39
C GLU A 49 -7.43 8.79 -1.59
N LEU A 50 -8.57 8.17 -1.67
CA LEU A 50 -9.46 8.43 -2.84
C LEU A 50 -10.04 9.85 -2.73
N GLU A 51 -10.14 10.38 -1.54
CA GLU A 51 -10.71 11.75 -1.39
C GLU A 51 -9.77 12.77 -2.07
N LYS A 52 -8.72 12.30 -2.70
CA LYS A 52 -7.76 13.23 -3.38
C LYS A 52 -7.94 13.14 -4.90
N VAL A 53 -8.83 12.29 -5.35
CA VAL A 53 -9.07 12.13 -6.83
C VAL A 53 -10.49 12.58 -7.18
N TYR A 54 -11.49 11.96 -6.59
CA TYR A 54 -12.89 12.35 -6.88
C TYR A 54 -13.28 13.55 -6.01
N ASP A 55 -14.55 13.78 -5.83
CA ASP A 55 -15.00 14.93 -4.98
C ASP A 55 -16.31 14.55 -4.26
N PRO A 56 -16.24 13.59 -3.37
CA PRO A 56 -17.43 13.15 -2.62
C PRO A 56 -17.95 14.29 -1.73
N LYS A 57 -19.06 14.10 -1.10
CA LYS A 57 -19.62 15.16 -0.21
C LYS A 57 -19.23 14.85 1.24
N ASN A 58 -17.96 14.63 1.48
CA ASN A 58 -17.51 14.33 2.86
C ASN A 58 -18.24 13.09 3.38
N GLU A 59 -19.02 12.46 2.55
CA GLU A 59 -19.77 11.24 2.98
C GLU A 59 -19.76 10.21 1.85
N GLU A 60 -19.39 8.99 2.13
CA GLU A 60 -19.36 7.96 1.06
C GLU A 60 -20.79 7.67 0.60
N ASP A 61 -21.20 8.31 -0.47
CA ASP A 61 -22.59 8.06 -0.98
C ASP A 61 -22.76 8.74 -2.34
N ASP A 62 -21.81 8.56 -3.21
CA ASP A 62 -21.91 9.18 -4.56
C ASP A 62 -20.78 8.65 -5.45
N MET A 63 -19.95 7.78 -4.92
CA MET A 63 -18.85 7.21 -5.74
C MET A 63 -19.26 5.84 -6.26
N ARG A 64 -20.48 5.44 -5.99
CA ARG A 64 -20.96 4.10 -6.46
C ARG A 64 -20.56 3.89 -7.92
N GLU A 65 -20.93 4.81 -8.78
CA GLU A 65 -20.60 4.68 -10.23
C GLU A 65 -19.15 4.20 -10.44
N MET A 66 -18.33 4.23 -9.41
CA MET A 66 -16.91 3.78 -9.57
C MET A 66 -16.51 2.86 -8.40
N GLU A 67 -17.44 2.53 -7.54
CA GLU A 67 -17.13 1.64 -6.39
C GLU A 67 -16.34 0.41 -6.90
N GLU A 68 -16.29 0.23 -8.19
CA GLU A 68 -15.55 -0.95 -8.74
C GLU A 68 -14.06 -0.82 -8.40
N GLU A 69 -13.56 0.37 -8.26
CA GLU A 69 -12.12 0.55 -7.93
C GLU A 69 -11.84 0.07 -6.51
N ARG A 70 -12.64 0.51 -5.57
CA ARG A 70 -12.43 0.10 -4.15
C ARG A 70 -12.24 -1.42 -4.07
N LEU A 71 -12.97 -2.17 -4.86
CA LEU A 71 -12.85 -3.66 -4.81
C LEU A 71 -11.65 -4.12 -5.66
N ARG A 72 -11.37 -3.42 -6.73
CA ARG A 72 -10.23 -3.84 -7.60
C ARG A 72 -8.91 -3.74 -6.83
N MET A 73 -8.75 -2.72 -6.03
CA MET A 73 -7.49 -2.57 -5.25
C MET A 73 -7.58 -3.42 -3.98
N ARG A 74 -8.62 -3.29 -3.21
CA ARG A 74 -8.75 -4.10 -1.97
C ARG A 74 -8.53 -5.59 -2.32
N GLU A 75 -9.05 -6.06 -3.41
CA GLU A 75 -8.90 -7.50 -3.75
C GLU A 75 -7.47 -7.79 -4.26
N HIS A 76 -7.00 -7.06 -5.23
CA HIS A 76 -5.62 -7.33 -5.75
C HIS A 76 -4.60 -7.25 -4.60
N VAL A 77 -4.78 -6.37 -3.66
CA VAL A 77 -3.79 -6.28 -2.55
C VAL A 77 -4.01 -7.44 -1.57
N MET A 78 -5.21 -7.58 -1.07
CA MET A 78 -5.48 -8.69 -0.11
C MET A 78 -5.27 -10.04 -0.80
N LYS A 79 -5.26 -10.08 -2.10
CA LYS A 79 -5.05 -11.38 -2.82
C LYS A 79 -3.57 -11.57 -3.14
N ASN A 80 -2.88 -10.51 -3.50
CA ASN A 80 -1.43 -10.66 -3.88
C ASN A 80 -0.50 -10.29 -2.71
N VAL A 81 -0.99 -9.69 -1.63
CA VAL A 81 -0.06 -9.36 -0.48
C VAL A 81 -0.39 -10.24 0.73
N ASP A 82 -1.63 -10.57 0.97
CA ASP A 82 -1.93 -11.47 2.12
C ASP A 82 -1.15 -12.77 1.93
N THR A 83 -0.14 -13.00 2.73
CA THR A 83 0.68 -14.23 2.57
C THR A 83 0.05 -15.43 3.29
N ASN A 84 -0.21 -15.29 4.56
CA ASN A 84 -0.82 -16.43 5.35
C ASN A 84 -2.31 -16.17 5.54
N GLN A 85 -2.89 -15.40 4.66
CA GLN A 85 -4.36 -15.10 4.73
C GLN A 85 -4.87 -15.03 6.17
N ASP A 86 -4.04 -14.64 7.10
CA ASP A 86 -4.50 -14.52 8.51
C ASP A 86 -5.21 -13.18 8.63
N ARG A 87 -5.43 -12.54 7.51
CA ARG A 87 -6.09 -11.21 7.48
C ARG A 87 -5.15 -10.20 8.14
N LEU A 88 -4.06 -10.67 8.67
CA LEU A 88 -3.06 -9.78 9.31
C LEU A 88 -1.76 -9.89 8.51
N VAL A 89 -1.14 -8.79 8.21
CA VAL A 89 0.13 -8.80 7.40
C VAL A 89 1.31 -8.40 8.28
N THR A 90 2.37 -9.17 8.27
CA THR A 90 3.57 -8.79 9.09
C THR A 90 4.66 -8.28 8.16
N LEU A 91 5.60 -7.55 8.67
CA LEU A 91 6.70 -7.01 7.80
C LEU A 91 7.47 -8.19 7.19
N GLU A 92 7.63 -9.23 7.93
CA GLU A 92 8.41 -10.40 7.40
C GLU A 92 7.77 -10.98 6.14
N GLU A 93 6.63 -11.60 6.27
CA GLU A 93 5.98 -12.22 5.09
C GLU A 93 5.66 -11.15 4.03
N PHE A 94 5.42 -9.93 4.43
CA PHE A 94 5.11 -8.87 3.44
C PHE A 94 6.33 -8.61 2.56
N LEU A 95 7.46 -8.37 3.15
CA LEU A 95 8.69 -8.12 2.33
C LEU A 95 8.81 -9.19 1.26
N ALA A 96 8.60 -10.44 1.61
CA ALA A 96 8.70 -11.53 0.61
C ALA A 96 7.79 -11.25 -0.60
N SER A 97 6.51 -11.14 -0.35
CA SER A 97 5.54 -10.90 -1.47
C SER A 97 6.08 -9.88 -2.47
N THR A 98 6.80 -8.88 -2.02
CA THR A 98 7.33 -7.87 -2.98
C THR A 98 8.64 -8.40 -3.57
N GLN A 99 9.56 -8.81 -2.74
CA GLN A 99 10.84 -9.35 -3.27
C GLN A 99 10.52 -10.44 -4.29
N ARG A 100 11.04 -10.34 -5.49
CA ARG A 100 10.76 -11.38 -6.52
C ARG A 100 11.90 -11.43 -7.54
N LYS A 101 12.96 -12.14 -7.23
CA LYS A 101 14.10 -12.23 -8.16
C LYS A 101 14.57 -10.83 -8.55
N GLU A 102 15.64 -10.36 -7.97
CA GLU A 102 16.14 -9.00 -8.31
C GLU A 102 16.44 -8.93 -9.81
N PHE A 103 15.48 -8.53 -10.60
CA PHE A 103 15.71 -8.45 -12.07
C PHE A 103 17.00 -7.66 -12.33
N LEU A 5 19.51 29.42 1.56
CA LEU A 5 18.63 28.52 0.76
C LEU A 5 17.96 27.51 1.70
N LYS A 6 16.71 27.69 1.98
CA LYS A 6 16.00 26.74 2.89
C LYS A 6 15.97 25.35 2.23
N GLU A 7 16.18 25.29 0.95
CA GLU A 7 16.17 23.96 0.27
C GLU A 7 17.16 23.01 0.95
N VAL A 8 16.74 21.81 1.23
CA VAL A 8 17.65 20.85 1.90
C VAL A 8 18.89 20.63 1.03
N TRP A 9 20.05 20.72 1.61
CA TRP A 9 21.29 20.52 0.81
C TRP A 9 21.31 19.10 0.23
N GLU A 10 21.16 18.98 -1.06
CA GLU A 10 21.16 17.62 -1.69
C GLU A 10 22.47 16.91 -1.35
N GLU A 11 22.69 15.74 -1.89
CA GLU A 11 23.95 15.01 -1.60
C GLU A 11 24.08 13.83 -2.55
N LEU A 12 24.37 14.09 -3.80
CA LEU A 12 24.52 12.99 -4.81
C LEU A 12 26.00 12.86 -5.21
N ASP A 13 26.83 12.44 -4.30
CA ASP A 13 28.27 12.30 -4.62
C ASP A 13 28.51 10.96 -5.31
N GLY A 14 27.65 10.01 -5.09
CA GLY A 14 27.82 8.68 -5.73
C GLY A 14 26.53 7.86 -5.54
N LEU A 15 25.90 7.98 -4.41
CA LEU A 15 24.64 7.21 -4.16
C LEU A 15 23.71 7.41 -5.36
N ASP A 16 23.30 6.33 -5.98
CA ASP A 16 22.40 6.46 -7.16
C ASP A 16 20.96 6.76 -6.66
N PRO A 17 20.17 7.47 -7.45
CA PRO A 17 18.79 7.80 -7.04
C PRO A 17 17.97 6.51 -6.85
N ASN A 18 18.43 5.42 -7.41
CA ASN A 18 17.69 4.14 -7.26
C ASN A 18 17.86 3.59 -5.84
N ARG A 19 17.39 4.30 -4.86
CA ARG A 19 17.54 3.83 -3.44
C ARG A 19 16.24 3.15 -3.00
N PHE A 20 16.04 1.92 -3.41
CA PHE A 20 14.79 1.20 -3.01
C PHE A 20 14.73 1.13 -1.48
N ASN A 21 13.55 1.20 -0.93
CA ASN A 21 13.41 1.13 0.56
C ASN A 21 11.93 1.02 0.95
N PRO A 22 11.32 -0.10 0.63
CA PRO A 22 9.89 -0.31 0.94
C PRO A 22 9.70 -0.31 2.48
N LYS A 23 10.73 -0.58 3.21
CA LYS A 23 10.63 -0.62 4.69
C LYS A 23 10.05 0.70 5.24
N THR A 24 10.41 1.83 4.69
CA THR A 24 9.87 3.11 5.23
C THR A 24 8.39 3.25 4.90
N PHE A 25 7.98 2.90 3.71
CA PHE A 25 6.54 3.02 3.35
C PHE A 25 5.74 2.25 4.41
N PHE A 26 6.19 1.08 4.75
CA PHE A 26 5.47 0.26 5.77
C PHE A 26 5.38 1.06 7.08
N ILE A 27 6.37 1.86 7.39
CA ILE A 27 6.32 2.64 8.63
C ILE A 27 5.30 3.76 8.46
N LEU A 28 5.52 4.65 7.52
CA LEU A 28 4.55 5.76 7.31
C LEU A 28 3.09 5.23 7.31
N HIS A 29 2.89 3.93 7.20
CA HIS A 29 1.49 3.38 7.19
C HIS A 29 1.17 2.73 8.55
N ASP A 30 2.16 2.51 9.38
CA ASP A 30 1.88 1.88 10.71
C ASP A 30 1.32 2.94 11.67
N ILE A 31 0.14 3.43 11.39
CA ILE A 31 -0.50 4.47 12.24
C ILE A 31 -0.46 4.07 13.72
N ASN A 32 -0.92 2.89 14.06
CA ASN A 32 -0.91 2.48 15.50
C ASN A 32 0.40 1.78 15.84
N SER A 33 1.38 1.87 14.97
CA SER A 33 2.71 1.24 15.26
C SER A 33 2.53 -0.15 15.90
N ASP A 34 1.74 -1.00 15.28
CA ASP A 34 1.54 -2.37 15.84
C ASP A 34 2.52 -3.32 15.14
N GLY A 35 3.32 -2.79 14.27
CA GLY A 35 4.30 -3.64 13.52
C GLY A 35 3.57 -4.47 12.48
N VAL A 36 2.27 -4.32 12.37
CA VAL A 36 1.50 -5.08 11.34
C VAL A 36 0.36 -4.19 10.81
N LEU A 37 -0.20 -4.52 9.68
CA LEU A 37 -1.36 -3.71 9.14
C LEU A 37 -2.63 -4.56 9.29
N ASP A 38 -3.51 -4.15 10.17
CA ASP A 38 -4.77 -4.93 10.39
C ASP A 38 -5.85 -4.50 9.39
N GLU A 39 -7.03 -5.08 9.48
CA GLU A 39 -8.12 -4.73 8.52
C GLU A 39 -8.69 -3.33 8.82
N GLN A 40 -8.93 -2.99 10.05
CA GLN A 40 -9.49 -1.64 10.33
C GLN A 40 -8.49 -0.59 9.84
N GLU A 41 -7.24 -0.94 9.76
CA GLU A 41 -6.22 0.04 9.28
C GLU A 41 -6.15 -0.02 7.75
N LEU A 42 -6.37 -1.18 7.18
CA LEU A 42 -6.34 -1.33 5.70
C LEU A 42 -7.58 -0.66 5.10
N GLU A 43 -8.69 -0.72 5.77
CA GLU A 43 -9.94 -0.10 5.23
C GLU A 43 -9.88 1.42 5.35
N ALA A 44 -9.58 1.94 6.51
CA ALA A 44 -9.55 3.42 6.66
C ALA A 44 -8.45 4.03 5.80
N LEU A 45 -7.36 3.34 5.62
CA LEU A 45 -6.26 3.91 4.80
C LEU A 45 -6.64 3.88 3.31
N PHE A 46 -7.41 2.91 2.87
CA PHE A 46 -7.78 2.86 1.42
C PHE A 46 -8.99 3.77 1.16
N THR A 47 -10.04 3.64 1.93
CA THR A 47 -11.24 4.49 1.71
C THR A 47 -10.91 5.96 1.97
N LYS A 48 -10.18 6.24 3.02
CA LYS A 48 -9.87 7.65 3.35
C LYS A 48 -8.84 8.25 2.37
N GLU A 49 -7.79 7.54 2.05
CA GLU A 49 -6.77 8.12 1.12
C GLU A 49 -7.44 8.59 -0.18
N LEU A 50 -8.37 7.84 -0.70
CA LEU A 50 -9.03 8.25 -1.97
C LEU A 50 -9.57 9.68 -1.84
N GLU A 51 -9.85 10.12 -0.65
CA GLU A 51 -10.41 11.48 -0.46
C GLU A 51 -9.41 12.52 -0.99
N LYS A 52 -8.14 12.19 -1.02
CA LYS A 52 -7.11 13.16 -1.50
C LYS A 52 -6.73 12.85 -2.95
N VAL A 53 -7.69 12.53 -3.78
CA VAL A 53 -7.38 12.24 -5.22
C VAL A 53 -8.58 12.62 -6.09
N TYR A 54 -9.72 12.04 -5.85
CA TYR A 54 -10.92 12.36 -6.67
C TYR A 54 -11.67 13.55 -6.05
N ASP A 55 -12.96 13.43 -5.88
CA ASP A 55 -13.77 14.54 -5.29
C ASP A 55 -14.86 13.93 -4.40
N PRO A 56 -14.79 14.12 -3.08
CA PRO A 56 -15.81 13.54 -2.18
C PRO A 56 -17.15 14.29 -2.38
N LYS A 57 -17.48 14.55 -3.61
CA LYS A 57 -18.76 15.26 -3.96
C LYS A 57 -18.68 16.74 -3.59
N ASN A 58 -17.52 17.22 -3.23
CA ASN A 58 -17.38 18.66 -2.87
C ASN A 58 -17.12 19.45 -4.15
N GLU A 59 -16.77 18.79 -5.20
CA GLU A 59 -16.51 19.51 -6.49
C GLU A 59 -16.66 18.52 -7.66
N GLU A 60 -17.37 18.90 -8.68
CA GLU A 60 -17.54 17.99 -9.84
C GLU A 60 -17.97 16.60 -9.35
N ASP A 61 -17.98 15.63 -10.22
CA ASP A 61 -18.38 14.25 -9.82
C ASP A 61 -17.56 13.25 -10.63
N ASP A 62 -16.69 12.52 -9.98
CA ASP A 62 -15.86 11.52 -10.69
C ASP A 62 -15.33 10.52 -9.67
N MET A 63 -15.75 10.66 -8.44
CA MET A 63 -15.28 9.73 -7.37
C MET A 63 -16.14 8.47 -7.39
N ARG A 64 -17.24 8.50 -8.10
CA ARG A 64 -18.14 7.31 -8.17
C ARG A 64 -17.82 6.52 -9.44
N GLU A 65 -17.94 7.14 -10.58
CA GLU A 65 -17.69 6.45 -11.89
C GLU A 65 -16.53 5.44 -11.79
N MET A 66 -15.62 5.60 -10.85
CA MET A 66 -14.47 4.63 -10.74
C MET A 66 -14.62 3.76 -9.51
N GLU A 67 -15.70 3.89 -8.79
CA GLU A 67 -15.92 3.07 -7.55
C GLU A 67 -15.42 1.65 -7.77
N GLU A 68 -15.34 1.23 -9.00
CA GLU A 68 -14.85 -0.15 -9.29
C GLU A 68 -13.37 -0.26 -8.93
N GLU A 69 -12.67 0.85 -8.90
CA GLU A 69 -11.22 0.82 -8.57
C GLU A 69 -11.02 0.46 -7.10
N ARG A 70 -11.98 0.77 -6.26
CA ARG A 70 -11.83 0.44 -4.81
C ARG A 70 -11.67 -1.07 -4.65
N LEU A 71 -12.53 -1.83 -5.28
CA LEU A 71 -12.44 -3.32 -5.15
C LEU A 71 -11.24 -3.84 -5.96
N ARG A 72 -10.86 -3.17 -7.01
CA ARG A 72 -9.70 -3.67 -7.82
C ARG A 72 -8.44 -3.62 -6.97
N MET A 73 -8.28 -2.60 -6.17
CA MET A 73 -7.05 -2.50 -5.31
C MET A 73 -7.26 -3.33 -4.04
N ARG A 74 -8.35 -3.12 -3.35
CA ARG A 74 -8.60 -3.90 -2.10
C ARG A 74 -8.45 -5.40 -2.38
N GLU A 75 -8.79 -5.85 -3.57
CA GLU A 75 -8.68 -7.31 -3.87
C GLU A 75 -7.26 -7.66 -4.36
N HIS A 76 -6.78 -6.98 -5.36
CA HIS A 76 -5.40 -7.30 -5.87
C HIS A 76 -4.40 -7.23 -4.73
N VAL A 77 -4.57 -6.34 -3.79
CA VAL A 77 -3.59 -6.26 -2.67
C VAL A 77 -3.80 -7.44 -1.71
N MET A 78 -5.00 -7.62 -1.23
CA MET A 78 -5.26 -8.75 -0.29
C MET A 78 -5.05 -10.08 -1.00
N LYS A 79 -5.02 -10.11 -2.30
CA LYS A 79 -4.84 -11.41 -3.01
C LYS A 79 -3.34 -11.75 -3.12
N ASN A 80 -2.49 -10.77 -3.36
CA ASN A 80 -1.03 -11.06 -3.52
C ASN A 80 -0.20 -10.64 -2.29
N VAL A 81 -0.66 -9.72 -1.48
CA VAL A 81 0.16 -9.31 -0.28
C VAL A 81 -0.23 -10.16 0.94
N ASP A 82 -1.48 -10.50 1.10
CA ASP A 82 -1.85 -11.36 2.27
C ASP A 82 -1.21 -12.73 2.04
N THR A 83 -0.17 -13.02 2.75
CA THR A 83 0.53 -14.33 2.55
C THR A 83 -0.14 -15.46 3.34
N ASN A 84 -0.33 -15.29 4.61
CA ASN A 84 -0.98 -16.36 5.45
C ASN A 84 -2.45 -16.05 5.63
N GLN A 85 -3.00 -15.27 4.73
CA GLN A 85 -4.44 -14.91 4.78
C GLN A 85 -4.98 -14.82 6.21
N ASP A 86 -4.18 -14.38 7.14
CA ASP A 86 -4.67 -14.25 8.54
C ASP A 86 -5.38 -12.90 8.66
N ARG A 87 -5.61 -12.30 7.53
CA ARG A 87 -6.26 -10.94 7.49
C ARG A 87 -5.30 -9.94 8.14
N LEU A 88 -4.20 -10.42 8.66
CA LEU A 88 -3.19 -9.54 9.31
C LEU A 88 -1.89 -9.71 8.53
N VAL A 89 -1.23 -8.64 8.20
CA VAL A 89 0.04 -8.70 7.41
C VAL A 89 1.22 -8.27 8.27
N THR A 90 2.28 -9.05 8.33
CA THR A 90 3.47 -8.63 9.13
C THR A 90 4.53 -8.10 8.15
N LEU A 91 5.62 -7.58 8.64
CA LEU A 91 6.67 -7.06 7.72
C LEU A 91 7.43 -8.24 7.10
N GLU A 92 7.58 -9.30 7.82
CA GLU A 92 8.33 -10.47 7.27
C GLU A 92 7.63 -11.06 6.05
N GLU A 93 6.47 -11.65 6.23
CA GLU A 93 5.78 -12.28 5.08
C GLU A 93 5.51 -11.24 3.97
N PHE A 94 5.26 -10.01 4.32
CA PHE A 94 5.00 -8.98 3.27
C PHE A 94 6.28 -8.75 2.46
N LEU A 95 7.38 -8.50 3.13
CA LEU A 95 8.67 -8.28 2.42
C LEU A 95 8.84 -9.37 1.34
N ALA A 96 8.59 -10.61 1.70
CA ALA A 96 8.75 -11.71 0.70
C ALA A 96 7.94 -11.40 -0.56
N SER A 97 6.64 -11.21 -0.43
CA SER A 97 5.81 -10.91 -1.64
C SER A 97 6.51 -9.89 -2.52
N THR A 98 7.34 -9.05 -1.95
CA THR A 98 8.07 -8.03 -2.76
C THR A 98 9.50 -8.54 -3.01
N GLN A 99 10.23 -8.80 -1.96
CA GLN A 99 11.63 -9.30 -2.11
C GLN A 99 11.65 -10.42 -3.17
N ARG A 100 12.42 -10.26 -4.21
CA ARG A 100 12.48 -11.32 -5.26
C ARG A 100 13.61 -10.99 -6.24
N LYS A 101 14.84 -11.00 -5.78
CA LYS A 101 15.98 -10.69 -6.67
C LYS A 101 15.82 -11.43 -8.01
N GLU A 102 15.55 -10.71 -9.07
CA GLU A 102 15.39 -11.37 -10.39
C GLU A 102 16.76 -11.69 -10.98
N PHE A 103 17.42 -12.70 -10.46
CA PHE A 103 18.77 -13.05 -11.00
C PHE A 103 18.67 -13.29 -12.51
N LEU A 5 20.28 -7.25 17.26
CA LEU A 5 20.97 -8.19 16.33
C LEU A 5 20.29 -9.56 16.41
N LYS A 6 19.28 -9.78 15.62
CA LYS A 6 18.57 -11.09 15.64
C LYS A 6 18.19 -11.48 14.21
N GLU A 7 19.11 -12.05 13.48
CA GLU A 7 18.83 -12.45 12.07
C GLU A 7 18.47 -11.21 11.24
N VAL A 8 17.31 -10.65 11.45
CA VAL A 8 16.91 -9.44 10.68
C VAL A 8 18.04 -8.42 10.71
N TRP A 9 18.48 -7.98 9.57
CA TRP A 9 19.58 -6.97 9.53
C TRP A 9 19.02 -5.60 9.92
N GLU A 10 19.25 -4.60 9.11
CA GLU A 10 18.73 -3.24 9.43
C GLU A 10 18.83 -2.35 8.20
N GLU A 11 20.02 -1.89 7.89
CA GLU A 11 20.18 -1.00 6.70
C GLU A 11 21.67 -0.83 6.41
N LEU A 12 22.01 -0.33 5.24
CA LEU A 12 23.45 -0.13 4.90
C LEU A 12 23.59 1.14 4.05
N ASP A 13 24.02 2.21 4.66
CA ASP A 13 24.18 3.49 3.89
C ASP A 13 25.24 3.30 2.80
N GLY A 14 24.89 2.66 1.71
CA GLY A 14 25.88 2.45 0.62
C GLY A 14 25.15 2.36 -0.72
N LEU A 15 24.12 3.14 -0.91
CA LEU A 15 23.37 3.11 -2.20
C LEU A 15 23.00 1.65 -2.52
N ASP A 16 21.80 1.25 -2.18
CA ASP A 16 21.38 -0.15 -2.47
C ASP A 16 21.61 -0.44 -3.97
N PRO A 17 21.92 -1.69 -4.32
CA PRO A 17 22.15 -2.04 -5.73
C PRO A 17 20.88 -1.76 -6.55
N ASN A 18 19.73 -2.17 -6.05
CA ASN A 18 18.46 -1.94 -6.80
C ASN A 18 17.31 -1.77 -5.81
N ARG A 19 17.13 -2.72 -4.92
CA ARG A 19 16.02 -2.61 -3.93
C ARG A 19 16.05 -1.23 -3.27
N PHE A 20 14.92 -0.59 -3.15
CA PHE A 20 14.89 0.76 -2.52
C PHE A 20 14.85 0.60 -1.00
N ASN A 21 13.83 1.11 -0.36
CA ASN A 21 13.73 0.99 1.13
C ASN A 21 12.25 0.86 1.53
N PRO A 22 11.64 -0.25 1.20
CA PRO A 22 10.22 -0.48 1.52
C PRO A 22 10.01 -0.48 3.05
N LYS A 23 11.05 -0.72 3.79
CA LYS A 23 10.94 -0.75 5.28
C LYS A 23 10.33 0.56 5.82
N THR A 24 10.64 1.68 5.23
CA THR A 24 10.10 2.96 5.75
C THR A 24 8.62 3.10 5.38
N PHE A 25 8.25 2.77 4.18
CA PHE A 25 6.81 2.89 3.79
C PHE A 25 5.98 2.09 4.80
N PHE A 26 6.52 1.01 5.29
CA PHE A 26 5.78 0.18 6.27
C PHE A 26 5.66 0.93 7.60
N ILE A 27 6.66 1.69 7.96
CA ILE A 27 6.58 2.43 9.24
C ILE A 27 5.58 3.57 9.10
N LEU A 28 5.82 4.48 8.20
CA LEU A 28 4.88 5.62 8.01
C LEU A 28 3.41 5.13 7.97
N HIS A 29 3.13 3.99 7.37
CA HIS A 29 1.72 3.51 7.32
C HIS A 29 1.33 2.87 8.65
N ASP A 30 2.29 2.56 9.49
CA ASP A 30 1.95 1.95 10.80
C ASP A 30 1.51 3.06 11.77
N ILE A 31 0.22 3.27 11.88
CA ILE A 31 -0.31 4.34 12.77
C ILE A 31 -0.19 3.93 14.24
N ASN A 32 -0.68 2.78 14.60
CA ASN A 32 -0.59 2.37 16.04
C ASN A 32 0.76 1.67 16.30
N SER A 33 1.64 1.69 15.34
CA SER A 33 2.98 1.05 15.54
C SER A 33 2.82 -0.32 16.20
N ASP A 34 2.07 -1.21 15.58
CA ASP A 34 1.88 -2.57 16.17
C ASP A 34 2.80 -3.55 15.44
N GLY A 35 3.56 -3.05 14.48
CA GLY A 35 4.48 -3.93 13.72
C GLY A 35 3.69 -4.70 12.66
N VAL A 36 2.38 -4.54 12.63
CA VAL A 36 1.56 -5.24 11.59
C VAL A 36 0.41 -4.30 11.16
N LEU A 37 -0.17 -4.55 10.02
CA LEU A 37 -1.34 -3.69 9.56
C LEU A 37 -2.61 -4.55 9.60
N ASP A 38 -3.65 -4.06 10.23
CA ASP A 38 -4.93 -4.84 10.32
C ASP A 38 -5.97 -4.25 9.36
N GLU A 39 -7.03 -4.97 9.12
CA GLU A 39 -8.10 -4.48 8.20
C GLU A 39 -8.55 -3.07 8.59
N GLN A 40 -8.09 -2.55 9.68
CA GLN A 40 -8.52 -1.18 10.10
C GLN A 40 -7.63 -0.13 9.42
N GLU A 41 -6.35 -0.36 9.38
CA GLU A 41 -5.43 0.62 8.73
C GLU A 41 -5.50 0.39 7.21
N LEU A 42 -5.72 -0.82 6.81
CA LEU A 42 -5.81 -1.13 5.35
C LEU A 42 -7.17 -0.65 4.81
N GLU A 43 -8.22 -0.79 5.58
CA GLU A 43 -9.55 -0.33 5.11
C GLU A 43 -9.61 1.20 5.15
N ALA A 44 -9.26 1.78 6.26
CA ALA A 44 -9.30 3.27 6.39
C ALA A 44 -8.36 3.90 5.38
N LEU A 45 -7.29 3.23 5.02
CA LEU A 45 -6.32 3.82 4.07
C LEU A 45 -6.87 3.74 2.63
N PHE A 46 -7.71 2.79 2.32
CA PHE A 46 -8.23 2.69 0.91
C PHE A 46 -9.42 3.65 0.73
N THR A 47 -10.28 3.75 1.71
CA THR A 47 -11.44 4.67 1.55
C THR A 47 -10.97 6.12 1.58
N LYS A 48 -10.27 6.50 2.61
CA LYS A 48 -9.82 7.92 2.72
C LYS A 48 -8.91 8.29 1.54
N GLU A 49 -7.96 7.46 1.17
CA GLU A 49 -7.07 7.84 0.04
C GLU A 49 -7.90 8.03 -1.24
N LEU A 50 -9.01 7.35 -1.34
CA LEU A 50 -9.86 7.52 -2.55
C LEU A 50 -10.45 8.93 -2.55
N GLU A 51 -10.56 9.54 -1.40
CA GLU A 51 -11.10 10.92 -1.31
C GLU A 51 -10.20 11.88 -2.10
N LYS A 52 -9.20 11.37 -2.77
CA LYS A 52 -8.30 12.25 -3.58
C LYS A 52 -8.57 11.99 -5.08
N VAL A 53 -7.98 12.76 -5.95
CA VAL A 53 -8.23 12.59 -7.41
C VAL A 53 -9.68 12.92 -7.74
N TYR A 54 -10.61 12.48 -6.93
CA TYR A 54 -12.05 12.78 -7.21
C TYR A 54 -12.49 14.02 -6.41
N ASP A 55 -13.78 14.25 -6.33
CA ASP A 55 -14.28 15.44 -5.56
C ASP A 55 -15.57 15.06 -4.83
N PRO A 56 -15.45 14.28 -3.78
CA PRO A 56 -16.62 13.84 -3.00
C PRO A 56 -17.29 15.03 -2.29
N LYS A 57 -16.97 16.23 -2.70
CA LYS A 57 -17.57 17.45 -2.05
C LYS A 57 -18.21 18.32 -3.13
N ASN A 58 -18.65 17.74 -4.22
CA ASN A 58 -19.28 18.55 -5.29
C ASN A 58 -19.88 17.62 -6.35
N GLU A 59 -20.44 16.51 -5.95
CA GLU A 59 -21.03 15.57 -6.94
C GLU A 59 -22.09 14.70 -6.25
N GLU A 60 -23.23 14.54 -6.86
CA GLU A 60 -24.31 13.70 -6.25
C GLU A 60 -23.85 12.24 -6.19
N ASP A 61 -24.72 11.35 -5.78
CA ASP A 61 -24.32 9.91 -5.71
C ASP A 61 -23.13 9.76 -4.77
N ASP A 62 -23.40 9.57 -3.50
CA ASP A 62 -22.29 9.45 -2.49
C ASP A 62 -21.15 8.56 -3.01
N MET A 63 -20.29 9.12 -3.82
CA MET A 63 -19.14 8.32 -4.37
C MET A 63 -19.64 6.97 -4.85
N ARG A 64 -20.93 6.82 -5.01
CA ARG A 64 -21.47 5.52 -5.49
C ARG A 64 -20.74 5.15 -6.78
N GLU A 65 -20.73 6.02 -7.76
CA GLU A 65 -19.99 5.68 -9.00
C GLU A 65 -18.54 5.39 -8.61
N MET A 66 -17.77 4.80 -9.48
CA MET A 66 -16.35 4.49 -9.15
C MET A 66 -16.27 3.51 -7.97
N GLU A 67 -17.35 3.30 -7.25
CA GLU A 67 -17.27 2.35 -6.09
C GLU A 67 -16.74 1.02 -6.60
N GLU A 68 -16.67 0.86 -7.91
CA GLU A 68 -16.16 -0.41 -8.50
C GLU A 68 -14.64 -0.49 -8.27
N GLU A 69 -13.91 0.43 -8.83
CA GLU A 69 -12.43 0.43 -8.67
C GLU A 69 -12.06 0.16 -7.21
N ARG A 70 -12.82 0.70 -6.28
CA ARG A 70 -12.52 0.47 -4.84
C ARG A 70 -12.29 -1.02 -4.63
N LEU A 71 -13.02 -1.84 -5.34
CA LEU A 71 -12.84 -3.31 -5.21
C LEU A 71 -11.67 -3.78 -6.08
N ARG A 72 -11.35 -3.05 -7.13
CA ARG A 72 -10.22 -3.48 -8.01
C ARG A 72 -8.90 -3.38 -7.23
N MET A 73 -8.74 -2.36 -6.42
CA MET A 73 -7.48 -2.22 -5.64
C MET A 73 -7.58 -3.04 -4.35
N ARG A 74 -8.64 -2.89 -3.60
CA ARG A 74 -8.77 -3.67 -2.33
C ARG A 74 -8.62 -5.17 -2.62
N GLU A 75 -8.96 -5.61 -3.80
CA GLU A 75 -8.84 -7.07 -4.13
C GLU A 75 -7.41 -7.41 -4.56
N HIS A 76 -6.87 -6.70 -5.52
CA HIS A 76 -5.49 -6.99 -6.00
C HIS A 76 -4.50 -7.00 -4.83
N VAL A 77 -4.63 -6.12 -3.88
CA VAL A 77 -3.65 -6.12 -2.75
C VAL A 77 -3.94 -7.30 -1.81
N MET A 78 -5.14 -7.39 -1.32
CA MET A 78 -5.47 -8.50 -0.38
C MET A 78 -5.31 -9.85 -1.08
N LYS A 79 -5.22 -9.88 -2.38
CA LYS A 79 -5.08 -11.19 -3.08
C LYS A 79 -3.61 -11.59 -3.23
N ASN A 80 -2.74 -10.66 -3.50
CA ASN A 80 -1.29 -11.00 -3.69
C ASN A 80 -0.43 -10.62 -2.48
N VAL A 81 -0.80 -9.62 -1.70
CA VAL A 81 0.06 -9.28 -0.52
C VAL A 81 -0.33 -10.17 0.67
N ASP A 82 -1.56 -10.60 0.74
CA ASP A 82 -1.97 -11.50 1.86
C ASP A 82 -1.17 -12.81 1.74
N THR A 83 -0.19 -13.03 2.59
CA THR A 83 0.60 -14.29 2.46
C THR A 83 -0.06 -15.43 3.22
N ASN A 84 -0.35 -15.23 4.49
CA ASN A 84 -1.00 -16.33 5.29
C ASN A 84 -2.49 -16.01 5.49
N GLN A 85 -3.04 -15.24 4.60
CA GLN A 85 -4.49 -14.88 4.65
C GLN A 85 -4.99 -14.75 6.10
N ASP A 86 -4.15 -14.35 7.02
CA ASP A 86 -4.61 -14.19 8.42
C ASP A 86 -5.29 -12.82 8.53
N ARG A 87 -5.50 -12.20 7.40
CA ARG A 87 -6.13 -10.85 7.36
C ARG A 87 -5.19 -9.86 8.05
N LEU A 88 -4.12 -10.36 8.60
CA LEU A 88 -3.11 -9.49 9.28
C LEU A 88 -1.80 -9.66 8.52
N VAL A 89 -1.14 -8.57 8.23
CA VAL A 89 0.15 -8.64 7.46
C VAL A 89 1.32 -8.25 8.33
N THR A 90 2.37 -9.05 8.36
CA THR A 90 3.57 -8.68 9.18
C THR A 90 4.67 -8.22 8.23
N LEU A 91 5.70 -7.60 8.74
CA LEU A 91 6.81 -7.13 7.86
C LEU A 91 7.50 -8.34 7.22
N GLU A 92 7.62 -9.41 7.93
CA GLU A 92 8.32 -10.60 7.36
C GLU A 92 7.62 -11.14 6.11
N GLU A 93 6.44 -11.68 6.26
CA GLU A 93 5.75 -12.26 5.06
C GLU A 93 5.54 -11.17 4.00
N PHE A 94 5.32 -9.95 4.40
CA PHE A 94 5.11 -8.87 3.39
C PHE A 94 6.41 -8.69 2.58
N LEU A 95 7.52 -8.53 3.25
CA LEU A 95 8.81 -8.38 2.54
C LEU A 95 8.91 -9.51 1.49
N ALA A 96 8.54 -10.70 1.85
CA ALA A 96 8.61 -11.84 0.88
C ALA A 96 7.98 -11.41 -0.45
N SER A 97 6.71 -11.08 -0.43
CA SER A 97 6.03 -10.66 -1.69
C SER A 97 6.88 -9.62 -2.44
N THR A 98 7.60 -8.78 -1.73
CA THR A 98 8.44 -7.75 -2.41
C THR A 98 9.89 -8.23 -2.47
N GLN A 99 10.11 -9.49 -2.24
CA GLN A 99 11.49 -10.06 -2.28
C GLN A 99 11.45 -11.42 -2.97
N ARG A 100 12.20 -11.60 -4.03
CA ARG A 100 12.18 -12.91 -4.74
C ARG A 100 13.29 -12.94 -5.80
N LYS A 101 13.66 -11.79 -6.32
CA LYS A 101 14.73 -11.75 -7.34
C LYS A 101 14.97 -10.30 -7.77
N GLU A 102 16.09 -10.03 -8.38
CA GLU A 102 16.38 -8.64 -8.83
C GLU A 102 17.62 -8.64 -9.73
N PHE A 103 17.42 -8.53 -11.02
CA PHE A 103 18.58 -8.54 -11.94
C PHE A 103 19.51 -9.70 -11.60
#